data_1MLX
# 
_entry.id   1MLX 
# 
_audit_conform.dict_name       mmcif_pdbx.dic 
_audit_conform.dict_version    5.386 
_audit_conform.dict_location   http://mmcif.pdb.org/dictionaries/ascii/mmcif_pdbx.dic 
# 
loop_
_database_2.database_id 
_database_2.database_code 
_database_2.pdbx_database_accession 
_database_2.pdbx_DOI 
PDB   1MLX         pdb_00001mlx 10.2210/pdb1mlx/pdb 
NDB   AD0028       ?            ?                   
RCSB  RCSB017004   ?            ?                   
WWPDB D_1000017004 ?            ?                   
# 
loop_
_pdbx_audit_revision_history.ordinal 
_pdbx_audit_revision_history.data_content_type 
_pdbx_audit_revision_history.major_revision 
_pdbx_audit_revision_history.minor_revision 
_pdbx_audit_revision_history.revision_date 
1 'Structure model' 1 0 2002-12-04 
2 'Structure model' 1 1 2008-04-28 
3 'Structure model' 1 2 2011-07-13 
4 'Structure model' 1 3 2017-10-11 
5 'Structure model' 1 4 2024-02-14 
# 
_pdbx_audit_revision_details.ordinal             1 
_pdbx_audit_revision_details.revision_ordinal    1 
_pdbx_audit_revision_details.data_content_type   'Structure model' 
_pdbx_audit_revision_details.provider            repository 
_pdbx_audit_revision_details.type                'Initial release' 
_pdbx_audit_revision_details.description         ? 
_pdbx_audit_revision_details.details             ? 
# 
loop_
_pdbx_audit_revision_group.ordinal 
_pdbx_audit_revision_group.revision_ordinal 
_pdbx_audit_revision_group.data_content_type 
_pdbx_audit_revision_group.group 
1 2 'Structure model' 'Version format compliance' 
2 3 'Structure model' 'Version format compliance' 
3 4 'Structure model' 'Refinement description'    
4 5 'Structure model' 'Data collection'           
5 5 'Structure model' 'Database references'       
6 5 'Structure model' 'Derived calculations'      
# 
loop_
_pdbx_audit_revision_category.ordinal 
_pdbx_audit_revision_category.revision_ordinal 
_pdbx_audit_revision_category.data_content_type 
_pdbx_audit_revision_category.category 
1 4 'Structure model' software       
2 5 'Structure model' chem_comp_atom 
3 5 'Structure model' chem_comp_bond 
4 5 'Structure model' database_2     
5 5 'Structure model' struct_conn    
# 
loop_
_pdbx_audit_revision_item.ordinal 
_pdbx_audit_revision_item.revision_ordinal 
_pdbx_audit_revision_item.data_content_type 
_pdbx_audit_revision_item.item 
1  4 'Structure model' '_software.classification'            
2  4 'Structure model' '_software.name'                      
3  5 'Structure model' '_database_2.pdbx_DOI'                
4  5 'Structure model' '_database_2.pdbx_database_accession' 
5  5 'Structure model' '_struct_conn.pdbx_dist_value'        
6  5 'Structure model' '_struct_conn.pdbx_leaving_atom_flag' 
7  5 'Structure model' '_struct_conn.ptnr1_auth_asym_id'     
8  5 'Structure model' '_struct_conn.ptnr1_auth_comp_id'     
9  5 'Structure model' '_struct_conn.ptnr1_auth_seq_id'      
10 5 'Structure model' '_struct_conn.ptnr1_label_asym_id'    
11 5 'Structure model' '_struct_conn.ptnr1_label_comp_id'    
12 5 'Structure model' '_struct_conn.ptnr1_label_seq_id'     
13 5 'Structure model' '_struct_conn.ptnr2_auth_asym_id'     
14 5 'Structure model' '_struct_conn.ptnr2_auth_comp_id'     
15 5 'Structure model' '_struct_conn.ptnr2_auth_seq_id'      
16 5 'Structure model' '_struct_conn.ptnr2_label_asym_id'    
17 5 'Structure model' '_struct_conn.ptnr2_label_comp_id'    
18 5 'Structure model' '_struct_conn.ptnr2_label_seq_id'     
# 
_pdbx_database_status.status_code                     REL 
_pdbx_database_status.entry_id                        1MLX 
_pdbx_database_status.recvd_initial_deposition_date   2002-08-31 
_pdbx_database_status.deposit_site                    RCSB 
_pdbx_database_status.process_site                    RCSB 
_pdbx_database_status.status_code_sf                  REL 
_pdbx_database_status.SG_entry                        . 
_pdbx_database_status.pdb_format_compatible           Y 
_pdbx_database_status.status_code_mr                  ? 
_pdbx_database_status.status_code_cs                  ? 
_pdbx_database_status.methods_development_category    ? 
_pdbx_database_status.status_code_nmr_data            ? 
# 
loop_
_audit_author.name 
_audit_author.pdbx_ordinal 
'Prakash, T.P.'  1 
'Manoharan, M.'  2 
'Kawasaki, A.M.' 3 
'Fraser, A.S.'   4 
'Lesnik, E.A.'   5 
'Sioufi, N.'     6 
'Leeds, J.M.'    7 
'Teplova, M.'    8 
'Egli, M.'       9 
# 
_citation.id                        primary 
_citation.title                     
;2'-O-[2-(Methylthio)ethyl]-Modified Oligonucleotide: An Analogue of 2'-O-[2-(Methoxy)-ethyl]-Modified  
Oligonucleotide with Improved Protein Binding Properties and High Binding Affinity to Target RNA
;
_citation.journal_abbrev            Biochemistry 
_citation.journal_volume            41 
_citation.page_first                11642 
_citation.page_last                 11648 
_citation.year                      2002 
_citation.journal_id_ASTM           BICHAW 
_citation.country                   US 
_citation.journal_id_ISSN           0006-2960 
_citation.journal_id_CSD            0033 
_citation.book_publisher            ? 
_citation.pdbx_database_id_PubMed   12269806 
_citation.pdbx_database_id_DOI      10.1021/bi020264t 
# 
loop_
_citation_author.citation_id 
_citation_author.name 
_citation_author.ordinal 
_citation_author.identifier_ORCID 
primary 'Prakash, T.P.'  1 ? 
primary 'Manoharan, M.'  2 ? 
primary 'Kawasaki, A.M.' 3 ? 
primary 'Fraser, A.S.'   4 ? 
primary 'Lesnik, E.A.'   5 ? 
primary 'Sioufi, N.'     6 ? 
primary 'Leeds, J.M.'    7 ? 
primary 'Teplova, M.'    8 ? 
primary 'Egli, M.'       9 ? 
# 
loop_
_entity.id 
_entity.type 
_entity.src_method 
_entity.pdbx_description 
_entity.formula_weight 
_entity.pdbx_number_of_molecules 
_entity.pdbx_ec 
_entity.pdbx_mutation 
_entity.pdbx_fragment 
_entity.details 
1 polymer syn "5'-D(*GP*CP*GP*TP*AP*SMTP*AP*CP*GP*C)-3'" 3135.150 2   ? ? ? 
;Self-complementary DNA Decamer with a 2'-O-[2-(Methylthio)ethyl]-Modified Thymine (SMT) at Position 6
;
2 water   nat water                                      18.015   146 ? ? ? ? 
# 
_entity_poly.entity_id                      1 
_entity_poly.type                           polydeoxyribonucleotide 
_entity_poly.nstd_linkage                   no 
_entity_poly.nstd_monomer                   yes 
_entity_poly.pdbx_seq_one_letter_code       '(DG)(DC)(DG)(DT)(DA)(SMT)(DA)(DC)(DG)(DC)' 
_entity_poly.pdbx_seq_one_letter_code_can   GCGTATACGC 
_entity_poly.pdbx_strand_id                 A,B 
_entity_poly.pdbx_target_identifier         ? 
# 
_pdbx_entity_nonpoly.entity_id   2 
_pdbx_entity_nonpoly.name        water 
_pdbx_entity_nonpoly.comp_id     HOH 
# 
loop_
_entity_poly_seq.entity_id 
_entity_poly_seq.num 
_entity_poly_seq.mon_id 
_entity_poly_seq.hetero 
1 1  DG  n 
1 2  DC  n 
1 3  DG  n 
1 4  DT  n 
1 5  DA  n 
1 6  SMT n 
1 7  DA  n 
1 8  DC  n 
1 9  DG  n 
1 10 DC  n 
# 
_pdbx_entity_src_syn.entity_id              1 
_pdbx_entity_src_syn.pdbx_src_id            1 
_pdbx_entity_src_syn.pdbx_alt_source_flag   sample 
_pdbx_entity_src_syn.pdbx_beg_seq_num       ? 
_pdbx_entity_src_syn.pdbx_end_seq_num       ? 
_pdbx_entity_src_syn.organism_scientific    ? 
_pdbx_entity_src_syn.organism_common_name   ? 
_pdbx_entity_src_syn.ncbi_taxonomy_id       ? 
_pdbx_entity_src_syn.details                'solid phase oligonucleotide synthesis' 
# 
loop_
_chem_comp.id 
_chem_comp.type 
_chem_comp.mon_nstd_flag 
_chem_comp.name 
_chem_comp.pdbx_synonyms 
_chem_comp.formula 
_chem_comp.formula_weight 
DA  'DNA linking' y "2'-DEOXYADENOSINE-5'-MONOPHOSPHATE"                   ? 'C10 H14 N5 O6 P'   331.222 
DC  'DNA linking' y "2'-DEOXYCYTIDINE-5'-MONOPHOSPHATE"                    ? 'C9 H14 N3 O7 P'    307.197 
DG  'DNA linking' y "2'-DEOXYGUANOSINE-5'-MONOPHOSPHATE"                   ? 'C10 H14 N5 O7 P'   347.221 
DT  'DNA linking' y "THYMIDINE-5'-MONOPHOSPHATE"                           ? 'C10 H15 N2 O8 P'   322.208 
HOH non-polymer   . WATER                                                  ? 'H2 O'              18.015  
SMT 'RNA linking' n "2'-[(METHYLTHIO)ETHYLOXY]-THYMIDINE-5'-MONOPHOSPHATE" ? 'C13 H21 N2 O9 P S' 412.353 
# 
loop_
_pdbx_poly_seq_scheme.asym_id 
_pdbx_poly_seq_scheme.entity_id 
_pdbx_poly_seq_scheme.seq_id 
_pdbx_poly_seq_scheme.mon_id 
_pdbx_poly_seq_scheme.ndb_seq_num 
_pdbx_poly_seq_scheme.pdb_seq_num 
_pdbx_poly_seq_scheme.auth_seq_num 
_pdbx_poly_seq_scheme.pdb_mon_id 
_pdbx_poly_seq_scheme.auth_mon_id 
_pdbx_poly_seq_scheme.pdb_strand_id 
_pdbx_poly_seq_scheme.pdb_ins_code 
_pdbx_poly_seq_scheme.hetero 
A 1 1  DG  1  1   1   DG  GUA A . n 
A 1 2  DC  2  2   2   DC  CYT A . n 
A 1 3  DG  3  3   3   DG  GUA A . n 
A 1 4  DT  4  4   4   DT  THY A . n 
A 1 5  DA  5  5   5   DA  ADE A . n 
A 1 6  SMT 6  6   6   SMT MSE A . n 
A 1 7  DA  7  7   7   DA  ADE A . n 
A 1 8  DC  8  8   8   DC  CYT A . n 
A 1 9  DG  9  9   9   DG  GUA A . n 
A 1 10 DC  10 10  10  DC  CYT A . n 
B 1 1  DG  1  111 111 DG  GUA B . n 
B 1 2  DC  2  112 112 DC  CYT B . n 
B 1 3  DG  3  113 113 DG  GUA B . n 
B 1 4  DT  4  114 114 DT  THY B . n 
B 1 5  DA  5  115 115 DA  ADE B . n 
B 1 6  SMT 6  116 116 SMT MSE B . n 
B 1 7  DA  7  117 117 DA  ADE B . n 
B 1 8  DC  8  118 118 DC  CYT B . n 
B 1 9  DG  9  119 119 DG  GUA B . n 
B 1 10 DC  10 120 120 DC  CYT B . n 
# 
loop_
_pdbx_nonpoly_scheme.asym_id 
_pdbx_nonpoly_scheme.entity_id 
_pdbx_nonpoly_scheme.mon_id 
_pdbx_nonpoly_scheme.ndb_seq_num 
_pdbx_nonpoly_scheme.pdb_seq_num 
_pdbx_nonpoly_scheme.auth_seq_num 
_pdbx_nonpoly_scheme.pdb_mon_id 
_pdbx_nonpoly_scheme.auth_mon_id 
_pdbx_nonpoly_scheme.pdb_strand_id 
_pdbx_nonpoly_scheme.pdb_ins_code 
C 2 HOH 1  701  701  HOH TIP A . 
C 2 HOH 2  702  702  HOH TIP A . 
C 2 HOH 3  704  704  HOH TIP A . 
C 2 HOH 4  705  705  HOH TIP A . 
C 2 HOH 5  707  707  HOH TIP A . 
C 2 HOH 6  708  708  HOH TIP A . 
C 2 HOH 7  709  709  HOH TIP A . 
C 2 HOH 8  710  710  HOH TIP A . 
C 2 HOH 9  711  711  HOH TIP A . 
C 2 HOH 10 712  712  HOH TIP A . 
C 2 HOH 11 714  714  HOH TIP A . 
C 2 HOH 12 715  715  HOH TIP A . 
C 2 HOH 13 716  716  HOH TIP A . 
C 2 HOH 14 718  718  HOH TIP A . 
C 2 HOH 15 721  721  HOH TIP A . 
C 2 HOH 16 722  722  HOH TIP A . 
C 2 HOH 17 723  723  HOH TIP A . 
C 2 HOH 18 724  724  HOH TIP A . 
C 2 HOH 19 725  725  HOH TIP A . 
C 2 HOH 20 729  729  HOH TIP A . 
C 2 HOH 21 730  730  HOH TIP A . 
C 2 HOH 22 732  732  HOH TIP A . 
C 2 HOH 23 734  734  HOH TIP A . 
C 2 HOH 24 735  735  HOH TIP A . 
C 2 HOH 25 737  737  HOH TIP A . 
C 2 HOH 26 739  739  HOH TIP A . 
C 2 HOH 27 741  741  HOH TIP A . 
C 2 HOH 28 745  745  HOH TIP A . 
C 2 HOH 29 746  746  HOH TIP A . 
C 2 HOH 30 751  751  HOH TIP A . 
C 2 HOH 31 753  753  HOH TIP A . 
C 2 HOH 32 756  756  HOH TIP A . 
C 2 HOH 33 761  761  HOH TIP A . 
C 2 HOH 34 762  762  HOH TIP A . 
C 2 HOH 35 767  767  HOH TIP A . 
C 2 HOH 36 771  771  HOH TIP A . 
C 2 HOH 37 772  772  HOH TIP A . 
C 2 HOH 38 776  776  HOH TIP A . 
C 2 HOH 39 784  784  HOH TIP A . 
C 2 HOH 40 789  789  HOH TIP A . 
C 2 HOH 41 793  793  HOH TIP A . 
C 2 HOH 42 800  800  HOH TIP A . 
C 2 HOH 43 802  802  HOH TIP A . 
C 2 HOH 44 806  806  HOH TIP A . 
C 2 HOH 45 807  807  HOH TIP A . 
C 2 HOH 46 809  809  HOH TIP A . 
C 2 HOH 47 810  810  HOH TIP A . 
C 2 HOH 48 813  813  HOH TIP A . 
C 2 HOH 49 814  814  HOH TIP A . 
C 2 HOH 50 817  817  HOH TIP A . 
C 2 HOH 51 818  818  HOH TIP A . 
C 2 HOH 52 820  820  HOH TIP A . 
C 2 HOH 53 823  823  HOH TIP A . 
C 2 HOH 54 825  825  HOH TIP A . 
C 2 HOH 55 829  829  HOH TIP A . 
C 2 HOH 56 831  831  HOH TIP A . 
C 2 HOH 57 837  837  HOH TIP A . 
C 2 HOH 58 840  840  HOH TIP A . 
C 2 HOH 59 841  841  HOH TIP A . 
C 2 HOH 60 846  846  HOH TIP A . 
C 2 HOH 61 854  854  HOH TIP A . 
C 2 HOH 62 864  864  HOH TIP A . 
C 2 HOH 63 869  869  HOH TIP A . 
C 2 HOH 64 874  874  HOH TIP A . 
C 2 HOH 65 883  883  HOH TIP A . 
C 2 HOH 66 884  884  HOH TIP A . 
C 2 HOH 67 885  885  HOH TIP A . 
C 2 HOH 68 891  891  HOH TIP A . 
C 2 HOH 69 892  892  HOH TIP A . 
C 2 HOH 70 896  896  HOH TIP A . 
C 2 HOH 71 898  898  HOH TIP A . 
C 2 HOH 72 899  899  HOH TIP A . 
C 2 HOH 73 900  900  HOH TIP A . 
C 2 HOH 74 901  901  HOH TIP A . 
C 2 HOH 75 903  903  HOH TIP A . 
C 2 HOH 76 906  906  HOH TIP A . 
C 2 HOH 77 907  907  HOH TIP A . 
C 2 HOH 78 908  908  HOH TIP A . 
C 2 HOH 79 909  909  HOH TIP A . 
C 2 HOH 80 911  911  HOH TIP A . 
C 2 HOH 81 913  913  HOH TIP A . 
C 2 HOH 82 915  915  HOH TIP A . 
C 2 HOH 83 916  916  HOH TIP A . 
C 2 HOH 84 1001 1001 HOH TIP A . 
D 2 HOH 1  700  700  HOH TIP B . 
D 2 HOH 2  703  703  HOH TIP B . 
D 2 HOH 3  706  706  HOH TIP B . 
D 2 HOH 4  713  713  HOH TIP B . 
D 2 HOH 5  717  717  HOH TIP B . 
D 2 HOH 6  719  719  HOH TIP B . 
D 2 HOH 7  720  720  HOH TIP B . 
D 2 HOH 8  726  726  HOH TIP B . 
D 2 HOH 9  728  728  HOH TIP B . 
D 2 HOH 10 731  731  HOH TIP B . 
D 2 HOH 11 733  733  HOH TIP B . 
D 2 HOH 12 736  736  HOH TIP B . 
D 2 HOH 13 738  738  HOH TIP B . 
D 2 HOH 14 742  742  HOH TIP B . 
D 2 HOH 15 743  743  HOH TIP B . 
D 2 HOH 16 747  747  HOH TIP B . 
D 2 HOH 17 749  749  HOH TIP B . 
D 2 HOH 18 750  750  HOH TIP B . 
D 2 HOH 19 763  763  HOH TIP B . 
D 2 HOH 20 775  775  HOH TIP B . 
D 2 HOH 21 777  777  HOH TIP B . 
D 2 HOH 22 778  778  HOH TIP B . 
D 2 HOH 23 781  781  HOH TIP B . 
D 2 HOH 24 782  782  HOH TIP B . 
D 2 HOH 25 787  787  HOH TIP B . 
D 2 HOH 26 794  794  HOH TIP B . 
D 2 HOH 27 798  798  HOH TIP B . 
D 2 HOH 28 799  799  HOH TIP B . 
D 2 HOH 29 801  801  HOH TIP B . 
D 2 HOH 30 803  803  HOH TIP B . 
D 2 HOH 31 804  804  HOH TIP B . 
D 2 HOH 32 805  805  HOH TIP B . 
D 2 HOH 33 811  811  HOH TIP B . 
D 2 HOH 34 815  815  HOH TIP B . 
D 2 HOH 35 822  822  HOH TIP B . 
D 2 HOH 36 828  828  HOH TIP B . 
D 2 HOH 37 830  830  HOH TIP B . 
D 2 HOH 38 839  839  HOH TIP B . 
D 2 HOH 39 842  842  HOH TIP B . 
D 2 HOH 40 850  850  HOH TIP B . 
D 2 HOH 41 860  860  HOH TIP B . 
D 2 HOH 42 863  863  HOH TIP B . 
D 2 HOH 43 867  867  HOH TIP B . 
D 2 HOH 44 872  872  HOH TIP B . 
D 2 HOH 45 873  873  HOH TIP B . 
D 2 HOH 46 878  878  HOH TIP B . 
D 2 HOH 47 882  882  HOH TIP B . 
D 2 HOH 48 886  886  HOH TIP B . 
D 2 HOH 49 887  887  HOH TIP B . 
D 2 HOH 50 888  888  HOH TIP B . 
D 2 HOH 51 889  889  HOH TIP B . 
D 2 HOH 52 890  890  HOH TIP B . 
D 2 HOH 53 893  893  HOH TIP B . 
D 2 HOH 54 894  894  HOH TIP B . 
D 2 HOH 55 895  895  HOH TIP B . 
D 2 HOH 56 897  897  HOH TIP B . 
D 2 HOH 57 904  904  HOH TIP B . 
D 2 HOH 58 905  905  HOH TIP B . 
D 2 HOH 59 910  910  HOH TIP B . 
D 2 HOH 60 917  917  HOH TIP B . 
D 2 HOH 61 918  918  HOH TIP B . 
D 2 HOH 62 919  919  HOH TIP B . 
# 
loop_
_pdbx_unobs_or_zero_occ_atoms.id 
_pdbx_unobs_or_zero_occ_atoms.PDB_model_num 
_pdbx_unobs_or_zero_occ_atoms.polymer_flag 
_pdbx_unobs_or_zero_occ_atoms.occupancy_flag 
_pdbx_unobs_or_zero_occ_atoms.auth_asym_id 
_pdbx_unobs_or_zero_occ_atoms.auth_comp_id 
_pdbx_unobs_or_zero_occ_atoms.auth_seq_id 
_pdbx_unobs_or_zero_occ_atoms.PDB_ins_code 
_pdbx_unobs_or_zero_occ_atoms.auth_atom_id 
_pdbx_unobs_or_zero_occ_atoms.label_alt_id 
_pdbx_unobs_or_zero_occ_atoms.label_asym_id 
_pdbx_unobs_or_zero_occ_atoms.label_comp_id 
_pdbx_unobs_or_zero_occ_atoms.label_seq_id 
_pdbx_unobs_or_zero_occ_atoms.label_atom_id 
1 1 Y 1 A SMT 6 ? CB ? A SMT 6 CB 
2 1 Y 1 A SMT 6 ? SC ? A SMT 6 SC 
3 1 Y 1 A SMT 6 ? CD ? A SMT 6 CD 
# 
loop_
_software.name 
_software.classification 
_software.version 
_software.citation_id 
_software.pdbx_ordinal 
XDS       'data scaling'   . ? 1 
SCALEPACK 'data scaling'   . ? 2 
AMoRE     phasing          . ? 3 
SHELXL-97 refinement       . ? 4 
XDS       'data reduction' . ? 5 
# 
_cell.entry_id           1MLX 
_cell.length_a           24.728 
_cell.length_b           44.473 
_cell.length_c           46.229 
_cell.angle_alpha        90.00 
_cell.angle_beta         90.00 
_cell.angle_gamma        90.00 
_cell.Z_PDB              8 
_cell.pdbx_unique_axis   ? 
# 
_symmetry.entry_id                         1MLX 
_symmetry.space_group_name_H-M             'P 21 21 21' 
_symmetry.pdbx_full_space_group_name_H-M   ? 
_symmetry.Int_Tables_number                19 
_symmetry.cell_setting                     ? 
# 
_exptl.entry_id          1MLX 
_exptl.method            'X-RAY DIFFRACTION' 
_exptl.crystals_number   1 
# 
_exptl_crystal.id                    1 
_exptl_crystal.density_meas          ? 
_exptl_crystal.density_percent_sol   36.84 
_exptl_crystal.density_Matthews      1.95 
_exptl_crystal.description           ? 
# 
_exptl_crystal_grow.crystal_id      1 
_exptl_crystal_grow.method          'VAPOR DIFFUSION, HANGING DROP' 
_exptl_crystal_grow.temp            293 
_exptl_crystal_grow.temp_details    ? 
_exptl_crystal_grow.pH              7.0 
_exptl_crystal_grow.pdbx_details    
;sodium cacodylate, potassium chloride, spermine tetrahydrochloride, 2-methyl-2,4-pentanediol (MPD), pH 7.0, VAPOR DIFFUSION, HANGING DROP, temperature 293K
;
_exptl_crystal_grow.pdbx_pH_range   . 
# 
loop_
_exptl_crystal_grow_comp.crystal_id 
_exptl_crystal_grow_comp.id 
_exptl_crystal_grow_comp.sol_id 
_exptl_crystal_grow_comp.name 
_exptl_crystal_grow_comp.conc 
_exptl_crystal_grow_comp.volume 
_exptl_crystal_grow_comp.details 
1 1 1 'sodium cacodylate'           ? ? ? 
1 2 1 KCl                           ? ? ? 
1 3 1 'spermine tetrahydrochloride' ? ? ? 
1 4 1 MPD                           ? ? ? 
1 5 2 KCl                           ? ? ? 
1 6 2 MPD                           ? ? ? 
# 
_diffrn.id                     1 
_diffrn.ambient_temp           110 
_diffrn.ambient_temp_details   ? 
_diffrn.crystal_id             1 
# 
_diffrn_detector.diffrn_id              1 
_diffrn_detector.detector               CCD 
_diffrn_detector.type                   MARRESEARCH 
_diffrn_detector.pdbx_collection_date   1999-12-17 
_diffrn_detector.details                ? 
# 
_diffrn_radiation.diffrn_id                        1 
_diffrn_radiation.wavelength_id                    1 
_diffrn_radiation.pdbx_monochromatic_or_laue_m_l   M 
_diffrn_radiation.monochromator                    graphite 
_diffrn_radiation.pdbx_diffrn_protocol             'SINGLE WAVELENGTH' 
_diffrn_radiation.pdbx_scattering_type             x-ray 
# 
_diffrn_radiation_wavelength.id           1 
_diffrn_radiation_wavelength.wavelength   1.0000 
_diffrn_radiation_wavelength.wt           1.0 
# 
_diffrn_source.diffrn_id                   1 
_diffrn_source.source                      SYNCHROTRON 
_diffrn_source.type                        'APS BEAMLINE 5ID-B' 
_diffrn_source.pdbx_synchrotron_site       APS 
_diffrn_source.pdbx_synchrotron_beamline   5ID-B 
_diffrn_source.pdbx_wavelength             ? 
_diffrn_source.pdbx_wavelength_list        1.0000 
# 
_reflns.entry_id                     1MLX 
_reflns.observed_criterion_sigma_F   4.0 
_reflns.observed_criterion_sigma_I   2.0 
_reflns.d_resolution_high            1.25 
_reflns.d_resolution_low             20.0 
_reflns.number_all                   14088 
_reflns.number_obs                   12796 
_reflns.percent_possible_obs         95.9 
_reflns.pdbx_Rmerge_I_obs            0.03 
_reflns.pdbx_Rsym_value              ? 
_reflns.pdbx_netI_over_sigmaI        ? 
_reflns.B_iso_Wilson_estimate        ? 
_reflns.pdbx_redundancy              ? 
_reflns.R_free_details               ? 
_reflns.pdbx_diffrn_id               1 
_reflns.pdbx_ordinal                 1 
# 
_reflns_shell.d_res_high             1.25 
_reflns_shell.d_res_low              1.29 
_reflns_shell.percent_possible_all   93.6 
_reflns_shell.Rmerge_I_obs           0.313 
_reflns_shell.pdbx_Rsym_value        ? 
_reflns_shell.meanI_over_sigI_obs    ? 
_reflns_shell.pdbx_redundancy        ? 
_reflns_shell.percent_possible_obs   ? 
_reflns_shell.number_unique_all      1341 
_reflns_shell.pdbx_diffrn_id         ? 
_reflns_shell.pdbx_ordinal           1 
# 
_refine.entry_id                                 1MLX 
_refine.ls_d_res_high                            1.25 
_refine.ls_d_res_low                             15.0 
_refine.pdbx_ls_sigma_F                          4.0 
_refine.pdbx_ls_sigma_I                          2.0 
_refine.ls_number_reflns_all                     14054 
_refine.ls_number_reflns_obs                     12784 
_refine.ls_number_reflns_R_free                  ? 
_refine.ls_percent_reflns_obs                    ? 
_refine.ls_R_factor_all                          0.141 
_refine.ls_R_factor_obs                          0.137 
_refine.ls_R_factor_R_work                       ? 
_refine.ls_R_factor_R_free                       ? 
_refine.ls_redundancy_reflns_obs                 ? 
_refine.pdbx_data_cutoff_high_absF               ? 
_refine.pdbx_data_cutoff_low_absF                ? 
_refine.ls_number_parameters                     ? 
_refine.ls_number_restraints                     ? 
_refine.ls_percent_reflns_R_free                 ? 
_refine.ls_R_factor_R_free_error                 ? 
_refine.ls_R_factor_R_free_error_details         ? 
_refine.pdbx_method_to_determine_struct          'MOLECULAR REPLACEMENT' 
_refine.pdbx_starting_model                      ? 
_refine.pdbx_ls_cross_valid_method               ? 
_refine.pdbx_R_Free_selection_details            ? 
_refine.pdbx_stereochem_target_val_spec_case     ? 
_refine.pdbx_stereochemistry_target_values       ? 
_refine.solvent_model_details                    ? 
_refine.solvent_model_param_bsol                 ? 
_refine.solvent_model_param_ksol                 ? 
_refine.occupancy_max                            ? 
_refine.occupancy_min                            ? 
_refine.pdbx_isotropic_thermal_model             ? 
_refine.B_iso_mean                               ? 
_refine.aniso_B[1][1]                            ? 
_refine.aniso_B[1][2]                            ? 
_refine.aniso_B[1][3]                            ? 
_refine.aniso_B[2][2]                            ? 
_refine.aniso_B[2][3]                            ? 
_refine.aniso_B[3][3]                            ? 
_refine.details                                  ? 
_refine.correlation_coeff_Fo_to_Fc               ? 
_refine.correlation_coeff_Fo_to_Fc_free          ? 
_refine.pdbx_solvent_vdw_probe_radii             ? 
_refine.pdbx_solvent_ion_probe_radii             ? 
_refine.pdbx_solvent_shrinkage_radii             ? 
_refine.overall_SU_R_Cruickshank_DPI             ? 
_refine.overall_SU_R_free                        ? 
_refine.overall_SU_B                             ? 
_refine.overall_SU_ML                            ? 
_refine.pdbx_overall_ESU_R                       ? 
_refine.pdbx_overall_ESU_R_Free                  ? 
_refine.pdbx_data_cutoff_high_rms_absF           ? 
_refine.pdbx_refine_id                           'X-RAY DIFFRACTION' 
_refine.pdbx_diffrn_id                           1 
_refine.pdbx_TLS_residual_ADP_flag               ? 
_refine.pdbx_overall_phase_error                 ? 
_refine.pdbx_overall_SU_R_free_Cruickshank_DPI   ? 
_refine.pdbx_overall_SU_R_Blow_DPI               ? 
_refine.pdbx_overall_SU_R_free_Blow_DPI          ? 
# 
_refine_hist.pdbx_refine_id                   'X-RAY DIFFRACTION' 
_refine_hist.cycle_id                         LAST 
_refine_hist.pdbx_number_atoms_protein        0 
_refine_hist.pdbx_number_atoms_nucleic_acid   635 
_refine_hist.pdbx_number_atoms_ligand         0 
_refine_hist.number_atoms_solvent             146 
_refine_hist.number_atoms_total               781 
_refine_hist.d_res_high                       1.25 
_refine_hist.d_res_low                        15.0 
# 
loop_
_refine_ls_restr.type 
_refine_ls_restr.dev_ideal 
_refine_ls_restr.dev_ideal_target 
_refine_ls_restr.weight 
_refine_ls_restr.number 
_refine_ls_restr.pdbx_refine_id 
_refine_ls_restr.pdbx_restraint_function 
s_bond_d  0.029 ? ? ? 'X-RAY DIFFRACTION' ? 
s_angle_d 0.034 ? ? ? 'X-RAY DIFFRACTION' ? 
# 
_refine_ls_shell.pdbx_total_number_of_bins_used   ? 
_refine_ls_shell.d_res_high                       1.25 
_refine_ls_shell.d_res_low                        ? 
_refine_ls_shell.number_reflns_R_work             ? 
_refine_ls_shell.R_factor_R_work                  0.141 
_refine_ls_shell.percent_reflns_obs               ? 
_refine_ls_shell.R_factor_R_free                  ? 
_refine_ls_shell.R_factor_R_free_error            ? 
_refine_ls_shell.percent_reflns_R_free            ? 
_refine_ls_shell.number_reflns_R_free             ? 
_refine_ls_shell.redundancy_reflns_obs            ? 
_refine_ls_shell.pdbx_refine_id                   'X-RAY DIFFRACTION' 
_refine_ls_shell.number_reflns_all                ? 
_refine_ls_shell.R_factor_all                     ? 
# 
_struct.entry_id                  1MLX 
_struct.title                     
;Crystal Structure Analysis of a 2'-O-[2-(Methylthio)-ethyl]-Modified Oligodeoxynucleotide Duplex
;
_struct.pdbx_model_details        ? 
_struct.pdbx_CASP_flag            ? 
_struct.pdbx_model_type_details   ? 
# 
_struct_keywords.entry_id        1MLX 
_struct_keywords.pdbx_keywords   DNA 
_struct_keywords.text            
;DNA, DOUBLE HELIX, A-FORM, ANTISENSE MODIFICATION, NUCLEIC ACID ANALOGUE, RNA AFFINITY, NUCLEASE RESISTANCE, PROTEIN BINDING AFFINITY, HIGH RESOLUTION STRUCTURE, HYDRATION
;
# 
loop_
_struct_asym.id 
_struct_asym.pdbx_blank_PDB_chainid_flag 
_struct_asym.pdbx_modified 
_struct_asym.entity_id 
_struct_asym.details 
A N N 1 ? 
B N N 1 ? 
C N N 2 ? 
D N N 2 ? 
# 
_struct_ref.id                         1 
_struct_ref.entity_id                  1 
_struct_ref.db_name                    PDB 
_struct_ref.db_code                    1MLX 
_struct_ref.pdbx_db_accession          1MLX 
_struct_ref.pdbx_db_isoform            ? 
_struct_ref.pdbx_seq_one_letter_code   ? 
_struct_ref.pdbx_align_begin           ? 
# 
loop_
_struct_ref_seq.align_id 
_struct_ref_seq.ref_id 
_struct_ref_seq.pdbx_PDB_id_code 
_struct_ref_seq.pdbx_strand_id 
_struct_ref_seq.seq_align_beg 
_struct_ref_seq.pdbx_seq_align_beg_ins_code 
_struct_ref_seq.seq_align_end 
_struct_ref_seq.pdbx_seq_align_end_ins_code 
_struct_ref_seq.pdbx_db_accession 
_struct_ref_seq.db_align_beg 
_struct_ref_seq.pdbx_db_align_beg_ins_code 
_struct_ref_seq.db_align_end 
_struct_ref_seq.pdbx_db_align_end_ins_code 
_struct_ref_seq.pdbx_auth_seq_align_beg 
_struct_ref_seq.pdbx_auth_seq_align_end 
1 1 1MLX A 1 ? 10 ? 1MLX 1   ? 10  ? 1   10  
2 1 1MLX B 1 ? 10 ? 1MLX 111 ? 120 ? 111 120 
# 
_pdbx_struct_assembly.id                   1 
_pdbx_struct_assembly.details              author_defined_assembly 
_pdbx_struct_assembly.method_details       ? 
_pdbx_struct_assembly.oligomeric_details   dimeric 
_pdbx_struct_assembly.oligomeric_count     2 
# 
_pdbx_struct_assembly_gen.assembly_id       1 
_pdbx_struct_assembly_gen.oper_expression   1 
_pdbx_struct_assembly_gen.asym_id_list      A,B,C,D 
# 
_pdbx_struct_oper_list.id                   1 
_pdbx_struct_oper_list.type                 'identity operation' 
_pdbx_struct_oper_list.name                 1_555 
_pdbx_struct_oper_list.symmetry_operation   x,y,z 
_pdbx_struct_oper_list.matrix[1][1]         1.0000000000 
_pdbx_struct_oper_list.matrix[1][2]         0.0000000000 
_pdbx_struct_oper_list.matrix[1][3]         0.0000000000 
_pdbx_struct_oper_list.vector[1]            0.0000000000 
_pdbx_struct_oper_list.matrix[2][1]         0.0000000000 
_pdbx_struct_oper_list.matrix[2][2]         1.0000000000 
_pdbx_struct_oper_list.matrix[2][3]         0.0000000000 
_pdbx_struct_oper_list.vector[2]            0.0000000000 
_pdbx_struct_oper_list.matrix[3][1]         0.0000000000 
_pdbx_struct_oper_list.matrix[3][2]         0.0000000000 
_pdbx_struct_oper_list.matrix[3][3]         1.0000000000 
_pdbx_struct_oper_list.vector[3]            0.0000000000 
# 
loop_
_struct_conn.id 
_struct_conn.conn_type_id 
_struct_conn.pdbx_leaving_atom_flag 
_struct_conn.pdbx_PDB_id 
_struct_conn.ptnr1_label_asym_id 
_struct_conn.ptnr1_label_comp_id 
_struct_conn.ptnr1_label_seq_id 
_struct_conn.ptnr1_label_atom_id 
_struct_conn.pdbx_ptnr1_label_alt_id 
_struct_conn.pdbx_ptnr1_PDB_ins_code 
_struct_conn.pdbx_ptnr1_standard_comp_id 
_struct_conn.ptnr1_symmetry 
_struct_conn.ptnr2_label_asym_id 
_struct_conn.ptnr2_label_comp_id 
_struct_conn.ptnr2_label_seq_id 
_struct_conn.ptnr2_label_atom_id 
_struct_conn.pdbx_ptnr2_label_alt_id 
_struct_conn.pdbx_ptnr2_PDB_ins_code 
_struct_conn.ptnr1_auth_asym_id 
_struct_conn.ptnr1_auth_comp_id 
_struct_conn.ptnr1_auth_seq_id 
_struct_conn.ptnr2_auth_asym_id 
_struct_conn.ptnr2_auth_comp_id 
_struct_conn.ptnr2_auth_seq_id 
_struct_conn.ptnr2_symmetry 
_struct_conn.pdbx_ptnr3_label_atom_id 
_struct_conn.pdbx_ptnr3_label_seq_id 
_struct_conn.pdbx_ptnr3_label_comp_id 
_struct_conn.pdbx_ptnr3_label_asym_id 
_struct_conn.pdbx_ptnr3_label_alt_id 
_struct_conn.pdbx_ptnr3_PDB_ins_code 
_struct_conn.details 
_struct_conn.pdbx_dist_value 
_struct_conn.pdbx_value_order 
_struct_conn.pdbx_role 
covale1  covale both ? A DA  5  "O3'" ? ? ? 1_555 A SMT 6  P  ? ? A DA  5   A SMT 6   1_555 ? ? ? ? ? ? ?            1.614 ? ? 
covale2  covale both ? A SMT 6  "O3'" ? ? ? 1_555 A DA  7  P  ? ? A SMT 6   A DA  7   1_555 ? ? ? ? ? ? ?            1.606 ? ? 
covale3  covale both ? B DA  5  "O3'" ? ? ? 1_555 B SMT 6  P  ? ? B DA  115 B SMT 116 1_555 ? ? ? ? ? ? ?            1.595 ? ? 
covale4  covale both ? B SMT 6  "O3'" ? ? ? 1_555 B DA  7  P  ? ? B SMT 116 B DA  117 1_555 ? ? ? ? ? ? ?            1.619 ? ? 
hydrog1  hydrog ?    ? A DG  1  N1    ? ? ? 1_555 B DC  10 N3 ? ? A DG  1   B DC  120 1_555 ? ? ? ? ? ? WATSON-CRICK ?     ? ? 
hydrog2  hydrog ?    ? A DG  1  N2    ? ? ? 1_555 B DC  10 O2 ? ? A DG  1   B DC  120 1_555 ? ? ? ? ? ? WATSON-CRICK ?     ? ? 
hydrog3  hydrog ?    ? A DG  1  O6    ? ? ? 1_555 B DC  10 N4 ? ? A DG  1   B DC  120 1_555 ? ? ? ? ? ? WATSON-CRICK ?     ? ? 
hydrog4  hydrog ?    ? A DC  2  N3    ? ? ? 1_555 B DG  9  N1 ? ? A DC  2   B DG  119 1_555 ? ? ? ? ? ? WATSON-CRICK ?     ? ? 
hydrog5  hydrog ?    ? A DC  2  N4    ? ? ? 1_555 B DG  9  O6 ? ? A DC  2   B DG  119 1_555 ? ? ? ? ? ? WATSON-CRICK ?     ? ? 
hydrog6  hydrog ?    ? A DC  2  O2    ? ? ? 1_555 B DG  9  N2 ? ? A DC  2   B DG  119 1_555 ? ? ? ? ? ? WATSON-CRICK ?     ? ? 
hydrog7  hydrog ?    ? A DG  3  N1    ? ? ? 1_555 B DC  8  N3 ? ? A DG  3   B DC  118 1_555 ? ? ? ? ? ? WATSON-CRICK ?     ? ? 
hydrog8  hydrog ?    ? A DG  3  N2    ? ? ? 1_555 B DC  8  O2 ? ? A DG  3   B DC  118 1_555 ? ? ? ? ? ? WATSON-CRICK ?     ? ? 
hydrog9  hydrog ?    ? A DG  3  O6    ? ? ? 1_555 B DC  8  N4 ? ? A DG  3   B DC  118 1_555 ? ? ? ? ? ? WATSON-CRICK ?     ? ? 
hydrog10 hydrog ?    ? A DT  4  N3    ? ? ? 1_555 B DA  7  N1 ? ? A DT  4   B DA  117 1_555 ? ? ? ? ? ? WATSON-CRICK ?     ? ? 
hydrog11 hydrog ?    ? A DT  4  O4    ? ? ? 1_555 B DA  7  N6 ? ? A DT  4   B DA  117 1_555 ? ? ? ? ? ? WATSON-CRICK ?     ? ? 
hydrog12 hydrog ?    ? A DA  5  N1    ? ? ? 1_555 B SMT 6  N3 ? ? A DA  5   B SMT 116 1_555 ? ? ? ? ? ? WATSON-CRICK ?     ? ? 
hydrog13 hydrog ?    ? A DA  5  N6    ? ? ? 1_555 B SMT 6  O4 ? ? A DA  5   B SMT 116 1_555 ? ? ? ? ? ? WATSON-CRICK ?     ? ? 
hydrog14 hydrog ?    ? A SMT 6  N3    ? ? ? 1_555 B DA  5  N1 ? ? A SMT 6   B DA  115 1_555 ? ? ? ? ? ? WATSON-CRICK ?     ? ? 
hydrog15 hydrog ?    ? A SMT 6  O4    ? ? ? 1_555 B DA  5  N6 ? ? A SMT 6   B DA  115 1_555 ? ? ? ? ? ? WATSON-CRICK ?     ? ? 
hydrog16 hydrog ?    ? A DA  7  N1    ? ? ? 1_555 B DT  4  N3 ? ? A DA  7   B DT  114 1_555 ? ? ? ? ? ? WATSON-CRICK ?     ? ? 
hydrog17 hydrog ?    ? A DA  7  N6    ? ? ? 1_555 B DT  4  O4 ? ? A DA  7   B DT  114 1_555 ? ? ? ? ? ? WATSON-CRICK ?     ? ? 
hydrog18 hydrog ?    ? A DC  8  N3    ? ? ? 1_555 B DG  3  N1 ? ? A DC  8   B DG  113 1_555 ? ? ? ? ? ? WATSON-CRICK ?     ? ? 
hydrog19 hydrog ?    ? A DC  8  N4    ? ? ? 1_555 B DG  3  O6 ? ? A DC  8   B DG  113 1_555 ? ? ? ? ? ? WATSON-CRICK ?     ? ? 
hydrog20 hydrog ?    ? A DC  8  O2    ? ? ? 1_555 B DG  3  N2 ? ? A DC  8   B DG  113 1_555 ? ? ? ? ? ? WATSON-CRICK ?     ? ? 
hydrog21 hydrog ?    ? A DG  9  N1    ? ? ? 1_555 B DC  2  N3 ? ? A DG  9   B DC  112 1_555 ? ? ? ? ? ? WATSON-CRICK ?     ? ? 
hydrog22 hydrog ?    ? A DG  9  N2    ? ? ? 1_555 B DC  2  O2 ? ? A DG  9   B DC  112 1_555 ? ? ? ? ? ? WATSON-CRICK ?     ? ? 
hydrog23 hydrog ?    ? A DG  9  O6    ? ? ? 1_555 B DC  2  N4 ? ? A DG  9   B DC  112 1_555 ? ? ? ? ? ? WATSON-CRICK ?     ? ? 
hydrog24 hydrog ?    ? A DC  10 N3    ? ? ? 1_555 B DG  1  N1 ? ? A DC  10  B DG  111 1_555 ? ? ? ? ? ? WATSON-CRICK ?     ? ? 
hydrog25 hydrog ?    ? A DC  10 N4    ? ? ? 1_555 B DG  1  O6 ? ? A DC  10  B DG  111 1_555 ? ? ? ? ? ? WATSON-CRICK ?     ? ? 
hydrog26 hydrog ?    ? A DC  10 O2    ? ? ? 1_555 B DG  1  N2 ? ? A DC  10  B DG  111 1_555 ? ? ? ? ? ? WATSON-CRICK ?     ? ? 
# 
loop_
_struct_conn_type.id 
_struct_conn_type.criteria 
_struct_conn_type.reference 
covale ? ? 
hydrog ? ? 
# 
loop_
_pdbx_validate_close_contact.id 
_pdbx_validate_close_contact.PDB_model_num 
_pdbx_validate_close_contact.auth_atom_id_1 
_pdbx_validate_close_contact.auth_asym_id_1 
_pdbx_validate_close_contact.auth_comp_id_1 
_pdbx_validate_close_contact.auth_seq_id_1 
_pdbx_validate_close_contact.PDB_ins_code_1 
_pdbx_validate_close_contact.label_alt_id_1 
_pdbx_validate_close_contact.auth_atom_id_2 
_pdbx_validate_close_contact.auth_asym_id_2 
_pdbx_validate_close_contact.auth_comp_id_2 
_pdbx_validate_close_contact.auth_seq_id_2 
_pdbx_validate_close_contact.PDB_ins_code_2 
_pdbx_validate_close_contact.label_alt_id_2 
_pdbx_validate_close_contact.dist 
1 1 O A HOH 793 ? ? O A HOH 864 ? ? 1.96 
2 1 O B HOH 775 ? ? O B HOH 822 ? ? 2.09 
3 1 O B HOH 777 ? ? O B HOH 863 ? ? 2.15 
# 
loop_
_pdbx_validate_rmsd_bond.id 
_pdbx_validate_rmsd_bond.PDB_model_num 
_pdbx_validate_rmsd_bond.auth_atom_id_1 
_pdbx_validate_rmsd_bond.auth_asym_id_1 
_pdbx_validate_rmsd_bond.auth_comp_id_1 
_pdbx_validate_rmsd_bond.auth_seq_id_1 
_pdbx_validate_rmsd_bond.PDB_ins_code_1 
_pdbx_validate_rmsd_bond.label_alt_id_1 
_pdbx_validate_rmsd_bond.auth_atom_id_2 
_pdbx_validate_rmsd_bond.auth_asym_id_2 
_pdbx_validate_rmsd_bond.auth_comp_id_2 
_pdbx_validate_rmsd_bond.auth_seq_id_2 
_pdbx_validate_rmsd_bond.PDB_ins_code_2 
_pdbx_validate_rmsd_bond.label_alt_id_2 
_pdbx_validate_rmsd_bond.bond_value 
_pdbx_validate_rmsd_bond.bond_target_value 
_pdbx_validate_rmsd_bond.bond_deviation 
_pdbx_validate_rmsd_bond.bond_standard_deviation 
_pdbx_validate_rmsd_bond.linker_flag 
1  1 C4    A DC 2   ? ? C5    A DC 2   ? ? 1.475 1.425 0.050  0.008 N 
2  1 "O4'" A DG 3   ? ? "C1'" A DG 3   ? ? 1.502 1.420 0.082  0.011 N 
3  1 C5    A DT 4   ? ? C7    A DT 4   ? ? 1.449 1.496 -0.047 0.006 N 
4  1 N1    A DA 5   ? ? C2    A DA 5   ? ? 1.398 1.339 0.059  0.009 N 
5  1 C6    A DA 7   ? ? N1    A DA 7   ? ? 1.307 1.351 -0.044 0.007 N 
6  1 C4    A DC 8   ? ? N4    A DC 8   ? ? 1.275 1.335 -0.060 0.009 N 
7  1 C5    A DC 8   ? ? C6    A DC 8   ? ? 1.275 1.339 -0.064 0.008 N 
8  1 C6    A DG 9   ? ? N1    A DG 9   ? ? 1.439 1.391 0.048  0.007 N 
9  1 C2    A DC 10  ? ? O2    A DC 10  ? ? 1.184 1.240 -0.056 0.009 N 
10 1 C2    A DC 10  ? ? N3    A DC 10  ? ? 1.403 1.353 0.050  0.008 N 
11 1 N3    B DG 111 ? ? C4    B DG 111 ? ? 1.304 1.350 -0.046 0.007 N 
12 1 C8    B DG 111 ? ? N9    B DG 111 ? ? 1.436 1.374 0.062  0.007 N 
13 1 C2    B DG 113 ? ? N3    B DG 113 ? ? 1.275 1.323 -0.048 0.008 N 
14 1 C5    B DT 114 ? ? C6    B DT 114 ? ? 1.270 1.339 -0.069 0.007 N 
15 1 N1    B DA 115 ? ? C2    B DA 115 ? ? 1.269 1.339 -0.070 0.009 N 
16 1 C6    B DA 117 ? ? N1    B DA 117 ? ? 1.397 1.351 0.046  0.007 N 
17 1 N7    B DA 117 ? ? C8    B DA 117 ? ? 1.357 1.311 0.046  0.007 N 
18 1 "C2'" B DG 119 ? ? "C1'" B DG 119 ? ? 1.451 1.518 -0.067 0.010 N 
19 1 C5    B DG 119 ? ? N7    B DG 119 ? ? 1.427 1.388 0.039  0.006 N 
20 1 C4    B DC 120 ? ? C5    B DC 120 ? ? 1.475 1.425 0.050  0.008 N 
# 
loop_
_pdbx_validate_rmsd_angle.id 
_pdbx_validate_rmsd_angle.PDB_model_num 
_pdbx_validate_rmsd_angle.auth_atom_id_1 
_pdbx_validate_rmsd_angle.auth_asym_id_1 
_pdbx_validate_rmsd_angle.auth_comp_id_1 
_pdbx_validate_rmsd_angle.auth_seq_id_1 
_pdbx_validate_rmsd_angle.PDB_ins_code_1 
_pdbx_validate_rmsd_angle.label_alt_id_1 
_pdbx_validate_rmsd_angle.auth_atom_id_2 
_pdbx_validate_rmsd_angle.auth_asym_id_2 
_pdbx_validate_rmsd_angle.auth_comp_id_2 
_pdbx_validate_rmsd_angle.auth_seq_id_2 
_pdbx_validate_rmsd_angle.PDB_ins_code_2 
_pdbx_validate_rmsd_angle.label_alt_id_2 
_pdbx_validate_rmsd_angle.auth_atom_id_3 
_pdbx_validate_rmsd_angle.auth_asym_id_3 
_pdbx_validate_rmsd_angle.auth_comp_id_3 
_pdbx_validate_rmsd_angle.auth_seq_id_3 
_pdbx_validate_rmsd_angle.PDB_ins_code_3 
_pdbx_validate_rmsd_angle.label_alt_id_3 
_pdbx_validate_rmsd_angle.angle_value 
_pdbx_validate_rmsd_angle.angle_target_value 
_pdbx_validate_rmsd_angle.angle_deviation 
_pdbx_validate_rmsd_angle.angle_standard_deviation 
_pdbx_validate_rmsd_angle.linker_flag 
1  1 C6    A DG 1   ? ? N1    A DG 1   ? ? C2    A DG 1   ? ? 120.35 125.10 -4.75 0.60 N 
2  1 N1    A DG 1   ? ? C2    A DG 1   ? ? N3    A DG 1   ? ? 128.25 123.90 4.35  0.60 N 
3  1 N3    A DG 1   ? ? C4    A DG 1   ? ? C5    A DG 1   ? ? 125.42 128.60 -3.18 0.50 N 
4  1 C5    A DG 1   ? ? N7    A DG 1   ? ? C8    A DG 1   ? ? 100.45 104.30 -3.85 0.50 N 
5  1 N7    A DG 1   ? ? C8    A DG 1   ? ? N9    A DG 1   ? ? 116.52 113.10 3.42  0.50 N 
6  1 "C3'" A DG 1   ? ? "O3'" A DG 1   ? ? P     A DC 2   ? ? 128.19 119.70 8.49  1.20 Y 
7  1 "O4'" A DG 3   ? ? "C1'" A DG 3   ? ? N9    A DG 3   ? ? 103.77 108.00 -4.23 0.70 N 
8  1 C6    A DG 3   ? ? N1    A DG 3   ? ? C2    A DG 3   ? ? 120.35 125.10 -4.75 0.60 N 
9  1 N1    A DG 3   ? ? C2    A DG 3   ? ? N3    A DG 3   ? ? 129.85 123.90 5.95  0.60 N 
10 1 C2    A DG 3   ? ? N3    A DG 3   ? ? C4    A DG 3   ? ? 108.29 111.90 -3.61 0.50 N 
11 1 N7    A DG 3   ? ? C8    A DG 3   ? ? N9    A DG 3   ? ? 109.67 113.10 -3.43 0.50 N 
12 1 C8    A DG 3   ? ? N9    A DG 3   ? ? C4    A DG 3   ? ? 109.19 106.40 2.79  0.40 N 
13 1 N1    A DA 5   ? ? C2    A DA 5   ? ? N3    A DA 5   ? ? 124.69 129.30 -4.61 0.50 N 
14 1 C5    A DA 5   ? ? N7    A DA 5   ? ? C8    A DA 5   ? ? 107.06 103.90 3.16  0.50 N 
15 1 N7    A DA 5   ? ? C8    A DA 5   ? ? N9    A DA 5   ? ? 110.53 113.80 -3.27 0.50 N 
16 1 C6    A DA 7   ? ? N1    A DA 7   ? ? C2    A DA 7   ? ? 122.37 118.60 3.77  0.60 N 
17 1 "O4'" A DC 8   ? ? "C4'" A DC 8   ? ? "C3'" A DC 8   ? ? 100.80 104.50 -3.70 0.40 N 
18 1 "O4'" A DG 9   ? ? "C1'" A DG 9   ? ? "C2'" A DG 9   ? ? 109.80 106.80 3.00  0.50 N 
19 1 C6    A DG 9   ? ? N1    A DG 9   ? ? C2    A DG 9   ? ? 119.05 125.10 -6.05 0.60 N 
20 1 N1    A DG 9   ? ? C2    A DG 9   ? ? N3    A DG 9   ? ? 131.75 123.90 7.85  0.60 N 
21 1 N3    A DG 9   ? ? C2    A DG 9   ? ? N2    A DG 9   ? ? 114.08 119.90 -5.82 0.70 N 
22 1 N1    A DG 9   ? ? C6    A DG 9   ? ? O6    A DG 9   ? ? 115.14 119.90 -4.76 0.60 N 
23 1 C5    A DG 9   ? ? C6    A DG 9   ? ? O6    A DG 9   ? ? 132.20 128.60 3.60  0.60 N 
24 1 "O4'" B DG 111 ? ? "C1'" B DG 111 ? ? N9    B DG 111 ? ? 103.22 108.00 -4.78 0.70 N 
25 1 N1    B DG 111 ? ? C2    B DG 111 ? ? N3    B DG 111 ? ? 119.79 123.90 -4.11 0.60 N 
26 1 C2    B DG 111 ? ? N3    B DG 111 ? ? C4    B DG 111 ? ? 116.88 111.90 4.98  0.50 N 
27 1 C6    B DG 111 ? ? C5    B DG 111 ? ? N7    B DG 111 ? ? 126.64 130.40 -3.76 0.60 N 
28 1 C6    B DC 112 ? ? N1    B DC 112 ? ? C2    B DC 112 ? ? 114.61 120.30 -5.69 0.40 N 
29 1 C4    B DC 112 ? ? C5    B DC 112 ? ? C6    B DC 112 ? ? 113.34 117.40 -4.06 0.50 N 
30 1 C5    B DC 112 ? ? C6    B DC 112 ? ? N1    B DC 112 ? ? 127.10 121.00 6.10  0.50 N 
31 1 "O4'" B DG 113 ? ? "C4'" B DG 113 ? ? "C3'" B DG 113 ? ? 101.43 104.50 -3.07 0.40 N 
32 1 N7    B DG 113 ? ? C8    B DG 113 ? ? N9    B DG 113 ? ? 116.56 113.10 3.46  0.50 N 
33 1 C8    B DG 113 ? ? N9    B DG 113 ? ? C4    B DG 113 ? ? 103.66 106.40 -2.74 0.40 N 
34 1 "O4'" B DT 114 ? ? "C4'" B DT 114 ? ? "C3'" B DT 114 ? ? 101.69 104.50 -2.81 0.40 N 
35 1 C5    B DT 114 ? ? C6    B DT 114 ? ? N1    B DT 114 ? ? 128.26 123.70 4.56  0.60 N 
36 1 C8    B DA 117 ? ? N9    B DA 117 ? ? C4    B DA 117 ? ? 108.82 105.80 3.02  0.40 N 
37 1 N9    B DA 117 ? ? C4    B DA 117 ? ? C5    B DA 117 ? ? 103.36 105.80 -2.44 0.40 N 
38 1 P     B DG 119 ? ? "O5'" B DG 119 ? ? "C5'" B DG 119 ? ? 131.54 120.90 10.64 1.60 N 
# 
loop_
_pdbx_struct_mod_residue.id 
_pdbx_struct_mod_residue.label_asym_id 
_pdbx_struct_mod_residue.label_comp_id 
_pdbx_struct_mod_residue.label_seq_id 
_pdbx_struct_mod_residue.auth_asym_id 
_pdbx_struct_mod_residue.auth_comp_id 
_pdbx_struct_mod_residue.auth_seq_id 
_pdbx_struct_mod_residue.PDB_ins_code 
_pdbx_struct_mod_residue.parent_comp_id 
_pdbx_struct_mod_residue.details 
1 A SMT 6 A SMT 6   ? T ? 
2 B SMT 6 B SMT 116 ? T ? 
# 
loop_
_chem_comp_atom.comp_id 
_chem_comp_atom.atom_id 
_chem_comp_atom.type_symbol 
_chem_comp_atom.pdbx_aromatic_flag 
_chem_comp_atom.pdbx_stereo_config 
_chem_comp_atom.pdbx_ordinal 
DA  OP3    O N N 1   
DA  P      P N N 2   
DA  OP1    O N N 3   
DA  OP2    O N N 4   
DA  "O5'"  O N N 5   
DA  "C5'"  C N N 6   
DA  "C4'"  C N R 7   
DA  "O4'"  O N N 8   
DA  "C3'"  C N S 9   
DA  "O3'"  O N N 10  
DA  "C2'"  C N N 11  
DA  "C1'"  C N R 12  
DA  N9     N Y N 13  
DA  C8     C Y N 14  
DA  N7     N Y N 15  
DA  C5     C Y N 16  
DA  C6     C Y N 17  
DA  N6     N N N 18  
DA  N1     N Y N 19  
DA  C2     C Y N 20  
DA  N3     N Y N 21  
DA  C4     C Y N 22  
DA  HOP3   H N N 23  
DA  HOP2   H N N 24  
DA  "H5'"  H N N 25  
DA  "H5''" H N N 26  
DA  "H4'"  H N N 27  
DA  "H3'"  H N N 28  
DA  "HO3'" H N N 29  
DA  "H2'"  H N N 30  
DA  "H2''" H N N 31  
DA  "H1'"  H N N 32  
DA  H8     H N N 33  
DA  H61    H N N 34  
DA  H62    H N N 35  
DA  H2     H N N 36  
DC  OP3    O N N 37  
DC  P      P N N 38  
DC  OP1    O N N 39  
DC  OP2    O N N 40  
DC  "O5'"  O N N 41  
DC  "C5'"  C N N 42  
DC  "C4'"  C N R 43  
DC  "O4'"  O N N 44  
DC  "C3'"  C N S 45  
DC  "O3'"  O N N 46  
DC  "C2'"  C N N 47  
DC  "C1'"  C N R 48  
DC  N1     N N N 49  
DC  C2     C N N 50  
DC  O2     O N N 51  
DC  N3     N N N 52  
DC  C4     C N N 53  
DC  N4     N N N 54  
DC  C5     C N N 55  
DC  C6     C N N 56  
DC  HOP3   H N N 57  
DC  HOP2   H N N 58  
DC  "H5'"  H N N 59  
DC  "H5''" H N N 60  
DC  "H4'"  H N N 61  
DC  "H3'"  H N N 62  
DC  "HO3'" H N N 63  
DC  "H2'"  H N N 64  
DC  "H2''" H N N 65  
DC  "H1'"  H N N 66  
DC  H41    H N N 67  
DC  H42    H N N 68  
DC  H5     H N N 69  
DC  H6     H N N 70  
DG  OP3    O N N 71  
DG  P      P N N 72  
DG  OP1    O N N 73  
DG  OP2    O N N 74  
DG  "O5'"  O N N 75  
DG  "C5'"  C N N 76  
DG  "C4'"  C N R 77  
DG  "O4'"  O N N 78  
DG  "C3'"  C N S 79  
DG  "O3'"  O N N 80  
DG  "C2'"  C N N 81  
DG  "C1'"  C N R 82  
DG  N9     N Y N 83  
DG  C8     C Y N 84  
DG  N7     N Y N 85  
DG  C5     C Y N 86  
DG  C6     C N N 87  
DG  O6     O N N 88  
DG  N1     N N N 89  
DG  C2     C N N 90  
DG  N2     N N N 91  
DG  N3     N N N 92  
DG  C4     C Y N 93  
DG  HOP3   H N N 94  
DG  HOP2   H N N 95  
DG  "H5'"  H N N 96  
DG  "H5''" H N N 97  
DG  "H4'"  H N N 98  
DG  "H3'"  H N N 99  
DG  "HO3'" H N N 100 
DG  "H2'"  H N N 101 
DG  "H2''" H N N 102 
DG  "H1'"  H N N 103 
DG  H8     H N N 104 
DG  H1     H N N 105 
DG  H21    H N N 106 
DG  H22    H N N 107 
DT  OP3    O N N 108 
DT  P      P N N 109 
DT  OP1    O N N 110 
DT  OP2    O N N 111 
DT  "O5'"  O N N 112 
DT  "C5'"  C N N 113 
DT  "C4'"  C N R 114 
DT  "O4'"  O N N 115 
DT  "C3'"  C N S 116 
DT  "O3'"  O N N 117 
DT  "C2'"  C N N 118 
DT  "C1'"  C N R 119 
DT  N1     N N N 120 
DT  C2     C N N 121 
DT  O2     O N N 122 
DT  N3     N N N 123 
DT  C4     C N N 124 
DT  O4     O N N 125 
DT  C5     C N N 126 
DT  C7     C N N 127 
DT  C6     C N N 128 
DT  HOP3   H N N 129 
DT  HOP2   H N N 130 
DT  "H5'"  H N N 131 
DT  "H5''" H N N 132 
DT  "H4'"  H N N 133 
DT  "H3'"  H N N 134 
DT  "HO3'" H N N 135 
DT  "H2'"  H N N 136 
DT  "H2''" H N N 137 
DT  "H1'"  H N N 138 
DT  H3     H N N 139 
DT  H71    H N N 140 
DT  H72    H N N 141 
DT  H73    H N N 142 
DT  H6     H N N 143 
HOH O      O N N 144 
HOH H1     H N N 145 
HOH H2     H N N 146 
SMT P      P N N 147 
SMT OP1    O N N 148 
SMT OP2    O N N 149 
SMT OP3    O N N 150 
SMT "O5'"  O N N 151 
SMT "C5'"  C N N 152 
SMT "C4'"  C N R 153 
SMT "O4'"  O N N 154 
SMT "C3'"  C N R 155 
SMT "O3'"  O N N 156 
SMT "C2'"  C N R 157 
SMT "O2'"  O N N 158 
SMT "C1'"  C N R 159 
SMT N1     N N N 160 
SMT C2     C N N 161 
SMT O2     O N N 162 
SMT N3     N N N 163 
SMT C4     C N N 164 
SMT O4     O N N 165 
SMT C5     C N N 166 
SMT C5A    C N N 167 
SMT C6     C N N 168 
SMT "CA'"  C N N 169 
SMT CB     C N N 170 
SMT SC     S N N 171 
SMT CD     C N N 172 
SMT H2P    H N N 173 
SMT H3P    H N N 174 
SMT "H5'"  H N N 175 
SMT "H5'2" H N N 176 
SMT "H4'"  H N N 177 
SMT "H3'"  H N N 178 
SMT HO3    H N N 179 
SMT "H2'"  H N N 180 
SMT "H1'"  H N N 181 
SMT H3     H N N 182 
SMT H5A    H N N 183 
SMT H5A1   H N N 184 
SMT H5A2   H N N 185 
SMT H6     H N N 186 
SMT HA1    H N N 187 
SMT HA2    H N N 188 
SMT HB1    H N N 189 
SMT HB2    H N N 190 
SMT HD1    H N N 191 
SMT HD2    H N N 192 
SMT HD3    H N N 193 
# 
loop_
_chem_comp_bond.comp_id 
_chem_comp_bond.atom_id_1 
_chem_comp_bond.atom_id_2 
_chem_comp_bond.value_order 
_chem_comp_bond.pdbx_aromatic_flag 
_chem_comp_bond.pdbx_stereo_config 
_chem_comp_bond.pdbx_ordinal 
DA  OP3   P      sing N N 1   
DA  OP3   HOP3   sing N N 2   
DA  P     OP1    doub N N 3   
DA  P     OP2    sing N N 4   
DA  P     "O5'"  sing N N 5   
DA  OP2   HOP2   sing N N 6   
DA  "O5'" "C5'"  sing N N 7   
DA  "C5'" "C4'"  sing N N 8   
DA  "C5'" "H5'"  sing N N 9   
DA  "C5'" "H5''" sing N N 10  
DA  "C4'" "O4'"  sing N N 11  
DA  "C4'" "C3'"  sing N N 12  
DA  "C4'" "H4'"  sing N N 13  
DA  "O4'" "C1'"  sing N N 14  
DA  "C3'" "O3'"  sing N N 15  
DA  "C3'" "C2'"  sing N N 16  
DA  "C3'" "H3'"  sing N N 17  
DA  "O3'" "HO3'" sing N N 18  
DA  "C2'" "C1'"  sing N N 19  
DA  "C2'" "H2'"  sing N N 20  
DA  "C2'" "H2''" sing N N 21  
DA  "C1'" N9     sing N N 22  
DA  "C1'" "H1'"  sing N N 23  
DA  N9    C8     sing Y N 24  
DA  N9    C4     sing Y N 25  
DA  C8    N7     doub Y N 26  
DA  C8    H8     sing N N 27  
DA  N7    C5     sing Y N 28  
DA  C5    C6     sing Y N 29  
DA  C5    C4     doub Y N 30  
DA  C6    N6     sing N N 31  
DA  C6    N1     doub Y N 32  
DA  N6    H61    sing N N 33  
DA  N6    H62    sing N N 34  
DA  N1    C2     sing Y N 35  
DA  C2    N3     doub Y N 36  
DA  C2    H2     sing N N 37  
DA  N3    C4     sing Y N 38  
DC  OP3   P      sing N N 39  
DC  OP3   HOP3   sing N N 40  
DC  P     OP1    doub N N 41  
DC  P     OP2    sing N N 42  
DC  P     "O5'"  sing N N 43  
DC  OP2   HOP2   sing N N 44  
DC  "O5'" "C5'"  sing N N 45  
DC  "C5'" "C4'"  sing N N 46  
DC  "C5'" "H5'"  sing N N 47  
DC  "C5'" "H5''" sing N N 48  
DC  "C4'" "O4'"  sing N N 49  
DC  "C4'" "C3'"  sing N N 50  
DC  "C4'" "H4'"  sing N N 51  
DC  "O4'" "C1'"  sing N N 52  
DC  "C3'" "O3'"  sing N N 53  
DC  "C3'" "C2'"  sing N N 54  
DC  "C3'" "H3'"  sing N N 55  
DC  "O3'" "HO3'" sing N N 56  
DC  "C2'" "C1'"  sing N N 57  
DC  "C2'" "H2'"  sing N N 58  
DC  "C2'" "H2''" sing N N 59  
DC  "C1'" N1     sing N N 60  
DC  "C1'" "H1'"  sing N N 61  
DC  N1    C2     sing N N 62  
DC  N1    C6     sing N N 63  
DC  C2    O2     doub N N 64  
DC  C2    N3     sing N N 65  
DC  N3    C4     doub N N 66  
DC  C4    N4     sing N N 67  
DC  C4    C5     sing N N 68  
DC  N4    H41    sing N N 69  
DC  N4    H42    sing N N 70  
DC  C5    C6     doub N N 71  
DC  C5    H5     sing N N 72  
DC  C6    H6     sing N N 73  
DG  OP3   P      sing N N 74  
DG  OP3   HOP3   sing N N 75  
DG  P     OP1    doub N N 76  
DG  P     OP2    sing N N 77  
DG  P     "O5'"  sing N N 78  
DG  OP2   HOP2   sing N N 79  
DG  "O5'" "C5'"  sing N N 80  
DG  "C5'" "C4'"  sing N N 81  
DG  "C5'" "H5'"  sing N N 82  
DG  "C5'" "H5''" sing N N 83  
DG  "C4'" "O4'"  sing N N 84  
DG  "C4'" "C3'"  sing N N 85  
DG  "C4'" "H4'"  sing N N 86  
DG  "O4'" "C1'"  sing N N 87  
DG  "C3'" "O3'"  sing N N 88  
DG  "C3'" "C2'"  sing N N 89  
DG  "C3'" "H3'"  sing N N 90  
DG  "O3'" "HO3'" sing N N 91  
DG  "C2'" "C1'"  sing N N 92  
DG  "C2'" "H2'"  sing N N 93  
DG  "C2'" "H2''" sing N N 94  
DG  "C1'" N9     sing N N 95  
DG  "C1'" "H1'"  sing N N 96  
DG  N9    C8     sing Y N 97  
DG  N9    C4     sing Y N 98  
DG  C8    N7     doub Y N 99  
DG  C8    H8     sing N N 100 
DG  N7    C5     sing Y N 101 
DG  C5    C6     sing N N 102 
DG  C5    C4     doub Y N 103 
DG  C6    O6     doub N N 104 
DG  C6    N1     sing N N 105 
DG  N1    C2     sing N N 106 
DG  N1    H1     sing N N 107 
DG  C2    N2     sing N N 108 
DG  C2    N3     doub N N 109 
DG  N2    H21    sing N N 110 
DG  N2    H22    sing N N 111 
DG  N3    C4     sing N N 112 
DT  OP3   P      sing N N 113 
DT  OP3   HOP3   sing N N 114 
DT  P     OP1    doub N N 115 
DT  P     OP2    sing N N 116 
DT  P     "O5'"  sing N N 117 
DT  OP2   HOP2   sing N N 118 
DT  "O5'" "C5'"  sing N N 119 
DT  "C5'" "C4'"  sing N N 120 
DT  "C5'" "H5'"  sing N N 121 
DT  "C5'" "H5''" sing N N 122 
DT  "C4'" "O4'"  sing N N 123 
DT  "C4'" "C3'"  sing N N 124 
DT  "C4'" "H4'"  sing N N 125 
DT  "O4'" "C1'"  sing N N 126 
DT  "C3'" "O3'"  sing N N 127 
DT  "C3'" "C2'"  sing N N 128 
DT  "C3'" "H3'"  sing N N 129 
DT  "O3'" "HO3'" sing N N 130 
DT  "C2'" "C1'"  sing N N 131 
DT  "C2'" "H2'"  sing N N 132 
DT  "C2'" "H2''" sing N N 133 
DT  "C1'" N1     sing N N 134 
DT  "C1'" "H1'"  sing N N 135 
DT  N1    C2     sing N N 136 
DT  N1    C6     sing N N 137 
DT  C2    O2     doub N N 138 
DT  C2    N3     sing N N 139 
DT  N3    C4     sing N N 140 
DT  N3    H3     sing N N 141 
DT  C4    O4     doub N N 142 
DT  C4    C5     sing N N 143 
DT  C5    C7     sing N N 144 
DT  C5    C6     doub N N 145 
DT  C7    H71    sing N N 146 
DT  C7    H72    sing N N 147 
DT  C7    H73    sing N N 148 
DT  C6    H6     sing N N 149 
HOH O     H1     sing N N 150 
HOH O     H2     sing N N 151 
SMT P     OP1    doub N N 152 
SMT P     OP2    sing N N 153 
SMT P     OP3    sing N N 154 
SMT P     "O5'"  sing N N 155 
SMT OP2   H2P    sing N N 156 
SMT OP3   H3P    sing N N 157 
SMT "O5'" "C5'"  sing N N 158 
SMT "C5'" "C4'"  sing N N 159 
SMT "C5'" "H5'"  sing N N 160 
SMT "C5'" "H5'2" sing N N 161 
SMT "C4'" "O4'"  sing N N 162 
SMT "C4'" "C3'"  sing N N 163 
SMT "C4'" "H4'"  sing N N 164 
SMT "O4'" "C1'"  sing N N 165 
SMT "C3'" "O3'"  sing N N 166 
SMT "C3'" "C2'"  sing N N 167 
SMT "C3'" "H3'"  sing N N 168 
SMT "O3'" HO3    sing N N 169 
SMT "C2'" "O2'"  sing N N 170 
SMT "C2'" "C1'"  sing N N 171 
SMT "C2'" "H2'"  sing N N 172 
SMT "O2'" "CA'"  sing N N 173 
SMT "C1'" N1     sing N N 174 
SMT "C1'" "H1'"  sing N N 175 
SMT N1    C2     sing N N 176 
SMT N1    C6     sing N N 177 
SMT C2    O2     doub N N 178 
SMT C2    N3     sing N N 179 
SMT N3    C4     sing N N 180 
SMT N3    H3     sing N N 181 
SMT C4    O4     doub N N 182 
SMT C4    C5     sing N N 183 
SMT C5    C5A    sing N N 184 
SMT C5    C6     doub N N 185 
SMT C5A   H5A    sing N N 186 
SMT C5A   H5A1   sing N N 187 
SMT C5A   H5A2   sing N N 188 
SMT C6    H6     sing N N 189 
SMT "CA'" CB     sing N N 190 
SMT "CA'" HA1    sing N N 191 
SMT "CA'" HA2    sing N N 192 
SMT CB    SC     sing N N 193 
SMT CB    HB1    sing N N 194 
SMT CB    HB2    sing N N 195 
SMT SC    CD     sing N N 196 
SMT CD    HD1    sing N N 197 
SMT CD    HD2    sing N N 198 
SMT CD    HD3    sing N N 199 
# 
_ndb_struct_conf_na.entry_id   1MLX 
_ndb_struct_conf_na.feature    'a-form double helix' 
# 
loop_
_ndb_struct_na_base_pair.model_number 
_ndb_struct_na_base_pair.i_label_asym_id 
_ndb_struct_na_base_pair.i_label_comp_id 
_ndb_struct_na_base_pair.i_label_seq_id 
_ndb_struct_na_base_pair.i_symmetry 
_ndb_struct_na_base_pair.j_label_asym_id 
_ndb_struct_na_base_pair.j_label_comp_id 
_ndb_struct_na_base_pair.j_label_seq_id 
_ndb_struct_na_base_pair.j_symmetry 
_ndb_struct_na_base_pair.shear 
_ndb_struct_na_base_pair.stretch 
_ndb_struct_na_base_pair.stagger 
_ndb_struct_na_base_pair.buckle 
_ndb_struct_na_base_pair.propeller 
_ndb_struct_na_base_pair.opening 
_ndb_struct_na_base_pair.pair_number 
_ndb_struct_na_base_pair.pair_name 
_ndb_struct_na_base_pair.i_auth_asym_id 
_ndb_struct_na_base_pair.i_auth_seq_id 
_ndb_struct_na_base_pair.i_PDB_ins_code 
_ndb_struct_na_base_pair.j_auth_asym_id 
_ndb_struct_na_base_pair.j_auth_seq_id 
_ndb_struct_na_base_pair.j_PDB_ins_code 
_ndb_struct_na_base_pair.hbond_type_28 
_ndb_struct_na_base_pair.hbond_type_12 
1 A DG  1  1_555 B DC  10 1_555 -0.280 -0.127 0.135  2.940  -5.135  -1.535 1  A_DG1:DC120_B  A 1  ? B 120 ? 19 1 
1 A DC  2  1_555 B DG  9  1_555 0.077  -0.055 0.058  5.391  -14.345 0.313  2  A_DC2:DG119_B  A 2  ? B 119 ? 19 1 
1 A DG  3  1_555 B DC  8  1_555 -0.303 -0.128 0.120  -6.712 -14.861 0.067  3  A_DG3:DC118_B  A 3  ? B 118 ? 19 1 
1 A DT  4  1_555 B DA  7  1_555 -0.088 -0.085 0.066  -6.092 -16.398 -0.356 4  A_DT4:DA117_B  A 4  ? B 117 ? 20 1 
1 A DA  5  1_555 B SMT 6  1_555 0.150  -0.087 0.135  -2.801 -14.848 -4.462 5  A_DA5:SMT116_B A 5  ? B 116 ? 20 1 
1 A SMT 6  1_555 B DA  5  1_555 0.023  -0.043 0.237  4.419  -16.386 7.887  6  A_SMT6:DA115_B A 6  ? B 115 ? 20 1 
1 A DA  7  1_555 B DT  4  1_555 0.026  -0.122 0.048  4.220  -12.277 3.884  7  A_DA7:DT114_B  A 7  ? B 114 ? 20 1 
1 A DC  8  1_555 B DG  3  1_555 0.216  -0.176 -0.088 8.864  -12.987 -0.967 8  A_DC8:DG113_B  A 8  ? B 113 ? 19 1 
1 A DG  9  1_555 B DC  2  1_555 -0.148 -0.133 -0.135 -7.901 -8.635  1.479  9  A_DG9:DC112_B  A 9  ? B 112 ? 19 1 
1 A DC  10 1_555 B DG  1  1_555 0.178  -0.114 0.130  -3.607 5.922   0.060  10 A_DC10:DG111_B A 10 ? B 111 ? 19 1 
# 
loop_
_ndb_struct_na_base_pair_step.model_number 
_ndb_struct_na_base_pair_step.i_label_asym_id_1 
_ndb_struct_na_base_pair_step.i_label_comp_id_1 
_ndb_struct_na_base_pair_step.i_label_seq_id_1 
_ndb_struct_na_base_pair_step.i_symmetry_1 
_ndb_struct_na_base_pair_step.j_label_asym_id_1 
_ndb_struct_na_base_pair_step.j_label_comp_id_1 
_ndb_struct_na_base_pair_step.j_label_seq_id_1 
_ndb_struct_na_base_pair_step.j_symmetry_1 
_ndb_struct_na_base_pair_step.i_label_asym_id_2 
_ndb_struct_na_base_pair_step.i_label_comp_id_2 
_ndb_struct_na_base_pair_step.i_label_seq_id_2 
_ndb_struct_na_base_pair_step.i_symmetry_2 
_ndb_struct_na_base_pair_step.j_label_asym_id_2 
_ndb_struct_na_base_pair_step.j_label_comp_id_2 
_ndb_struct_na_base_pair_step.j_label_seq_id_2 
_ndb_struct_na_base_pair_step.j_symmetry_2 
_ndb_struct_na_base_pair_step.shift 
_ndb_struct_na_base_pair_step.slide 
_ndb_struct_na_base_pair_step.rise 
_ndb_struct_na_base_pair_step.tilt 
_ndb_struct_na_base_pair_step.roll 
_ndb_struct_na_base_pair_step.twist 
_ndb_struct_na_base_pair_step.x_displacement 
_ndb_struct_na_base_pair_step.y_displacement 
_ndb_struct_na_base_pair_step.helical_rise 
_ndb_struct_na_base_pair_step.inclination 
_ndb_struct_na_base_pair_step.tip 
_ndb_struct_na_base_pair_step.helical_twist 
_ndb_struct_na_base_pair_step.step_number 
_ndb_struct_na_base_pair_step.step_name 
_ndb_struct_na_base_pair_step.i_auth_asym_id_1 
_ndb_struct_na_base_pair_step.i_auth_seq_id_1 
_ndb_struct_na_base_pair_step.i_PDB_ins_code_1 
_ndb_struct_na_base_pair_step.j_auth_asym_id_1 
_ndb_struct_na_base_pair_step.j_auth_seq_id_1 
_ndb_struct_na_base_pair_step.j_PDB_ins_code_1 
_ndb_struct_na_base_pair_step.i_auth_asym_id_2 
_ndb_struct_na_base_pair_step.i_auth_seq_id_2 
_ndb_struct_na_base_pair_step.i_PDB_ins_code_2 
_ndb_struct_na_base_pair_step.j_auth_asym_id_2 
_ndb_struct_na_base_pair_step.j_auth_seq_id_2 
_ndb_struct_na_base_pair_step.j_PDB_ins_code_2 
1 A DG  1 1_555 B DC  10 1_555 A DC  2  1_555 B DG  9 1_555 0.332  -1.474 3.261 2.030  -0.291 38.539 -2.195 -0.251 3.285 -0.440 
-3.072 38.592 1 AA_DG1DC2:DG119DC120_BB   A 1 ? B 120 ? A 2  ? B 119 ? 
1 A DC  2 1_555 B DG  9  1_555 A DG  3  1_555 B DC  8 1_555 0.238  -2.156 3.416 -0.203 10.654 25.877 -6.788 -0.537 2.358 22.608 
0.431  27.950 2 AA_DC2DG3:DC118DG119_BB   A 2 ? B 119 ? A 3  ? B 118 ? 
1 A DG  3 1_555 B DC  8  1_555 A DT  4  1_555 B DA  7 1_555 -1.117 -1.510 3.196 -1.928 4.816  36.957 -2.969 1.502  3.034 7.551  
3.023  37.306 3 AA_DG3DT4:DA117DC118_BB   A 3 ? B 118 ? A 4  ? B 117 ? 
1 A DT  4 1_555 B DA  7  1_555 A DA  5  1_555 B SMT 6 1_555 0.613  -1.563 3.107 2.069  18.699 25.527 -5.672 -0.814 1.650 36.641 
-4.054 31.618 4 AA_DT4DA5:SMT116DA117_BB  A 4 ? B 117 ? A 5  ? B 116 ? 
1 A DA  5 1_555 B SMT 6  1_555 A SMT 6  1_555 B DA  5 1_555 1.054  -1.353 3.060 1.286  5.524  32.811 -3.199 -1.645 2.839 9.689  
-2.256 33.285 5 AA_DA5SMT6:DA115SMT116_BB A 5 ? B 116 ? A 6  ? B 115 ? 
1 A SMT 6 1_555 B DA  5  1_555 A DA  7  1_555 B DT  4 1_555 -0.339 -1.390 3.072 0.397  14.938 30.468 -4.425 0.637  2.169 26.516 
-0.704 33.857 6 AA_SMT6DA7:DT114DA115_BB  A 6 ? B 115 ? A 7  ? B 114 ? 
1 A DA  7 1_555 B DT  4  1_555 A DC  8  1_555 B DG  3 1_555 -0.004 -1.878 3.251 0.288  3.329  29.596 -4.324 0.066  3.026 6.491  
-0.561 29.780 7 AA_DA7DC8:DG113DT114_BB   A 7 ? B 114 ? A 8  ? B 113 ? 
1 A DC  8 1_555 B DG  3  1_555 A DG  9  1_555 B DC  2 1_555 -0.303 -1.962 3.593 0.324  12.330 29.726 -5.719 0.605  2.591 22.835 
-0.599 32.130 8 AA_DC8DG9:DC112DG113_BB   A 8 ? B 113 ? A 9  ? B 112 ? 
1 A DG  9 1_555 B DC  2  1_555 A DC  10 1_555 B DG  1 1_555 0.151  -1.685 3.308 -0.450 1.221  34.421 -3.036 -0.326 3.246 2.062  
0.759  34.445 9 AA_DG9DC10:DG111DC112_BB  A 9 ? B 112 ? A 10 ? B 111 ? 
# 
_atom_sites.entry_id                    1MLX 
_atom_sites.fract_transf_matrix[1][1]   -0.00789001 
_atom_sites.fract_transf_matrix[1][2]   -0.00650362 
_atom_sites.fract_transf_matrix[1][3]   0.03912601 
_atom_sites.fract_transf_matrix[2][1]   -0.02145053 
_atom_sites.fract_transf_matrix[2][2]   -0.00445330 
_atom_sites.fract_transf_matrix[2][3]   -0.00506587 
_atom_sites.fract_transf_matrix[3][1]   0.00492849 
_atom_sites.fract_transf_matrix[3][2]   -0.02091522 
_atom_sites.fract_transf_matrix[3][3]   -0.00248271 
_atom_sites.fract_transf_vector[1]      0.131373 
_atom_sites.fract_transf_vector[2]      0.036855 
_atom_sites.fract_transf_vector[3]      0.263528 
# 
loop_
_atom_type.symbol 
C 
H 
N 
O 
P 
S 
# 
loop_
_atom_site.group_PDB 
_atom_site.id 
_atom_site.type_symbol 
_atom_site.label_atom_id 
_atom_site.label_alt_id 
_atom_site.label_comp_id 
_atom_site.label_asym_id 
_atom_site.label_entity_id 
_atom_site.label_seq_id 
_atom_site.pdbx_PDB_ins_code 
_atom_site.Cartn_x 
_atom_site.Cartn_y 
_atom_site.Cartn_z 
_atom_site.occupancy 
_atom_site.B_iso_or_equiv 
_atom_site.pdbx_formal_charge 
_atom_site.auth_seq_id 
_atom_site.auth_comp_id 
_atom_site.auth_asym_id 
_atom_site.auth_atom_id 
_atom_site.pdbx_PDB_model_num 
ATOM   1   O "O5'"  . DG  A 1 1  ? 9.678   -1.720  -6.023  1.00 37.27 ? 1    DG  A "O5'"  1 
ATOM   2   C "C5'"  . DG  A 1 1  ? 10.900  -2.386  -5.854  1.00 30.83 ? 1    DG  A "C5'"  1 
ATOM   3   C "C4'"  . DG  A 1 1  ? 11.787  -1.476  -5.082  1.00 24.75 ? 1    DG  A "C4'"  1 
ATOM   4   O "O4'"  . DG  A 1 1  ? 12.119  -0.352  -5.979  1.00 23.51 ? 1    DG  A "O4'"  1 
ATOM   5   C "C3'"  . DG  A 1 1  ? 11.236  -0.794  -3.866  1.00 20.94 ? 1    DG  A "C3'"  1 
ATOM   6   O "O3'"  . DG  A 1 1  ? 11.305  -1.676  -2.747  1.00 21.44 ? 1    DG  A "O3'"  1 
ATOM   7   C "C2'"  . DG  A 1 1  ? 12.128  0.396   -3.712  1.00 20.65 ? 1    DG  A "C2'"  1 
ATOM   8   C "C1'"  . DG  A 1 1  ? 12.235  0.847   -5.110  1.00 20.76 ? 1    DG  A "C1'"  1 
ATOM   9   N N9     . DG  A 1 1  ? 11.196  1.776   -5.640  1.00 20.50 ? 1    DG  A N9     1 
ATOM   10  C C8     . DG  A 1 1  ? 10.254  1.566   -6.587  1.00 24.86 ? 1    DG  A C8     1 
ATOM   11  N N7     . DG  A 1 1  ? 9.490   2.580   -6.883  1.00 25.38 ? 1    DG  A N7     1 
ATOM   12  C C5     . DG  A 1 1  ? 9.997   3.553   -5.988  1.00 18.58 ? 1    DG  A C5     1 
ATOM   13  C C6     . DG  A 1 1  ? 9.571   4.884   -5.762  1.00 19.88 ? 1    DG  A C6     1 
ATOM   14  O O6     . DG  A 1 1  ? 8.671   5.523   -6.348  1.00 19.76 ? 1    DG  A O6     1 
ATOM   15  N N1     . DG  A 1 1  ? 10.323  5.561   -4.810  1.00 17.35 ? 1    DG  A N1     1 
ATOM   16  C C2     . DG  A 1 1  ? 11.309  4.933   -4.154  1.00 16.92 ? 1    DG  A C2     1 
ATOM   17  N N2     . DG  A 1 1  ? 11.921  5.683   -3.261  1.00 17.02 ? 1    DG  A N2     1 
ATOM   18  N N3     . DG  A 1 1  ? 11.746  3.708   -4.325  1.00 18.11 ? 1    DG  A N3     1 
ATOM   19  C C4     . DG  A 1 1  ? 11.023  3.030   -5.229  1.00 18.36 ? 1    DG  A C4     1 
ATOM   20  H "H5'"  . DG  A 1 1  ? 11.295  -2.589  -6.717  1.00 36.99 ? 1    DG  A "H5'"  1 
ATOM   21  H "H5''" . DG  A 1 1  ? 10.768  -3.217  -5.371  1.00 36.99 ? 1    DG  A "H5''" 1 
ATOM   22  H "H4'"  . DG  A 1 1  ? 12.610  -1.951  -4.841  1.00 29.70 ? 1    DG  A "H4'"  1 
ATOM   23  H "H3'"  . DG  A 1 1  ? 10.311  -0.510  -4.021  1.00 25.13 ? 1    DG  A "H3'"  1 
ATOM   24  H "H2'"  . DG  A 1 1  ? 11.725  1.074   -3.147  1.00 24.78 ? 1    DG  A "H2'"  1 
ATOM   25  H "H2''" . DG  A 1 1  ? 12.993  0.149   -3.349  1.00 24.78 ? 1    DG  A "H2''" 1 
ATOM   26  H "H1'"  . DG  A 1 1  ? 13.118  1.250   -5.246  1.00 24.91 ? 1    DG  A "H1'"  1 
ATOM   27  H H8     . DG  A 1 1  ? 10.156  0.741   -7.004  1.00 29.83 ? 1    DG  A H8     1 
ATOM   28  H H1     . DG  A 1 1  ? 10.154  6.386   -4.639  1.00 20.82 ? 1    DG  A H1     1 
ATOM   29  H H21    . DG  A 1 1  ? 12.583  5.365   -2.813  1.00 20.42 ? 1    DG  A H21    1 
ATOM   30  H H22    . DG  A 1 1  ? 11.658  6.491   -3.125  1.00 20.42 ? 1    DG  A H22    1 
ATOM   31  H "HO5'" . DG  A 1 1  ? 9.423   -1.431  -5.298  1.00 55.91 ? 1    DG  A "HO5'" 1 
ATOM   32  P P      . DC  A 1 2  ? 10.325  -1.765  -1.507  1.00 22.58 ? 2    DC  A P      1 
ATOM   33  O OP1    . DC  A 1 2  ? 10.806  -2.872  -0.645  1.00 22.99 ? 2    DC  A OP1    1 
ATOM   34  O OP2    . DC  A 1 2  ? 8.938   -1.744  -1.963  1.00 21.02 ? 2    DC  A OP2    1 
ATOM   35  O "O5'"  . DC  A 1 2  ? 10.511  -0.384  -0.685  1.00 19.57 ? 2    DC  A "O5'"  1 
ATOM   36  C "C5'"  . DC  A 1 2  ? 11.743  -0.043  -0.127  1.00 18.88 ? 2    DC  A "C5'"  1 
ATOM   37  C "C4'"  . DC  A 1 2  ? 11.759  1.371   0.335   1.00 18.57 ? 2    DC  A "C4'"  1 
ATOM   38  O "O4'"  . DC  A 1 2  ? 11.632  2.228   -0.848  1.00 18.50 ? 2    DC  A "O4'"  1 
ATOM   39  C "C3'"  . DC  A 1 2  ? 10.632  1.763   1.220   1.00 17.03 ? 2    DC  A "C3'"  1 
ATOM   40  O "O3'"  . DC  A 1 2  ? 10.974  1.423   2.579   1.00 20.54 ? 2    DC  A "O3'"  1 
ATOM   41  C "C2'"  . DC  A 1 2  ? 10.534  3.230   0.981   1.00 17.69 ? 2    DC  A "C2'"  1 
ATOM   42  C "C1'"  . DC  A 1 2  ? 10.834  3.390   -0.451  1.00 16.32 ? 2    DC  A "C1'"  1 
ATOM   43  N N1     . DC  A 1 2  ? 9.691   3.395   -1.386  1.00 15.12 ? 2    DC  A N1     1 
ATOM   44  C C2     . DC  A 1 2  ? 9.094   4.658   -1.584  1.00 14.89 ? 2    DC  A C2     1 
ATOM   45  O O2     . DC  A 1 2  ? 9.485   5.648   -0.921  1.00 15.09 ? 2    DC  A O2     1 
ATOM   46  N N3     . DC  A 1 2  ? 8.074   4.777   -2.434  1.00 14.00 ? 2    DC  A N3     1 
ATOM   47  C C4     . DC  A 1 2  ? 7.654   3.715   -3.076  1.00 16.17 ? 2    DC  A C4     1 
ATOM   48  N N4     . DC  A 1 2  ? 6.656   3.865   -3.980  1.00 16.88 ? 2    DC  A N4     1 
ATOM   49  C C5     . DC  A 1 2  ? 8.244   2.378   -2.875  1.00 17.36 ? 2    DC  A C5     1 
ATOM   50  C C6     . DC  A 1 2  ? 9.257   2.310   -2.052  1.00 17.05 ? 2    DC  A C6     1 
ATOM   51  H "H5'"  . DC  A 1 2  ? 12.441  -0.173  -0.787  1.00 22.65 ? 2    DC  A "H5'"  1 
ATOM   52  H "H5''" . DC  A 1 2  ? 11.927  -0.628  0.625   1.00 22.65 ? 2    DC  A "H5''" 1 
ATOM   53  H "H4'"  . DC  A 1 2  ? 12.609  1.558   0.787   1.00 22.28 ? 2    DC  A "H4'"  1 
ATOM   54  H "H3'"  . DC  A 1 2  ? 9.805   1.312   0.947   1.00 20.43 ? 2    DC  A "H3'"  1 
ATOM   55  H "H2'"  . DC  A 1 2  ? 9.643   3.554   1.186   1.00 21.22 ? 2    DC  A "H2'"  1 
ATOM   56  H "H2''" . DC  A 1 2  ? 11.177  3.711   1.526   1.00 21.22 ? 2    DC  A "H2''" 1 
ATOM   57  H "H1'"  . DC  A 1 2  ? 11.362  4.206   -0.581  1.00 19.58 ? 2    DC  A "H1'"  1 
ATOM   58  H H41    . DC  A 1 2  ? 6.317   4.643   -4.120  1.00 20.25 ? 2    DC  A H41    1 
ATOM   59  H H42    . DC  A 1 2  ? 6.363   3.182   -4.413  1.00 20.25 ? 2    DC  A H42    1 
ATOM   60  H H5     . DC  A 1 2  ? 7.914   1.625   -3.310  1.00 20.83 ? 2    DC  A H5     1 
ATOM   61  H H6     . DC  A 1 2  ? 9.686   1.495   -1.924  1.00 20.45 ? 2    DC  A H6     1 
ATOM   62  P P      . DG  A 1 3  ? 9.837   1.383   3.733   1.00 20.74 ? 3    DG  A P      1 
ATOM   63  O OP1    . DG  A 1 3  ? 10.573  1.054   4.981   1.00 24.43 ? 3    DG  A OP1    1 
ATOM   64  O OP2    . DG  A 1 3  ? 8.723   0.558   3.295   1.00 23.06 ? 3    DG  A OP2    1 
ATOM   65  O "O5'"  . DG  A 1 3  ? 9.373   2.912   3.733   1.00 18.42 ? 3    DG  A "O5'"  1 
ATOM   66  C "C5'"  . DG  A 1 3  ? 8.057   3.277   4.067   1.00 18.40 ? 3    DG  A "C5'"  1 
ATOM   67  C "C4'"  . DG  A 1 3  ? 7.877   4.752   3.825   1.00 16.96 ? 3    DG  A "C4'"  1 
ATOM   68  O "O4'"  . DG  A 1 3  ? 8.012   4.979   2.404   1.00 17.27 ? 3    DG  A "O4'"  1 
ATOM   69  C "C3'"  . DG  A 1 3  ? 6.537   5.310   4.148   1.00 16.45 ? 3    DG  A "C3'"  1 
ATOM   70  O "O3'"  . DG  A 1 3  ? 6.493   5.661   5.551   1.00 17.17 ? 3    DG  A "O3'"  1 
ATOM   71  C "C2'"  . DG  A 1 3  ? 6.386   6.511   3.268   1.00 15.74 ? 3    DG  A "C2'"  1 
ATOM   72  C "C1'"  . DG  A 1 3  ? 7.035   6.059   2.034   1.00 16.66 ? 3    DG  A "C1'"  1 
ATOM   73  N N9     . DG  A 1 3  ? 6.211   5.439   0.961   1.00 14.86 ? 3    DG  A N9     1 
ATOM   74  C C8     . DG  A 1 3  ? 6.336   4.191   0.388   1.00 16.11 ? 3    DG  A C8     1 
ATOM   75  N N7     . DG  A 1 3  ? 5.433   4.041   -0.540  1.00 16.48 ? 3    DG  A N7     1 
ATOM   76  C C5     . DG  A 1 3  ? 4.773   5.231   -0.656  1.00 15.41 ? 3    DG  A C5     1 
ATOM   77  C C6     . DG  A 1 3  ? 3.732   5.693   -1.518  1.00 14.47 ? 3    DG  A C6     1 
ATOM   78  O O6     . DG  A 1 3  ? 3.146   5.034   -2.437  1.00 16.01 ? 3    DG  A O6     1 
ATOM   79  N N1     . DG  A 1 3  ? 3.311   7.018   -1.266  1.00 13.80 ? 3    DG  A N1     1 
ATOM   80  C C2     . DG  A 1 3  ? 3.871   7.740   -0.249  1.00 14.19 ? 3    DG  A C2     1 
ATOM   81  N N2     . DG  A 1 3  ? 3.321   8.987   -0.150  1.00 14.07 ? 3    DG  A N2     1 
ATOM   82  N N3     . DG  A 1 3  ? 4.866   7.414   0.588   1.00 14.36 ? 3    DG  A N3     1 
ATOM   83  C C4     . DG  A 1 3  ? 5.252   6.126   0.319   1.00 14.57 ? 3    DG  A C4     1 
ATOM   84  H "H5'"  . DG  A 1 3  ? 7.885   3.072   4.999   1.00 22.08 ? 3    DG  A "H5'"  1 
ATOM   85  H "H5''" . DG  A 1 3  ? 7.429   2.775   3.525   1.00 22.08 ? 3    DG  A "H5''" 1 
ATOM   86  H "H4'"  . DG  A 1 3  ? 8.567   5.251   4.306   1.00 20.35 ? 3    DG  A "H4'"  1 
ATOM   87  H "H3'"  . DG  A 1 3  ? 5.839   4.653   3.942   1.00 19.74 ? 3    DG  A "H3'"  1 
ATOM   88  H "H2'"  . DG  A 1 3  ? 5.453   6.728   3.119   1.00 18.89 ? 3    DG  A "H2'"  1 
ATOM   89  H "H2''" . DG  A 1 3  ? 6.839   7.284   3.642   1.00 18.89 ? 3    DG  A "H2''" 1 
ATOM   90  H "H1'"  . DG  A 1 3  ? 7.532   6.810   1.650   1.00 19.99 ? 3    DG  A "H1'"  1 
ATOM   91  H H8     . DG  A 1 3  ? 6.968   3.552   0.627   1.00 19.33 ? 3    DG  A H8     1 
ATOM   92  H H1     . DG  A 1 3  ? 2.698   7.372   -1.755  1.00 16.56 ? 3    DG  A H1     1 
ATOM   93  H H21    . DG  A 1 3  ? 3.614   9.542   0.437   1.00 16.88 ? 3    DG  A H21    1 
ATOM   94  H H22    . DG  A 1 3  ? 2.681   9.217   -0.677  1.00 16.88 ? 3    DG  A H22    1 
ATOM   95  P P      . DT  A 1 4  ? 5.125   5.633   6.358   1.00 17.44 ? 4    DT  A P      1 
ATOM   96  O OP1    . DT  A 1 4  ? 5.503   5.911   7.759   1.00 19.93 ? 4    DT  A OP1    1 
ATOM   97  O OP2    . DT  A 1 4  ? 4.375   4.412   6.030   1.00 19.46 ? 4    DT  A OP2    1 
ATOM   98  O "O5'"  . DT  A 1 4  ? 4.286   6.846   5.779   1.00 15.81 ? 4    DT  A "O5'"  1 
ATOM   99  C "C5'"  . DT  A 1 4  ? 4.492   8.205   6.098   1.00 16.16 ? 4    DT  A "C5'"  1 
ATOM   100 C "C4'"  . DT  A 1 4  ? 3.276   9.003   5.731   1.00 16.56 ? 4    DT  A "C4'"  1 
ATOM   101 O "O4'"  . DT  A 1 4  ? 3.266   9.104   4.260   1.00 15.65 ? 4    DT  A "O4'"  1 
ATOM   102 C "C3'"  . DT  A 1 4  ? 1.942   8.436   6.070   1.00 14.81 ? 4    DT  A "C3'"  1 
ATOM   103 O "O3'"  . DT  A 1 4  ? 1.569   8.754   7.432   1.00 18.18 ? 4    DT  A "O3'"  1 
ATOM   104 C "C2'"  . DT  A 1 4  ? 1.025   9.082   5.056   1.00 15.21 ? 4    DT  A "C2'"  1 
ATOM   105 C "C1'"  . DT  A 1 4  ? 1.865   9.109   3.842   1.00 16.02 ? 4    DT  A "C1'"  1 
ATOM   106 N N1     . DT  A 1 4  ? 1.736   7.952   2.891   1.00 14.54 ? 4    DT  A N1     1 
ATOM   107 C C2     . DT  A 1 4  ? 0.753   8.046   1.888   1.00 14.00 ? 4    DT  A C2     1 
ATOM   108 O O2     . DT  A 1 4  ? 0.119   9.053   1.721   1.00 14.63 ? 4    DT  A O2     1 
ATOM   109 N N3     . DT  A 1 4  ? 0.695   6.953   1.078   1.00 13.97 ? 4    DT  A N3     1 
ATOM   110 C C4     . DT  A 1 4  ? 1.400   5.776   1.212   1.00 13.43 ? 4    DT  A C4     1 
ATOM   111 O O4     . DT  A 1 4  ? 1.241   4.901   0.336   1.00 14.54 ? 4    DT  A O4     1 
ATOM   112 C C5     . DT  A 1 4  ? 2.325   5.681   2.315   1.00 14.08 ? 4    DT  A C5     1 
ATOM   113 C C7     . DT  A 1 4  ? 3.061   4.454   2.544   1.00 15.55 ? 4    DT  A C7     1 
ATOM   114 C C6     . DT  A 1 4  ? 2.407   6.785   3.077   1.00 13.72 ? 4    DT  A C6     1 
ATOM   115 H "H5'"  . DT  A 1 4  ? 5.262   8.541   5.612   1.00 19.39 ? 4    DT  A "H5'"  1 
ATOM   116 H "H5''" . DT  A 1 4  ? 4.668   8.296   7.046   1.00 19.39 ? 4    DT  A "H5''" 1 
ATOM   117 H "H4'"  . DT  A 1 4  ? 3.351   9.902   6.115   1.00 19.88 ? 4    DT  A "H4'"  1 
ATOM   118 H "H3'"  . DT  A 1 4  ? 1.949   7.464   5.944   1.00 17.78 ? 4    DT  A "H3'"  1 
ATOM   119 H "H2'"  . DT  A 1 4  ? 0.224   8.552   4.917   1.00 18.25 ? 4    DT  A "H2'"  1 
ATOM   120 H "H2''" . DT  A 1 4  ? 0.771   9.977   5.330   1.00 18.25 ? 4    DT  A "H2''" 1 
ATOM   121 H "H1'"  . DT  A 1 4  ? 1.686   9.940   3.353   1.00 19.23 ? 4    DT  A "H1'"  1 
ATOM   122 H H3     . DT  A 1 4  ? 0.158   7.003   0.409   1.00 16.77 ? 4    DT  A H3     1 
ATOM   123 H H71    . DT  A 1 4  ? 2.854   3.823   1.851   1.00 23.33 ? 4    DT  A H71    1 
ATOM   124 H H72    . DT  A 1 4  ? 2.811   4.086   3.395   1.00 23.33 ? 4    DT  A H72    1 
ATOM   125 H H73    . DT  A 1 4  ? 4.002   4.639   2.540   1.00 23.33 ? 4    DT  A H73    1 
ATOM   126 H H6     . DT  A 1 4  ? 2.980   6.746   3.808   1.00 16.47 ? 4    DT  A H6     1 
ATOM   127 P P      . DA  A 1 5  ? 0.586   7.759   8.270   1.00 19.67 ? 5    DA  A P      1 
ATOM   128 O OP1    . DA  A 1 5  ? 0.483   8.423   9.591   1.00 22.25 ? 5    DA  A OP1    1 
ATOM   129 O OP2    . DA  A 1 5  ? 1.115   6.363   8.202   1.00 20.88 ? 5    DA  A OP2    1 
ATOM   130 O "O5'"  . DA  A 1 5  ? -0.781  7.927   7.515   1.00 18.87 ? 5    DA  A "O5'"  1 
ATOM   131 C "C5'"  . DA  A 1 5  ? -1.603  6.806   7.260   1.00 19.97 ? 5    DA  A "C5'"  1 
ATOM   132 C "C4'"  . DA  A 1 5  ? -2.670  7.235   6.322   1.00 18.66 ? 5    DA  A "C4'"  1 
ATOM   133 O "O4'"  . DA  A 1 5  ? -2.070  7.509   5.023   1.00 17.23 ? 5    DA  A "O4'"  1 
ATOM   134 C "C3'"  . DA  A 1 5  ? -3.715  6.205   6.005   1.00 18.18 ? 5    DA  A "C3'"  1 
ATOM   135 O "O3'"  . DA  A 1 5  ? -4.699  6.206   7.074   1.00 21.57 ? 5    DA  A "O3'"  1 
ATOM   136 C "C2'"  . DA  A 1 5  ? -4.229  6.645   4.682   1.00 17.22 ? 5    DA  A "C2'"  1 
ATOM   137 C "C1'"  . DA  A 1 5  ? -2.966  7.100   3.997   1.00 16.90 ? 5    DA  A "C1'"  1 
ATOM   138 N N9     . DA  A 1 5  ? -2.318  6.025   3.225   1.00 15.84 ? 5    DA  A N9     1 
ATOM   139 C C8     . DA  A 1 5  ? -1.248  5.264   3.563   1.00 16.10 ? 5    DA  A C8     1 
ATOM   140 N N7     . DA  A 1 5  ? -1.003  4.368   2.629   1.00 15.88 ? 5    DA  A N7     1 
ATOM   141 C C5     . DA  A 1 5  ? -1.936  4.548   1.648   1.00 14.28 ? 5    DA  A C5     1 
ATOM   142 C C6     . DA  A 1 5  ? -2.169  3.917   0.430   1.00 14.19 ? 5    DA  A C6     1 
ATOM   143 N N6     . DA  A 1 5  ? -1.399  2.911   -0.026  1.00 14.17 ? 5    DA  A N6     1 
ATOM   144 N N1     . DA  A 1 5  ? -3.183  4.336   -0.304  1.00 16.05 ? 5    DA  A N1     1 
ATOM   145 C C2     . DA  A 1 5  ? -3.992  5.393   0.122   1.00 15.30 ? 5    DA  A C2     1 
ATOM   146 N N3     . DA  A 1 5  ? -3.840  6.059   1.299   1.00 15.86 ? 5    DA  A N3     1 
ATOM   147 C C4     . DA  A 1 5  ? -2.786  5.553   2.003   1.00 15.39 ? 5    DA  A C4     1 
ATOM   148 H "H5'"  . DA  A 1 5  ? -1.993  6.482   8.087   1.00 23.96 ? 5    DA  A "H5'"  1 
ATOM   149 H "H5''" . DA  A 1 5  ? -1.080  6.089   6.866   1.00 23.96 ? 5    DA  A "H5''" 1 
ATOM   150 H "H4'"  . DA  A 1 5  ? -3.102  8.047   6.663   1.00 22.40 ? 5    DA  A "H4'"  1 
ATOM   151 H "H3'"  . DA  A 1 5  ? -3.301  5.320   5.927   1.00 21.81 ? 5    DA  A "H3'"  1 
ATOM   152 H "H2'"  . DA  A 1 5  ? -4.647  5.912   4.203   1.00 20.66 ? 5    DA  A "H2'"  1 
ATOM   153 H "H2''" . DA  A 1 5  ? -4.864  7.372   4.773   1.00 20.66 ? 5    DA  A "H2''" 1 
ATOM   154 H "H1'"  . DA  A 1 5  ? -3.164  7.859   3.409   1.00 20.28 ? 5    DA  A "H1'"  1 
ATOM   155 H H8     . DA  A 1 5  ? -0.754  5.361   4.346   1.00 19.32 ? 5    DA  A H8     1 
ATOM   156 H H61    . DA  A 1 5  ? -1.569  2.550   -0.787  1.00 17.00 ? 5    DA  A H61    1 
ATOM   157 H H62    . DA  A 1 5  ? -0.736  2.630   0.444   1.00 17.00 ? 5    DA  A H62    1 
ATOM   158 H H2     . DA  A 1 5  ? -4.683  5.660   -0.439  1.00 18.37 ? 5    DA  A H2     1 
HETATM 159 P P      . SMT A 1 6  ? -5.463  4.836   7.457   1.00 24.15 ? 6    SMT A P      1 
HETATM 160 O OP1    . SMT A 1 6  ? -6.358  5.238   8.604   1.00 28.63 ? 6    SMT A OP1    1 
HETATM 161 O OP2    . SMT A 1 6  ? -4.475  3.740   7.644   1.00 25.84 ? 6    SMT A OP2    1 
HETATM 162 O "O5'"  . SMT A 1 6  ? -6.328  4.463   6.178   1.00 21.03 ? 6    SMT A "O5'"  1 
HETATM 163 C "C5'"  . SMT A 1 6  ? -7.391  5.306   5.791   1.00 24.65 ? 6    SMT A "C5'"  1 
HETATM 164 C "C4'"  . SMT A 1 6  ? -7.925  4.840   4.473   1.00 22.79 ? 6    SMT A "C4'"  1 
HETATM 165 O "O4'"  . SMT A 1 6  ? -6.879  5.007   3.463   1.00 20.57 ? 6    SMT A "O4'"  1 
HETATM 166 C "C3'"  . SMT A 1 6  ? -8.259  3.394   4.330   1.00 20.74 ? 6    SMT A "C3'"  1 
HETATM 167 O "O3'"  . SMT A 1 6  ? -9.495  3.078   5.002   1.00 24.28 ? 6    SMT A "O3'"  1 
HETATM 168 C "C2'"  . SMT A 1 6  ? -8.328  3.256   2.829   1.00 18.32 ? 6    SMT A "C2'"  1 
HETATM 169 O "O2'"  . SMT A 1 6  ? -9.520  3.817   2.414   1.00 22.79 ? 6    SMT A "O2'"  1 
HETATM 170 C "C1'"  . SMT A 1 6  ? -7.075  3.963   2.452   1.00 16.23 ? 6    SMT A "C1'"  1 
HETATM 171 N N1     . SMT A 1 6  ? -5.845  3.164   2.450   1.00 15.59 ? 6    SMT A N1     1 
HETATM 172 C C2     . SMT A 1 6  ? -5.585  2.449   1.282   1.00 15.58 ? 6    SMT A C2     1 
HETATM 173 O O2     . SMT A 1 6  ? -6.354  2.533   0.319   1.00 16.78 ? 6    SMT A O2     1 
HETATM 174 N N3     . SMT A 1 6  ? -4.472  1.722   1.290   1.00 14.65 ? 6    SMT A N3     1 
HETATM 175 C C4     . SMT A 1 6  ? -3.589  1.523   2.373   1.00 15.37 ? 6    SMT A C4     1 
HETATM 176 O O4     . SMT A 1 6  ? -2.576  0.788   2.191   1.00 16.34 ? 6    SMT A O4     1 
HETATM 177 C C5     . SMT A 1 6  ? -3.885  2.299   3.576   1.00 14.63 ? 6    SMT A C5     1 
HETATM 178 C C5A    . SMT A 1 6  ? -3.074  2.178   4.786   1.00 19.43 ? 6    SMT A C5A    1 
HETATM 179 C C6     . SMT A 1 6  ? -5.025  3.030   3.487   1.00 15.57 ? 6    SMT A C6     1 
HETATM 180 C "CA'"  . SMT A 1 6  ? -9.731  3.679   0.878   1.00 25.79 ? 6    SMT A "CA'"  1 
HETATM 181 H "H5'"  . SMT A 1 6  ? -7.076  6.221   5.715   1.00 29.58 ? 6    SMT A "H5'"  1 
HETATM 182 H "H5'2" . SMT A 1 6  ? -8.093  5.280   6.460   1.00 29.58 ? 6    SMT A "H5'2" 1 
HETATM 183 H "H4'"  . SMT A 1 6  ? -8.705  5.380   4.228   1.00 27.34 ? 6    SMT A "H4'"  1 
HETATM 184 H "H3'"  . SMT A 1 6  ? -7.531  2.842   4.685   1.00 24.89 ? 6    SMT A "H3'"  1 
HETATM 185 H "H1'"  . SMT A 1 6  ? -7.191  4.381   1.573   1.00 19.48 ? 6    SMT A "H1'"  1 
HETATM 186 H H3     . SMT A 1 6  ? -4.266  1.329   0.553   1.00 17.58 ? 6    SMT A H3     1 
HETATM 187 H H5A    . SMT A 1 6  ? -2.341  1.581   4.622   1.00 29.14 ? 6    SMT A H5A    1 
HETATM 188 H H5A1   . SMT A 1 6  ? -3.616  1.832   5.500   1.00 29.14 ? 6    SMT A H5A1   1 
HETATM 189 H H5A2   . SMT A 1 6  ? -2.735  3.043   5.032   1.00 29.14 ? 6    SMT A H5A2   1 
HETATM 190 H H6     . SMT A 1 6  ? -5.265  3.498   4.254   1.00 18.68 ? 6    SMT A H6     1 
ATOM   191 P P      . DA  A 1 7  ? -9.748  1.646   5.682   1.00 23.78 ? 7    DA  A P      1 
ATOM   192 O OP1    . DA  A 1 7  ? -11.024 1.822   6.404   1.00 31.85 ? 7    DA  A OP1    1 
ATOM   193 O OP2    . DA  A 1 7  ? -8.525  1.216   6.399   1.00 24.95 ? 7    DA  A OP2    1 
ATOM   194 O "O5'"  . DA  A 1 7  ? -9.982  0.667   4.464   1.00 19.90 ? 7    DA  A "O5'"  1 
ATOM   195 C "C5'"  . DA  A 1 7  ? -11.135 0.836   3.665   1.00 19.35 ? 7    DA  A "C5'"  1 
ATOM   196 C "C4'"  . DA  A 1 7  ? -11.105 -0.106  2.504   1.00 18.64 ? 7    DA  A "C4'"  1 
ATOM   197 O "O4'"  . DA  A 1 7  ? -10.032 0.333   1.612   1.00 18.44 ? 7    DA  A "O4'"  1 
ATOM   198 C "C3'"  . DA  A 1 7  ? -10.748 -1.545  2.749   1.00 19.70 ? 7    DA  A "C3'"  1 
ATOM   199 O "O3'"  . DA  A 1 7  ? -11.904 -2.271  3.278   1.00 20.50 ? 7    DA  A "O3'"  1 
ATOM   200 C "C2'"  . DA  A 1 7  ? -10.313 -1.994  1.400   1.00 16.73 ? 7    DA  A "C2'"  1 
ATOM   201 C "C1'"  . DA  A 1 7  ? -9.478  -0.805  0.975   1.00 17.78 ? 7    DA  A "C1'"  1 
ATOM   202 N N9     . DA  A 1 7  ? -8.063  -0.935  1.379   1.00 15.67 ? 7    DA  A N9     1 
ATOM   203 C C8     . DA  A 1 7  ? -7.445  -0.511  2.521   1.00 16.07 ? 7    DA  A C8     1 
ATOM   204 N N7     . DA  A 1 7  ? -6.189  -0.808  2.580   1.00 17.46 ? 7    DA  A N7     1 
ATOM   205 C C5     . DA  A 1 7  ? -5.923  -1.507  1.443   1.00 14.68 ? 7    DA  A C5     1 
ATOM   206 C C6     . DA  A 1 7  ? -4.806  -2.201  0.935   1.00 14.87 ? 7    DA  A C6     1 
ATOM   207 N N6     . DA  A 1 7  ? -3.543  -2.197  1.492   1.00 17.23 ? 7    DA  A N6     1 
ATOM   208 N N1     . DA  A 1 7  ? -4.936  -2.799  -0.220  1.00 14.83 ? 7    DA  A N1     1 
ATOM   209 C C2     . DA  A 1 7  ? -6.074  -2.833  -0.868  1.00 16.48 ? 7    DA  A C2     1 
ATOM   210 N N3     . DA  A 1 7  ? -7.267  -2.244  -0.522  1.00 15.31 ? 7    DA  A N3     1 
ATOM   211 C C4     . DA  A 1 7  ? -7.087  -1.605  0.671   1.00 15.22 ? 7    DA  A C4     1 
ATOM   212 H "H5'"  . DA  A 1 7  ? -11.176 1.750   3.343   1.00 23.21 ? 7    DA  A "H5'"  1 
ATOM   213 H "H5''" . DA  A 1 7  ? -11.928 0.669   4.199   1.00 23.21 ? 7    DA  A "H5''" 1 
ATOM   214 H "H4'"  . DA  A 1 7  ? -11.961 -0.061  2.028   1.00 22.37 ? 7    DA  A "H4'"  1 
ATOM   215 H "H3'"  . DA  A 1 7  ? -10.000 -1.601  3.379   1.00 23.65 ? 7    DA  A "H3'"  1 
ATOM   216 H "H2'"  . DA  A 1 7  ? -9.786  -2.806  1.446   1.00 20.08 ? 7    DA  A "H2'"  1 
ATOM   217 H "H2''" . DA  A 1 7  ? -11.069 -2.133  0.808   1.00 20.08 ? 7    DA  A "H2''" 1 
ATOM   218 H "H1'"  . DA  A 1 7  ? -9.533  -0.696  0.001   1.00 21.34 ? 7    DA  A "H1'"  1 
ATOM   219 H H8     . DA  A 1 7  ? -7.888  -0.049  3.194   1.00 19.28 ? 7    DA  A H8     1 
ATOM   220 H H61    . DA  A 1 7  ? -2.890  -2.576  1.080   1.00 20.67 ? 7    DA  A H61    1 
ATOM   221 H H62    . DA  A 1 7  ? -3.410  -1.815  2.251   1.00 20.67 ? 7    DA  A H62    1 
ATOM   222 H H2     . DA  A 1 7  ? -6.074  -3.317  -1.661  1.00 19.78 ? 7    DA  A H2     1 
ATOM   223 P P      . DC  A 1 8  ? -11.694 -3.600  4.179   1.00 23.06 ? 8    DC  A P      1 
ATOM   224 O OP1    . DC  A 1 8  ? -13.044 -3.966  4.602   1.00 29.31 ? 8    DC  A OP1    1 
ATOM   225 O OP2    . DC  A 1 8  ? -10.610 -3.366  5.158   1.00 29.32 ? 8    DC  A OP2    1 
ATOM   226 O "O5'"  . DC  A 1 8  ? -11.157 -4.724  3.146   1.00 18.49 ? 8    DC  A "O5'"  1 
ATOM   227 C "C5'"  . DC  A 1 8  ? -11.964 -5.140  2.102   1.00 19.96 ? 8    DC  A "C5'"  1 
ATOM   228 C "C4'"  . DC  A 1 8  ? -11.137 -5.993  1.162   1.00 16.51 ? 8    DC  A "C4'"  1 
ATOM   229 O "O4'"  . DC  A 1 8  ? -10.024 -5.161  0.663   1.00 15.60 ? 8    DC  A "O4'"  1 
ATOM   230 C "C3'"  . DC  A 1 8  ? -10.393 -7.177  1.670   1.00 15.45 ? 8    DC  A "C3'"  1 
ATOM   231 O "O3'"  . DC  A 1 8  ? -11.288 -8.275  1.793   1.00 15.58 ? 8    DC  A "O3'"  1 
ATOM   232 C "C2'"  . DC  A 1 8  ? -9.343  -7.380  0.594   1.00 13.81 ? 8    DC  A "C2'"  1 
ATOM   233 C "C1'"  . DC  A 1 8  ? -8.923  -5.983  0.307   1.00 13.86 ? 8    DC  A "C1'"  1 
ATOM   234 N N1     . DC  A 1 8  ? -7.751  -5.597  1.110   1.00 13.95 ? 8    DC  A N1     1 
ATOM   235 C C2     . DC  A 1 8  ? -6.531  -6.096  0.695   1.00 14.47 ? 8    DC  A C2     1 
ATOM   236 O O2     . DC  A 1 8  ? -6.433  -6.745  -0.338  1.00 14.75 ? 8    DC  A O2     1 
ATOM   237 N N3     . DC  A 1 8  ? -5.387  -5.790  1.400   1.00 15.20 ? 8    DC  A N3     1 
ATOM   238 C C4     . DC  A 1 8  ? -5.543  -5.128  2.557   1.00 16.43 ? 8    DC  A C4     1 
ATOM   239 N N4     . DC  A 1 8  ? -4.508  -4.869  3.255   1.00 17.17 ? 8    DC  A N4     1 
ATOM   240 C C5     . DC  A 1 8  ? -6.808  -4.658  2.993   1.00 16.24 ? 8    DC  A C5     1 
ATOM   241 C C6     . DC  A 1 8  ? -7.842  -4.925  2.296   1.00 15.59 ? 8    DC  A C6     1 
ATOM   242 H "H5'"  . DC  A 1 8  ? -12.317 -4.371  1.628   1.00 23.95 ? 8    DC  A "H5'"  1 
ATOM   243 H "H5''" . DC  A 1 8  ? -12.711 -5.655  2.446   1.00 23.95 ? 8    DC  A "H5''" 1 
ATOM   244 H "H4'"  . DC  A 1 8  ? -11.694 -6.267  0.403   1.00 19.81 ? 8    DC  A "H4'"  1 
ATOM   245 H "H3'"  . DC  A 1 8  ? -9.972  -6.976  2.531   1.00 18.54 ? 8    DC  A "H3'"  1 
ATOM   246 H "H2'"  . DC  A 1 8  ? -8.600  -7.912  0.920   1.00 16.58 ? 8    DC  A "H2'"  1 
ATOM   247 H "H2''" . DC  A 1 8  ? -9.719  -7.805  -0.193  1.00 16.58 ? 8    DC  A "H2''" 1 
ATOM   248 H "H1'"  . DC  A 1 8  ? -8.724  -5.882  -0.647  1.00 16.63 ? 8    DC  A "H1'"  1 
ATOM   249 H H41    . DC  A 1 8  ? -3.731  -5.117  2.980   1.00 20.60 ? 8    DC  A H41    1 
ATOM   250 H H42    . DC  A 1 8  ? -4.586  -4.446  4.000   1.00 20.60 ? 8    DC  A H42    1 
ATOM   251 H H5     . DC  A 1 8  ? -6.884  -4.162  3.777   1.00 19.49 ? 8    DC  A H5     1 
ATOM   252 H H6     . DC  A 1 8  ? -8.678  -4.656  2.602   1.00 18.71 ? 8    DC  A H6     1 
ATOM   253 P P      . DG  A 1 9  ? -10.995 -9.573  2.710   1.00 17.02 ? 9    DG  A P      1 
ATOM   254 O OP1    . DG  A 1 9  ? -12.214 -10.398 2.640   1.00 19.51 ? 9    DG  A OP1    1 
ATOM   255 O OP2    . DG  A 1 9  ? -10.448 -9.138  4.005   1.00 20.34 ? 9    DG  A OP2    1 
ATOM   256 O "O5'"  . DG  A 1 9  ? -9.825  -10.332 1.963   1.00 15.17 ? 9    DG  A "O5'"  1 
ATOM   257 C "C5'"  . DG  A 1 9  ? -10.015 -11.002 0.733   1.00 14.98 ? 9    DG  A "C5'"  1 
ATOM   258 C "C4'"  . DG  A 1 9  ? -8.745  -11.666 0.301   1.00 14.39 ? 9    DG  A "C4'"  1 
ATOM   259 O "O4'"  . DG  A 1 9  ? -7.767  -10.631 0.013   1.00 14.58 ? 9    DG  A "O4'"  1 
ATOM   260 C "C3'"  . DG  A 1 9  ? -8.022  -12.533 1.299   1.00 13.82 ? 9    DG  A "C3'"  1 
ATOM   261 O "O3'"  . DG  A 1 9  ? -8.671  -13.801 1.430   1.00 15.35 ? 9    DG  A "O3'"  1 
ATOM   262 C "C2'"  . DG  A 1 9  ? -6.631  -12.631 0.727   1.00 14.29 ? 9    DG  A "C2'"  1 
ATOM   263 C "C1'"  . DG  A 1 9  ? -6.462  -11.215 0.341   1.00 15.08 ? 9    DG  A "C1'"  1 
ATOM   264 N N9     . DG  A 1 9  ? -5.909  -10.315 1.401   1.00 15.23 ? 9    DG  A N9     1 
ATOM   265 C C8     . DG  A 1 9  ? -6.572  -9.404  2.163   1.00 14.35 ? 9    DG  A C8     1 
ATOM   266 N N7     . DG  A 1 9  ? -5.740  -8.788  3.013   1.00 14.83 ? 9    DG  A N7     1 
ATOM   267 C C5     . DG  A 1 9  ? -4.512  -9.330  2.783   1.00 14.54 ? 9    DG  A C5     1 
ATOM   268 C C6     . DG  A 1 9  ? -3.276  -9.081  3.361   1.00 14.58 ? 9    DG  A C6     1 
ATOM   269 O O6     . DG  A 1 9  ? -2.919  -8.308  4.256   1.00 15.47 ? 9    DG  A O6     1 
ATOM   270 N N1     . DG  A 1 9  ? -2.246  -9.951  2.859   1.00 14.94 ? 9    DG  A N1     1 
ATOM   271 C C2     . DG  A 1 9  ? -2.551  -10.834 1.902   1.00 15.18 ? 9    DG  A C2     1 
ATOM   272 N N2     . DG  A 1 9  ? -1.473  -11.600 1.468   1.00 16.50 ? 9    DG  A N2     1 
ATOM   273 N N3     . DG  A 1 9  ? -3.659  -11.115 1.323   1.00 15.41 ? 9    DG  A N3     1 
ATOM   274 C C4     . DG  A 1 9  ? -4.628  -10.291 1.776   1.00 13.76 ? 9    DG  A C4     1 
ATOM   275 H "H5'"  . DG  A 1 9  ? -10.296 -10.368 0.056   1.00 17.97 ? 9    DG  A "H5'"  1 
ATOM   276 H "H5''" . DG  A 1 9  ? -10.713 -11.670 0.830   1.00 17.97 ? 9    DG  A "H5''" 1 
ATOM   277 H "H4'"  . DG  A 1 9  ? -8.913  -12.185 -0.514  1.00 17.26 ? 9    DG  A "H4'"  1 
ATOM   278 H "H3'"  . DG  A 1 9  ? -7.993  -12.083 2.169   1.00 16.58 ? 9    DG  A "H3'"  1 
ATOM   279 H "H2'"  . DG  A 1 9  ? -5.981  -12.909 1.392   1.00 17.15 ? 9    DG  A "H2'"  1 
ATOM   280 H "H2''" . DG  A 1 9  ? -6.591  -13.226 -0.039  1.00 17.15 ? 9    DG  A "H2''" 1 
ATOM   281 H "H1'"  . DG  A 1 9  ? -5.885  -11.167 -0.449  1.00 18.09 ? 9    DG  A "H1'"  1 
ATOM   282 H H8     . DG  A 1 9  ? -7.484  -9.231  2.102   1.00 17.22 ? 9    DG  A H8     1 
ATOM   283 H H1     . DG  A 1 9  ? -1.445  -9.905  3.169   1.00 17.93 ? 9    DG  A H1     1 
ATOM   284 H H21    . DG  A 1 9  ? -1.587  -12.198 0.861   1.00 19.80 ? 9    DG  A H21    1 
ATOM   285 H H22    . DG  A 1 9  ? -0.693  -11.474 1.807   1.00 19.80 ? 9    DG  A H22    1 
ATOM   286 P P      . DC  A 1 10 ? -8.600  -14.596 2.799   1.00 17.15 ? 10   DC  A P      1 
ATOM   287 O OP1    . DC  A 1 10 ? -9.433  -15.793 2.547   1.00 21.96 ? 10   DC  A OP1    1 
ATOM   288 O OP2    . DC  A 1 10 ? -8.945  -13.737 3.944   1.00 19.36 ? 10   DC  A OP2    1 
ATOM   289 O "O5'"  . DC  A 1 10 ? -7.034  -14.983 2.942   1.00 14.68 ? 10   DC  A "O5'"  1 
ATOM   290 C "C5'"  . DC  A 1 10 ? -6.419  -15.852 2.008   1.00 15.85 ? 10   DC  A "C5'"  1 
ATOM   291 C "C4'"  . DC  A 1 10 ? -5.011  -16.162 2.377   1.00 15.36 ? 10   DC  A "C4'"  1 
ATOM   292 O "O4'"  . DC  A 1 10 ? -4.231  -14.929 2.258   1.00 15.67 ? 10   DC  A "O4'"  1 
ATOM   293 C "C3'"  . DC  A 1 10 ? -4.744  -16.588 3.789   1.00 15.23 ? 10   DC  A "C3'"  1 
ATOM   294 O "O3'"  . DC  A 1 10 ? -4.968  -17.995 3.955   1.00 14.96 ? 10   DC  A "O3'"  1 
ATOM   295 C "C2'"  . DC  A 1 10 ? -3.301  -16.216 3.967   1.00 15.01 ? 10   DC  A "C2'"  1 
ATOM   296 C "C1'"  . DC  A 1 10 ? -3.168  -14.947 3.233   1.00 14.04 ? 10   DC  A "C1'"  1 
ATOM   297 N N1     . DC  A 1 10 ? -3.354  -13.760 4.060   1.00 15.20 ? 10   DC  A N1     1 
ATOM   298 C C2     . DC  A 1 10 ? -2.249  -13.289 4.736   1.00 13.82 ? 10   DC  A C2     1 
ATOM   299 O O2     . DC  A 1 10 ? -1.208  -13.849 4.664   1.00 15.55 ? 10   DC  A O2     1 
ATOM   300 N N3     . DC  A 1 10 ? -2.434  -12.162 5.552   1.00 15.87 ? 10   DC  A N3     1 
ATOM   301 C C4     . DC  A 1 10 ? -3.595  -11.587 5.676   1.00 13.60 ? 10   DC  A C4     1 
ATOM   302 N N4     . DC  A 1 10 ? -3.671  -10.464 6.443   1.00 16.50 ? 10   DC  A N4     1 
ATOM   303 C C5     . DC  A 1 10 ? -4.699  -12.058 4.978   1.00 15.35 ? 10   DC  A C5     1 
ATOM   304 C C6     . DC  A 1 10 ? -4.573  -13.139 4.204   1.00 14.63 ? 10   DC  A C6     1 
ATOM   305 H "H5'"  . DC  A 1 10 ? -6.435  -15.440 1.131   1.00 19.02 ? 10   DC  A "H5'"  1 
ATOM   306 H "H5''" . DC  A 1 10 ? -6.925  -16.678 1.959   1.00 19.02 ? 10   DC  A "H5''" 1 
ATOM   307 H "H4'"  . DC  A 1 10 ? -4.654  -16.836 1.760   1.00 18.44 ? 10   DC  A "H4'"  1 
ATOM   308 H "H3'"  . DC  A 1 10 ? -5.306  -16.078 4.411   1.00 18.28 ? 10   DC  A "H3'"  1 
ATOM   309 H "HO3'" . DC  A 1 10 ? -4.316  -18.410 3.680   1.00 22.44 ? 10   DC  A "HO3'" 1 
ATOM   310 H "H2'"  . DC  A 1 10 ? -3.086  -16.098 4.906   1.00 18.01 ? 10   DC  A "H2'"  1 
ATOM   311 H "H2''" . DC  A 1 10 ? -2.719  -16.897 3.593   1.00 18.01 ? 10   DC  A "H2''" 1 
ATOM   312 H "H1'"  . DC  A 1 10 ? -2.298  -14.909 2.782   1.00 16.85 ? 10   DC  A "H1'"  1 
ATOM   313 H H41    . DC  A 1 10 ? -2.965  -10.157 6.827   1.00 19.80 ? 10   DC  A H41    1 
ATOM   314 H H42    . DC  A 1 10 ? -4.424  -10.062 6.544   1.00 19.80 ? 10   DC  A H42    1 
ATOM   315 H H5     . DC  A 1 10 ? -5.519  -11.625 5.050   1.00 18.42 ? 10   DC  A H5     1 
ATOM   316 H H6     . DC  A 1 10 ? -5.317  -13.475 3.757   1.00 17.56 ? 10   DC  A H6     1 
ATOM   317 O "O5'"  . DG  B 1 1  ? 4.816   -6.312  9.104   1.00 50.64 ? 111  DG  B "O5'"  1 
ATOM   318 C "C5'"  . DG  B 1 1  ? 6.118   -6.766  9.159   1.00 31.74 ? 111  DG  B "C5'"  1 
ATOM   319 C "C4'"  . DG  B 1 1  ? 6.257   -8.165  8.623   1.00 29.67 ? 111  DG  B "C4'"  1 
ATOM   320 O "O4'"  . DG  B 1 1  ? 5.313   -9.009  9.369   1.00 26.60 ? 111  DG  B "O4'"  1 
ATOM   321 C "C3'"  . DG  B 1 1  ? 5.918   -8.368  7.191   1.00 24.34 ? 111  DG  B "C3'"  1 
ATOM   322 O "O3'"  . DG  B 1 1  ? 7.124   -8.084  6.437   1.00 23.26 ? 111  DG  B "O3'"  1 
ATOM   323 C "C2'"  . DG  B 1 1  ? 5.463   -9.787  7.135   1.00 25.50 ? 111  DG  B "C2'"  1 
ATOM   324 C "C1'"  . DG  B 1 1  ? 4.698   -9.934  8.383   1.00 26.58 ? 111  DG  B "C1'"  1 
ATOM   325 N N9     . DG  B 1 1  ? 3.249   -9.561  8.422   1.00 22.98 ? 111  DG  B N9     1 
ATOM   326 C C8     . DG  B 1 1  ? 2.654   -8.538  9.236   1.00 23.62 ? 111  DG  B C8     1 
ATOM   327 N N7     . DG  B 1 1  ? 1.337   -8.520  9.068   1.00 22.93 ? 111  DG  B N7     1 
ATOM   328 C C5     . DG  B 1 1  ? 1.100   -9.566  8.134   1.00 19.49 ? 111  DG  B C5     1 
ATOM   329 C C6     . DG  B 1 1  ? -0.165  -9.986  7.632   1.00 19.46 ? 111  DG  B C6     1 
ATOM   330 O O6     . DG  B 1 1  ? -1.311  -9.554  7.822   1.00 19.36 ? 111  DG  B O6     1 
ATOM   331 N N1     . DG  B 1 1  ? 0.040   -11.082 6.753   1.00 17.64 ? 111  DG  B N1     1 
ATOM   332 C C2     . DG  B 1 1  ? 1.237   -11.690 6.453   1.00 16.61 ? 111  DG  B C2     1 
ATOM   333 N N2     . DG  B 1 1  ? 1.255   -12.720 5.580   1.00 15.97 ? 111  DG  B N2     1 
ATOM   334 N N3     . DG  B 1 1  ? 2.341   -11.227 6.958   1.00 18.44 ? 111  DG  B N3     1 
ATOM   335 C C4     . DG  B 1 1  ? 2.237   -10.216 7.775   1.00 19.43 ? 111  DG  B C4     1 
ATOM   336 H "H5'"  . DG  B 1 1  ? 6.424   -6.746  10.079  1.00 38.09 ? 111  DG  B "H5'"  1 
ATOM   337 H "H5''" . DG  B 1 1  ? 6.686   -6.171  8.644   1.00 38.09 ? 111  DG  B "H5''" 1 
ATOM   338 H "H4'"  . DG  B 1 1  ? 7.170   -8.484  8.785   1.00 35.60 ? 111  DG  B "H4'"  1 
ATOM   339 H "H3'"  . DG  B 1 1  ? 5.195   -7.765  6.920   1.00 29.21 ? 111  DG  B "H3'"  1 
ATOM   340 H "H2'"  . DG  B 1 1  ? 4.904   -9.946  6.359   1.00 30.60 ? 111  DG  B "H2'"  1 
ATOM   341 H "H2''" . DG  B 1 1  ? 6.218   -10.397 7.114   1.00 30.60 ? 111  DG  B "H2''" 1 
ATOM   342 H "H1'"  . DG  B 1 1  ? 4.796   -10.853 8.708   1.00 31.89 ? 111  DG  B "H1'"  1 
ATOM   343 H H8     . DG  B 1 1  ? 3.125   -7.969  9.802   1.00 28.35 ? 111  DG  B H8     1 
ATOM   344 H H1     . DG  B 1 1  ? -0.659  -11.399 6.368   1.00 21.17 ? 111  DG  B H1     1 
ATOM   345 H H21    . DG  B 1 1  ? 2.003   -13.078 5.353   1.00 19.17 ? 111  DG  B H21    1 
ATOM   346 H H22    . DG  B 1 1  ? 0.518   -13.018 5.252   1.00 19.17 ? 111  DG  B H22    1 
ATOM   347 H "HO5'" . DG  B 1 1  ? 4.811   -5.523  8.878   1.00 75.97 ? 111  DG  B "HO5'" 1 
ATOM   348 P P      . DC  B 1 2  ? 6.919   -7.404  4.996   1.00 25.60 ? 112  DC  B P      1 
ATOM   349 O OP1    . DC  B 1 2  ? 8.306   -7.267  4.470   1.00 32.53 ? 112  DC  B OP1    1 
ATOM   350 O OP2    . DC  B 1 2  ? 5.988   -6.273  5.137   1.00 24.94 ? 112  DC  B OP2    1 
ATOM   351 O "O5'"  . DC  B 1 2  ? 6.193   -8.503  4.077   1.00 20.51 ? 112  DC  B "O5'"  1 
ATOM   352 C "C5'"  . DC  B 1 2  ? 6.864   -9.704  3.741   1.00 21.76 ? 112  DC  B "C5'"  1 
ATOM   353 C "C4'"  . DC  B 1 2  ? 5.985   -10.612 2.967   1.00 18.87 ? 112  DC  B "C4'"  1 
ATOM   354 O "O4'"  . DC  B 1 2  ? 4.913   -11.084 3.882   1.00 20.01 ? 112  DC  B "O4'"  1 
ATOM   355 C "C3'"  . DC  B 1 2  ? 5.249   -10.032 1.786   1.00 19.57 ? 112  DC  B "C3'"  1 
ATOM   356 O "O3'"  . DC  B 1 2  ? 6.166   -9.973  0.643   1.00 19.89 ? 112  DC  B "O3'"  1 
ATOM   357 C "C2'"  . DC  B 1 2  ? 4.112   -10.970 1.660   1.00 18.71 ? 112  DC  B "C2'"  1 
ATOM   358 C "C1'"  . DC  B 1 2  ? 3.715   -11.197 3.073   1.00 17.47 ? 112  DC  B "C1'"  1 
ATOM   359 N N1     . DC  B 1 2  ? 2.713   -10.213 3.597   1.00 15.96 ? 112  DC  B N1     1 
ATOM   360 C C2     . DC  B 1 2  ? 1.378   -10.401 3.348   1.00 15.42 ? 112  DC  B C2     1 
ATOM   361 O O2     . DC  B 1 2  ? 1.097   -11.363 2.604   1.00 16.08 ? 112  DC  B O2     1 
ATOM   362 N N3     . DC  B 1 2  ? 0.435   -9.562  3.769   1.00 15.87 ? 112  DC  B N3     1 
ATOM   363 C C4     . DC  B 1 2  ? 0.752   -8.534  4.580   1.00 15.65 ? 112  DC  B C4     1 
ATOM   364 N N4     . DC  B 1 2  ? -0.221  -7.772  4.964   1.00 18.26 ? 112  DC  B N4     1 
ATOM   365 C C5     . DC  B 1 2  ? 2.104   -8.230  4.883   1.00 17.23 ? 112  DC  B C5     1 
ATOM   366 C C6     . DC  B 1 2  ? 2.996   -9.147  4.376   1.00 17.05 ? 112  DC  B C6     1 
ATOM   367 H "H5'"  . DC  B 1 2  ? 7.153   -10.149 4.553   1.00 26.11 ? 112  DC  B "H5'"  1 
ATOM   368 H "H5''" . DC  B 1 2  ? 7.653   -9.495  3.217   1.00 26.11 ? 112  DC  B "H5''" 1 
ATOM   369 H "H4'"  . DC  B 1 2  ? 6.509   -11.383 2.667   1.00 22.65 ? 112  DC  B "H4'"  1 
ATOM   370 H "H3'"  . DC  B 1 2  ? 4.923   -9.135  2.002   1.00 23.49 ? 112  DC  B "H3'"  1 
ATOM   371 H "H2'"  . DC  B 1 2  ? 3.387   -10.575 1.151   1.00 22.45 ? 112  DC  B "H2'"  1 
ATOM   372 H "H2''" . DC  B 1 2  ? 4.386   -11.798 1.236   1.00 22.45 ? 112  DC  B "H2''" 1 
ATOM   373 H "H1'"  . DC  B 1 2  ? 3.352   -12.102 3.163   1.00 20.96 ? 112  DC  B "H1'"  1 
ATOM   374 H H41    . DC  B 1 2  ? -1.024  -7.933  4.700   1.00 21.91 ? 112  DC  B H41    1 
ATOM   375 H H42    . DC  B 1 2  ? -0.065  -7.104  5.482   1.00 21.91 ? 112  DC  B H42    1 
ATOM   376 H H5     . DC  B 1 2  ? 2.362   -7.484  5.375   1.00 20.67 ? 112  DC  B H5     1 
ATOM   377 H H6     . DC  B 1 2  ? 3.890   -9.018  4.593   1.00 20.45 ? 112  DC  B H6     1 
ATOM   378 P P      . DG  B 1 3  ? 5.911   -8.723  -0.408  1.00 22.85 ? 113  DG  B P      1 
ATOM   379 O OP1    . DG  B 1 3  ? 6.982   -8.888  -1.404  1.00 29.90 ? 113  DG  B OP1    1 
ATOM   380 O OP2    . DG  B 1 3  ? 5.864   -7.478  0.401   1.00 31.31 ? 113  DG  B OP2    1 
ATOM   381 O "O5'"  . DG  B 1 3  ? 4.506   -9.047  -1.027  1.00 18.70 ? 113  DG  B "O5'"  1 
ATOM   382 C "C5'"  . DG  B 1 3  ? 4.272   -10.167 -1.853  1.00 19.99 ? 113  DG  B "C5'"  1 
ATOM   383 C "C4'"  . DG  B 1 3  ? 2.841   -10.289 -2.172  1.00 18.61 ? 113  DG  B "C4'"  1 
ATOM   384 O "O4'"  . DG  B 1 3  ? 2.090   -10.442 -0.898  1.00 20.05 ? 113  DG  B "O4'"  1 
ATOM   385 C "C3'"  . DG  B 1 3  ? 2.155   -9.114  -2.779  1.00 17.52 ? 113  DG  B "C3'"  1 
ATOM   386 O "O3'"  . DG  B 1 3  ? 2.537   -8.987  -4.149  1.00 18.01 ? 113  DG  B "O3'"  1 
ATOM   387 C "C2'"  . DG  B 1 3  ? 0.716   -9.491  -2.582  1.00 18.75 ? 113  DG  B "C2'"  1 
ATOM   388 C "C1'"  . DG  B 1 3  ? 0.737   -9.971  -1.177  1.00 17.31 ? 113  DG  B "C1'"  1 
ATOM   389 N N9     . DG  B 1 3  ? 0.440   -8.928  -0.194  1.00 17.58 ? 113  DG  B N9     1 
ATOM   390 C C8     . DG  B 1 3  ? 1.226   -8.219  0.712   1.00 16.02 ? 113  DG  B C8     1 
ATOM   391 N N7     . DG  B 1 3  ? 0.637   -7.324  1.396   1.00 17.50 ? 113  DG  B N7     1 
ATOM   392 C C5     . DG  B 1 3  ? -0.702  -7.404  0.983   1.00 15.54 ? 113  DG  B C5     1 
ATOM   393 C C6     . DG  B 1 3  ? -1.846  -6.665  1.334   1.00 15.48 ? 113  DG  B C6     1 
ATOM   394 O O6     . DG  B 1 3  ? -1.909  -5.761  2.208   1.00 16.22 ? 113  DG  B O6     1 
ATOM   395 N N1     . DG  B 1 3  ? -2.962  -7.054  0.630   1.00 14.20 ? 113  DG  B N1     1 
ATOM   396 C C2     . DG  B 1 3  ? -2.962  -8.071  -0.358  1.00 14.26 ? 113  DG  B C2     1 
ATOM   397 N N2     . DG  B 1 3  ? -4.170  -8.267  -0.934  1.00 15.58 ? 113  DG  B N2     1 
ATOM   398 N N3     . DG  B 1 3  ? -1.940  -8.739  -0.723  1.00 14.82 ? 113  DG  B N3     1 
ATOM   399 C C4     . DG  B 1 3  ? -0.851  -8.384  -0.012  1.00 14.96 ? 113  DG  B C4     1 
ATOM   400 H "H5'"  . DG  B 1 3  ? 4.573   -10.971 -1.402  1.00 23.99 ? 113  DG  B "H5'"  1 
ATOM   401 H "H5''" . DG  B 1 3  ? 4.780   -10.075 -2.675  1.00 23.99 ? 113  DG  B "H5''" 1 
ATOM   402 H "H4'"  . DG  B 1 3  ? 2.696   -11.079 -2.734  1.00 22.33 ? 113  DG  B "H4'"  1 
ATOM   403 H "H3'"  . DG  B 1 3  ? 2.369   -8.296  -2.284  1.00 21.02 ? 113  DG  B "H3'"  1 
ATOM   404 H "H2'"  . DG  B 1 3  ? 0.129   -8.726  -2.689  1.00 22.50 ? 113  DG  B "H2'"  1 
ATOM   405 H "H2''" . DG  B 1 3  ? 0.445   -10.192 -3.195  1.00 22.50 ? 113  DG  B "H2''" 1 
ATOM   406 H "H1'"  . DG  B 1 3  ? 0.103   -10.711 -1.073  1.00 20.77 ? 113  DG  B "H1'"  1 
ATOM   407 H H8     . DG  B 1 3  ? 2.135   -8.392  0.811   1.00 19.23 ? 113  DG  B H8     1 
ATOM   408 H H1     . DG  B 1 3  ? -3.705  -6.655  0.798   1.00 17.04 ? 113  DG  B H1     1 
ATOM   409 H H21    . DG  B 1 3  ? -4.260  -8.852  -1.560  1.00 18.69 ? 113  DG  B H21    1 
ATOM   410 H H22    . DG  B 1 3  ? -4.850  -7.807  -0.676  1.00 18.69 ? 113  DG  B H22    1 
ATOM   411 P P      . DT  B 1 4  ? 2.541   -7.568  -4.916  1.00 19.82 ? 114  DT  B P      1 
ATOM   412 O OP1    . DT  B 1 4  ? 3.137   -7.866  -6.238  1.00 20.48 ? 114  DT  B OP1    1 
ATOM   413 O OP2    . DT  B 1 4  ? 3.082   -6.537  -4.024  1.00 19.90 ? 114  DT  B OP2    1 
ATOM   414 O "O5'"  . DT  B 1 4  ? 0.997   -7.236  -5.046  1.00 18.17 ? 114  DT  B "O5'"  1 
ATOM   415 C "C5'"  . DT  B 1 4  ? 0.192   -8.020  -5.905  1.00 19.45 ? 114  DT  B "C5'"  1 
ATOM   416 C "C4'"  . DT  B 1 4  ? -1.224  -7.518  -5.828  1.00 18.03 ? 114  DT  B "C4'"  1 
ATOM   417 O "O4'"  . DT  B 1 4  ? -1.751  -7.730  -4.467  1.00 18.42 ? 114  DT  B "O4'"  1 
ATOM   418 C "C3'"  . DT  B 1 4  ? -1.478  -6.051  -6.027  1.00 18.20 ? 114  DT  B "C3'"  1 
ATOM   419 O "O3'"  . DT  B 1 4  ? -1.328  -5.775  -7.442  1.00 21.74 ? 114  DT  B "O3'"  1 
ATOM   420 C "C2'"  . DT  B 1 4  ? -2.846  -5.905  -5.483  1.00 17.34 ? 114  DT  B "C2'"  1 
ATOM   421 C "C1'"  . DT  B 1 4  ? -2.754  -6.721  -4.237  1.00 16.06 ? 114  DT  B "C1'"  1 
ATOM   422 N N1     . DT  B 1 4  ? -2.343  -5.925  -3.077  1.00 15.18 ? 114  DT  B N1     1 
ATOM   423 C C2     . DT  B 1 4  ? -3.339  -5.139  -2.489  1.00 14.60 ? 114  DT  B C2     1 
ATOM   424 O O2     . DT  B 1 4  ? -4.481  -5.145  -2.882  1.00 16.57 ? 114  DT  B O2     1 
ATOM   425 N N3     . DT  B 1 4  ? -2.917  -4.357  -1.426  1.00 16.07 ? 114  DT  B N3     1 
ATOM   426 C C4     . DT  B 1 4  ? -1.614  -4.253  -1.003  1.00 15.33 ? 114  DT  B C4     1 
ATOM   427 O O4     . DT  B 1 4  ? -1.391  -3.469  -0.075  1.00 17.04 ? 114  DT  B O4     1 
ATOM   428 C C5     . DT  B 1 4  ? -0.618  -5.018  -1.721  1.00 16.08 ? 114  DT  B C5     1 
ATOM   429 C C7     . DT  B 1 4  ? 0.834   -4.987  -1.269  1.00 18.69 ? 114  DT  B C7     1 
ATOM   430 C C6     . DT  B 1 4  ? -1.057  -5.787  -2.631  1.00 15.48 ? 114  DT  B C6     1 
ATOM   431 H "H5'"  . DT  B 1 4  ? 0.229   -8.951  -5.635  1.00 23.34 ? 114  DT  B "H5'"  1 
ATOM   432 H "H5''" . DT  B 1 4  ? 0.518   -7.954  -6.816  1.00 23.34 ? 114  DT  B "H5''" 1 
ATOM   433 H "H4'"  . DT  B 1 4  ? -1.775  -8.023  -6.463  1.00 21.63 ? 114  DT  B "H4'"  1 
ATOM   434 H "H3'"  . DT  B 1 4  ? -0.842  -5.520  -5.503  1.00 21.83 ? 114  DT  B "H3'"  1 
ATOM   435 H "H2'"  . DT  B 1 4  ? -3.053  -4.978  -5.286  1.00 20.81 ? 114  DT  B "H2'"  1 
ATOM   436 H "H2''" . DT  B 1 4  ? -3.512  -6.259  -6.092  1.00 20.81 ? 114  DT  B "H2''" 1 
ATOM   437 H "H1'"  . DT  B 1 4  ? -3.618  -7.147  -4.058  1.00 19.27 ? 114  DT  B "H1'"  1 
ATOM   438 H H3     . DT  B 1 4  ? -3.513  -3.906  -1.001  1.00 19.29 ? 114  DT  B H3     1 
ATOM   439 H H71    . DT  B 1 4  ? 0.962   -4.262  -0.654  1.00 28.04 ? 114  DT  B H71    1 
ATOM   440 H H72    . DT  B 1 4  ? 1.404   -4.864  -2.032  1.00 28.04 ? 114  DT  B H72    1 
ATOM   441 H H73    . DT  B 1 4  ? 1.052   -5.817  -0.838  1.00 28.04 ? 114  DT  B H73    1 
ATOM   442 H H6     . DT  B 1 4  ? -0.423  -6.326  -3.048  1.00 18.57 ? 114  DT  B H6     1 
ATOM   443 P P      . DA  B 1 5  ? -0.935  -4.286  -7.932  1.00 26.67 ? 115  DA  B P      1 
ATOM   444 O OP1    . DA  B 1 5  ? -0.751  -4.428  -9.384  1.00 34.21 ? 115  DA  B OP1    1 
ATOM   445 O OP2    . DA  B 1 5  ? 0.148   -3.826  -7.049  1.00 27.75 ? 115  DA  B OP2    1 
ATOM   446 O "O5'"  . DA  B 1 5  ? -2.226  -3.437  -7.575  1.00 22.62 ? 115  DA  B "O5'"  1 
ATOM   447 C "C5'"  . DA  B 1 5  ? -3.445  -3.775  -8.187  1.00 24.73 ? 115  DA  B "C5'"  1 
ATOM   448 C "C4'"  . DA  B 1 5  ? -4.547  -2.918  -7.668  1.00 17.75 ? 115  DA  B "C4'"  1 
ATOM   449 O "O4'"  . DA  B 1 5  ? -4.717  -3.275  -6.260  1.00 18.61 ? 115  DA  B "O4'"  1 
ATOM   450 C "C3'"  . DA  B 1 5  ? -4.355  -1.419  -7.617  1.00 18.88 ? 115  DA  B "C3'"  1 
ATOM   451 O "O3'"  . DA  B 1 5  ? -4.667  -0.888  -8.910  1.00 20.95 ? 115  DA  B "O3'"  1 
ATOM   452 C "C2'"  . DA  B 1 5  ? -5.291  -0.999  -6.528  1.00 17.29 ? 115  DA  B "C2'"  1 
ATOM   453 C "C1'"  . DA  B 1 5  ? -5.104  -2.097  -5.522  1.00 18.78 ? 115  DA  B "C1'"  1 
ATOM   454 N N9     . DA  B 1 5  ? -4.051  -1.852  -4.523  1.00 15.40 ? 115  DA  B N9     1 
ATOM   455 C C8     . DA  B 1 5  ? -2.771  -2.307  -4.452  1.00 16.51 ? 115  DA  B C8     1 
ATOM   456 N N7     . DA  B 1 5  ? -2.058  -1.876  -3.423  1.00 15.32 ? 115  DA  B N7     1 
ATOM   457 C C5     . DA  B 1 5  ? -2.999  -1.081  -2.715  1.00 14.43 ? 115  DA  B C5     1 
ATOM   458 C C6     . DA  B 1 5  ? -2.912  -0.392  -1.542  1.00 14.60 ? 115  DA  B C6     1 
ATOM   459 N N6     . DA  B 1 5  ? -1.859  -0.323  -0.728  1.00 15.27 ? 115  DA  B N6     1 
ATOM   460 N N1     . DA  B 1 5  ? -4.047  0.310   -1.163  1.00 15.30 ? 115  DA  B N1     1 
ATOM   461 C C2     . DA  B 1 5  ? -5.107  0.257   -1.858  1.00 14.55 ? 115  DA  B C2     1 
ATOM   462 N N3     . DA  B 1 5  ? -5.285  -0.379  -3.022  1.00 15.05 ? 115  DA  B N3     1 
ATOM   463 C C4     . DA  B 1 5  ? -4.210  -1.113  -3.366  1.00 15.07 ? 115  DA  B C4     1 
ATOM   464 H "H5'"  . DA  B 1 5  ? -3.650  -4.707  -8.012  1.00 29.67 ? 115  DA  B "H5'"  1 
ATOM   465 H "H5''" . DA  B 1 5  ? -3.370  -3.659  -9.148  1.00 29.67 ? 115  DA  B "H5''" 1 
ATOM   466 H "H4'"  . DA  B 1 5  ? -5.373  -3.122  -8.155  1.00 21.30 ? 115  DA  B "H4'"  1 
ATOM   467 H "H3'"  . DA  B 1 5  ? -3.432  -1.202  -7.374  1.00 22.66 ? 115  DA  B "H3'"  1 
ATOM   468 H "H2'"  . DA  B 1 5  ? -5.042  -0.136  -6.160  1.00 20.75 ? 115  DA  B "H2'"  1 
ATOM   469 H "H2''" . DA  B 1 5  ? -6.207  -0.962  -6.844  1.00 20.75 ? 115  DA  B "H2''" 1 
ATOM   470 H "H1'"  . DA  B 1 5  ? -5.953  -2.265  -5.064  1.00 22.54 ? 115  DA  B "H1'"  1 
ATOM   471 H H8     . DA  B 1 5  ? -2.417  -2.886  -5.089  1.00 19.81 ? 115  DA  B H8     1 
ATOM   472 H H61    . DA  B 1 5  ? -1.135  -0.742  -0.925  1.00 18.33 ? 115  DA  B H61    1 
ATOM   473 H H62    . DA  B 1 5  ? -1.903  0.143   -0.006  1.00 18.33 ? 115  DA  B H62    1 
ATOM   474 H H2     . DA  B 1 5  ? -5.846  0.711   -1.520  1.00 17.46 ? 115  DA  B H2     1 
HETATM 475 P P      . SMT B 1 6  ? -4.096  0.537   -9.343  1.00 20.60 ? 116  SMT B P      1 
HETATM 476 O OP1    . SMT B 1 6  ? -4.509  0.689   -10.774 1.00 22.60 ? 116  SMT B OP1    1 
HETATM 477 O OP2    . SMT B 1 6  ? -2.683  0.660   -8.907  1.00 21.38 ? 116  SMT B OP2    1 
HETATM 478 O "O5'"  . SMT B 1 6  ? -4.898  1.632   -8.516  1.00 18.26 ? 116  SMT B "O5'"  1 
HETATM 479 C "C5'"  . SMT B 1 6  ? -6.262  1.934   -8.793  1.00 18.95 ? 116  SMT B "C5'"  1 
HETATM 480 C "C4'"  . SMT B 1 6  ? -6.750  2.926   -7.801  1.00 16.67 ? 116  SMT B "C4'"  1 
HETATM 481 O "O4'"  . SMT B 1 6  ? -6.733  2.305   -6.441  1.00 17.69 ? 116  SMT B "O4'"  1 
HETATM 482 C "C3'"  . SMT B 1 6  ? -5.944  4.176   -7.588  1.00 17.85 ? 116  SMT B "C3'"  1 
HETATM 483 O "O3'"  . SMT B 1 6  ? -6.192  5.082   -8.686  1.00 20.26 ? 116  SMT B "O3'"  1 
HETATM 484 C "C2'"  . SMT B 1 6  ? -6.434  4.643   -6.254  1.00 16.22 ? 116  SMT B "C2'"  1 
HETATM 485 O "O2'"  . SMT B 1 6  ? -7.717  5.210   -6.398  1.00 20.39 ? 116  SMT B "O2'"  1 
HETATM 486 C "C1'"  . SMT B 1 6  ? -6.455  3.363   -5.494  1.00 17.23 ? 116  SMT B "C1'"  1 
HETATM 487 N N1     . SMT B 1 6  ? -5.163  3.084   -4.801  1.00 15.67 ? 116  SMT B N1     1 
HETATM 488 C C2     . SMT B 1 6  ? -4.935  3.592   -3.571  1.00 14.78 ? 116  SMT B C2     1 
HETATM 489 O O2     . SMT B 1 6  ? -5.758  4.314   -3.036  1.00 16.80 ? 116  SMT B O2     1 
HETATM 490 N N3     . SMT B 1 6  ? -3.813  3.309   -2.956  1.00 15.06 ? 116  SMT B N3     1 
HETATM 491 C C4     . SMT B 1 6  ? -2.794  2.539   -3.504  1.00 15.08 ? 116  SMT B C4     1 
HETATM 492 O O4     . SMT B 1 6  ? -1.725  2.341   -2.870  1.00 16.00 ? 116  SMT B O4     1 
HETATM 493 C C5     . SMT B 1 6  ? -3.037  2.031   -4.832  1.00 15.26 ? 116  SMT B C5     1 
HETATM 494 C C5A    . SMT B 1 6  ? -1.981  1.199   -5.474  1.00 18.33 ? 116  SMT B C5A    1 
HETATM 495 C C6     . SMT B 1 6  ? -4.198  2.328   -5.357  1.00 15.66 ? 116  SMT B C6     1 
HETATM 496 C "CA'"  . SMT B 1 6  ? -8.284  5.729   -5.050  1.00 23.19 ? 116  SMT B "CA'"  1 
HETATM 497 C CB     . SMT B 1 6  ? -9.624  6.285   -5.664  1.00 25.60 ? 116  SMT B CB     1 
HETATM 498 S SC     . SMT B 1 6  ? -9.501  7.737   -6.628  1.00 40.09 ? 116  SMT B SC     1 
HETATM 499 C CD     . SMT B 1 6  ? -8.849  9.716   -7.047  1.00 51.16 ? 116  SMT B CD     1 
HETATM 500 H "H5'"  . SMT B 1 6  ? -6.796  1.126   -8.740  1.00 22.73 ? 116  SMT B "H5'"  1 
HETATM 501 H "H5'2" . SMT B 1 6  ? -6.344  2.296   -9.689  1.00 22.73 ? 116  SMT B "H5'2" 1 
HETATM 502 H "H4'"  . SMT B 1 6  ? -7.671  3.174   -8.026  1.00 20.01 ? 116  SMT B "H4'"  1 
HETATM 503 H "H3'"  . SMT B 1 6  ? -4.990  3.957   -7.540  1.00 21.42 ? 116  SMT B "H3'"  1 
HETATM 504 H "H1'"  . SMT B 1 6  ? -7.174  3.397   -4.829  1.00 20.67 ? 116  SMT B "H1'"  1 
HETATM 505 H H3     . SMT B 1 6  ? -3.699  3.621   -2.162  1.00 18.07 ? 116  SMT B H3     1 
HETATM 506 H H5A    . SMT B 1 6  ? -1.238  1.106   -4.875  1.00 27.50 ? 116  SMT B H5A    1 
HETATM 507 H H5A1   . SMT B 1 6  ? -1.688  1.624   -6.284  1.00 27.50 ? 116  SMT B H5A1   1 
HETATM 508 H H5A2   . SMT B 1 6  ? -2.337  0.331   -5.681  1.00 27.50 ? 116  SMT B H5A2   1 
HETATM 509 H H6     . SMT B 1 6  ? -4.373  1.982   -6.203  1.00 18.79 ? 116  SMT B H6     1 
ATOM   510 P P      . DA  B 1 7  ? -4.974  6.043   -9.150  1.00 21.54 ? 117  DA  B P      1 
ATOM   511 O OP1    . DA  B 1 7  ? -5.491  6.710   -10.379 1.00 25.11 ? 117  DA  B OP1    1 
ATOM   512 O OP2    . DA  B 1 7  ? -3.710  5.310   -9.139  1.00 21.57 ? 117  DA  B OP2    1 
ATOM   513 O "O5'"  . DA  B 1 7  ? -4.883  7.134   -7.960  1.00 22.44 ? 117  DA  B "O5'"  1 
ATOM   514 C "C5'"  . DA  B 1 7  ? -5.911  8.077   -7.763  1.00 21.99 ? 117  DA  B "C5'"  1 
ATOM   515 C "C4'"  . DA  B 1 7  ? -5.614  8.919   -6.545  1.00 20.15 ? 117  DA  B "C4'"  1 
ATOM   516 O "O4'"  . DA  B 1 7  ? -5.659  8.030   -5.382  1.00 20.07 ? 117  DA  B "O4'"  1 
ATOM   517 C "C3'"  . DA  B 1 7  ? -4.278  9.567   -6.422  1.00 19.94 ? 117  DA  B "C3'"  1 
ATOM   518 O "O3'"  . DA  B 1 7  ? -4.215  10.726  -7.298  1.00 24.76 ? 117  DA  B "O3'"  1 
ATOM   519 C "C2'"  . DA  B 1 7  ? -4.242  9.874   -4.955  1.00 18.71 ? 117  DA  B "C2'"  1 
ATOM   520 C "C1'"  . DA  B 1 7  ? -4.750  8.593   -4.384  1.00 19.32 ? 117  DA  B "C1'"  1 
ATOM   521 N N9     . DA  B 1 7  ? -3.730  7.569   -4.126  1.00 17.18 ? 117  DA  B N9     1 
ATOM   522 C C8     . DA  B 1 7  ? -3.297  6.572   -4.965  1.00 16.65 ? 117  DA  B C8     1 
ATOM   523 N N7     . DA  B 1 7  ? -2.274  5.863   -4.424  1.00 16.62 ? 117  DA  B N7     1 
ATOM   524 C C5     . DA  B 1 7  ? -2.119  6.474   -3.156  1.00 14.76 ? 117  DA  B C5     1 
ATOM   525 C C6     . DA  B 1 7  ? -1.194  6.237   -2.163  1.00 13.89 ? 117  DA  B C6     1 
ATOM   526 N N6     . DA  B 1 7  ? -0.315  5.243   -2.140  1.00 13.93 ? 117  DA  B N6     1 
ATOM   527 N N1     . DA  B 1 7  ? -1.234  7.079   -1.049  1.00 13.96 ? 117  DA  B N1     1 
ATOM   528 C C2     . DA  B 1 7  ? -2.135  8.069   -1.043  1.00 17.18 ? 117  DA  B C2     1 
ATOM   529 N N3     . DA  B 1 7  ? -3.044  8.412   -1.961  1.00 15.58 ? 117  DA  B N3     1 
ATOM   530 C C4     . DA  B 1 7  ? -2.927  7.578   -2.986  1.00 15.18 ? 117  DA  B C4     1 
ATOM   531 H "H5'"  . DA  B 1 7  ? -6.757  7.619   -7.644  1.00 26.39 ? 117  DA  B "H5'"  1 
ATOM   532 H "H5''" . DA  B 1 7  ? -5.983  8.648   -8.544  1.00 26.39 ? 117  DA  B "H5''" 1 
ATOM   533 H "H4'"  . DA  B 1 7  ? -6.311  9.602   -6.452  1.00 24.18 ? 117  DA  B "H4'"  1 
ATOM   534 H "H3'"  . DA  B 1 7  ? -3.569  8.930   -6.652  1.00 23.93 ? 117  DA  B "H3'"  1 
ATOM   535 H "H2'"  . DA  B 1 7  ? -3.341  10.067  -4.654  1.00 22.45 ? 117  DA  B "H2'"  1 
ATOM   536 H "H2''" . DA  B 1 7  ? -4.823  10.619  -4.734  1.00 22.45 ? 117  DA  B "H2''" 1 
ATOM   537 H "H1'"  . DA  B 1 7  ? -5.244  8.778   -3.558  1.00 23.18 ? 117  DA  B "H1'"  1 
ATOM   538 H H8     . DA  B 1 7  ? -3.661  6.404   -5.805  1.00 19.98 ? 117  DA  B H8     1 
ATOM   539 H H61    . DA  B 1 7  ? -0.291  4.676   -2.787  1.00 16.72 ? 117  DA  B H61    1 
ATOM   540 H H62    . DA  B 1 7  ? 0.230   5.166   -1.480  1.00 16.72 ? 117  DA  B H62    1 
ATOM   541 H H2     . DA  B 1 7  ? -2.128  8.601   -0.281  1.00 20.62 ? 117  DA  B H2     1 
ATOM   542 P P      . DC  B 1 8  ? -2.856  11.213  -7.992  1.00 25.20 ? 118  DC  B P      1 
ATOM   543 O OP1    . DC  B 1 8  ? -3.166  12.399  -8.842  1.00 30.32 ? 118  DC  B OP1    1 
ATOM   544 O OP2    . DC  B 1 8  ? -2.217  10.022  -8.597  1.00 28.59 ? 118  DC  B OP2    1 
ATOM   545 O "O5'"  . DC  B 1 8  ? -1.942  11.678  -6.751  1.00 21.85 ? 118  DC  B "O5'"  1 
ATOM   546 C "C5'"  . DC  B 1 8  ? -2.175  12.852  -6.013  1.00 21.45 ? 118  DC  B "C5'"  1 
ATOM   547 C "C4'"  . DC  B 1 8  ? -1.430  12.843  -4.735  1.00 19.86 ? 118  DC  B "C4'"  1 
ATOM   548 O "O4'"  . DC  B 1 8  ? -1.658  11.596  -3.996  1.00 17.17 ? 118  DC  B "O4'"  1 
ATOM   549 C "C3'"  . DC  B 1 8  ? 0.060   12.865  -4.892  1.00 18.67 ? 118  DC  B "C3'"  1 
ATOM   550 O "O3'"  . DC  B 1 8  ? 0.500   14.200  -5.163  1.00 26.12 ? 118  DC  B "O3'"  1 
ATOM   551 C "C2'"  . DC  B 1 8  ? 0.550   12.342  -3.568  1.00 16.98 ? 118  DC  B "C2'"  1 
ATOM   552 C "C1'"  . DC  B 1 8  ? -0.459  11.278  -3.262  1.00 17.31 ? 118  DC  B "C1'"  1 
ATOM   553 N N1     . DC  B 1 8  ? 0.029   9.948   -3.656  1.00 15.57 ? 118  DC  B N1     1 
ATOM   554 C C2     . DC  B 1 8  ? 0.899   9.286   -2.795  1.00 15.47 ? 118  DC  B C2     1 
ATOM   555 O O2     . DC  B 1 8  ? 1.203   9.861   -1.723  1.00 16.73 ? 118  DC  B O2     1 
ATOM   556 N N3     . DC  B 1 8  ? 1.438   8.091   -3.146  1.00 14.17 ? 118  DC  B N3     1 
ATOM   557 C C4     . DC  B 1 8  ? 1.111   7.580   -4.301  1.00 16.41 ? 118  DC  B C4     1 
ATOM   558 N N4     . DC  B 1 8  ? 1.627   6.378   -4.631  1.00 16.47 ? 118  DC  B N4     1 
ATOM   559 C C5     . DC  B 1 8  ? 0.260   8.213   -5.206  1.00 18.47 ? 118  DC  B C5     1 
ATOM   560 C C6     . DC  B 1 8  ? -0.268  9.373   -4.877  1.00 17.82 ? 118  DC  B C6     1 
ATOM   561 H "H5'"  . DC  B 1 8  ? -3.125  12.935  -5.831  1.00 25.74 ? 118  DC  B "H5'"  1 
ATOM   562 H "H5''" . DC  B 1 8  ? -1.902  13.621  -6.539  1.00 25.74 ? 118  DC  B "H5''" 1 
ATOM   563 H "H4'"  . DC  B 1 8  ? -1.712  13.604  -4.186  1.00 23.84 ? 118  DC  B "H4'"  1 
ATOM   564 H "H3'"  . DC  B 1 8  ? 0.333   12.264  -5.617  1.00 22.41 ? 118  DC  B "H3'"  1 
ATOM   565 H "H2'"  . DC  B 1 8  ? 1.444   11.971  -3.644  1.00 20.38 ? 118  DC  B "H2'"  1 
ATOM   566 H "H2''" . DC  B 1 8  ? 0.549   13.036  -2.891  1.00 20.38 ? 118  DC  B "H2''" 1 
ATOM   567 H "H1'"  . DC  B 1 8  ? -0.654  11.282  -2.302  1.00 20.77 ? 118  DC  B "H1'"  1 
ATOM   568 H H41    . DC  B 1 8  ? 2.155   5.973   -4.086  1.00 19.77 ? 118  DC  B H41    1 
ATOM   569 H H42    . DC  B 1 8  ? 1.429   6.018   -5.387  1.00 19.77 ? 118  DC  B H42    1 
ATOM   570 H H5     . DC  B 1 8  ? 0.069   7.822   -6.028  1.00 22.16 ? 118  DC  B H5     1 
ATOM   571 H H6     . DC  B 1 8  ? -0.841  9.806   -5.467  1.00 21.38 ? 118  DC  B H6     1 
ATOM   572 P P      . DG  B 1 9  ? 1.941   14.561  -5.755  1.00 29.42 ? 119  DG  B P      1 
ATOM   573 O OP1    . DG  B 1 9  ? 1.928   16.030  -6.020  1.00 39.87 ? 119  DG  B OP1    1 
ATOM   574 O OP2    . DG  B 1 9  ? 2.276   13.632  -6.845  1.00 37.85 ? 119  DG  B OP2    1 
ATOM   575 O "O5'"  . DG  B 1 9  ? 2.961   14.216  -4.546  1.00 30.69 ? 119  DG  B "O5'"  1 
ATOM   576 C "C5'"  . DG  B 1 9  ? 3.336   14.919  -3.480  1.00 27.95 ? 119  DG  B "C5'"  1 
ATOM   577 C "C4'"  . DG  B 1 9  ? 4.147   14.088  -2.527  1.00 18.82 ? 119  DG  B "C4'"  1 
ATOM   578 O "O4'"  . DG  B 1 9  ? 3.574   12.739  -2.459  1.00 16.21 ? 119  DG  B "O4'"  1 
ATOM   579 C "C3'"  . DG  B 1 9  ? 5.602   13.801  -2.848  1.00 15.36 ? 119  DG  B "C3'"  1 
ATOM   580 O "O3'"  . DG  B 1 9  ? 6.316   15.010  -2.576  1.00 15.89 ? 119  DG  B "O3'"  1 
ATOM   581 C "C2'"  . DG  B 1 9  ? 5.910   12.681  -1.948  1.00 15.20 ? 119  DG  B "C2'"  1 
ATOM   582 C "C1'"  . DG  B 1 9  ? 4.695   11.889  -1.990  1.00 15.07 ? 119  DG  B "C1'"  1 
ATOM   583 N N9     . DG  B 1 9  ? 4.714   10.715  -2.907  1.00 12.75 ? 119  DG  B N9     1 
ATOM   584 C C8     . DG  B 1 9  ? 3.926   10.507  -4.026  1.00 14.04 ? 119  DG  B C8     1 
ATOM   585 N N7     . DG  B 1 9  ? 4.140   9.337   -4.545  1.00 14.93 ? 119  DG  B N7     1 
ATOM   586 C C5     . DG  B 1 9  ? 5.135   8.748   -3.708  1.00 14.50 ? 119  DG  B C5     1 
ATOM   587 C C6     . DG  B 1 9  ? 5.744   7.517   -3.756  1.00 13.28 ? 119  DG  B C6     1 
ATOM   588 O O6     . DG  B 1 9  ? 5.635   6.566   -4.562  1.00 15.05 ? 119  DG  B O6     1 
ATOM   589 N N1     . DG  B 1 9  ? 6.666   7.373   -2.744  1.00 13.62 ? 119  DG  B N1     1 
ATOM   590 C C2     . DG  B 1 9  ? 6.993   8.296   -1.764  1.00 12.39 ? 119  DG  B C2     1 
ATOM   591 N N2     . DG  B 1 9  ? 7.964   7.999   -0.872  1.00 13.96 ? 119  DG  B N2     1 
ATOM   592 N N3     . DG  B 1 9  ? 6.379   9.461   -1.703  1.00 13.15 ? 119  DG  B N3     1 
ATOM   593 C C4     . DG  B 1 9  ? 5.452   9.627   -2.709  1.00 12.90 ? 119  DG  B C4     1 
ATOM   594 H "H5'"  . DG  B 1 9  ? 2.549   15.253  -3.024  1.00 33.54 ? 119  DG  B "H5'"  1 
ATOM   595 H "H5''" . DG  B 1 9  ? 3.862   15.682  -3.768  1.00 33.54 ? 119  DG  B "H5''" 1 
ATOM   596 H "H4'"  . DG  B 1 9  ? 4.098   14.495  -1.636  1.00 22.59 ? 119  DG  B "H4'"  1 
ATOM   597 H "H3'"  . DG  B 1 9  ? 5.708   13.536  -3.785  1.00 18.43 ? 119  DG  B "H3'"  1 
ATOM   598 H "H2'"  . DG  B 1 9  ? 6.671   12.172  -2.267  1.00 18.25 ? 119  DG  B "H2'"  1 
ATOM   599 H "H2''" . DG  B 1 9  ? 6.091   12.994  -1.048  1.00 18.25 ? 119  DG  B "H2''" 1 
ATOM   600 H "H1'"  . DG  B 1 9  ? 4.494   11.574  -1.085  1.00 18.09 ? 119  DG  B "H1'"  1 
ATOM   601 H H8     . DG  B 1 9  ? 3.319   11.127  -4.361  1.00 16.85 ? 119  DG  B H8     1 
ATOM   602 H H1     . DG  B 1 9  ? 7.087   6.622   -2.716  1.00 16.35 ? 119  DG  B H1     1 
ATOM   603 H H21    . DG  B 1 9  ? 8.179   8.570   -0.265  1.00 16.75 ? 119  DG  B H21    1 
ATOM   604 H H22    . DG  B 1 9  ? 8.366   7.240   -0.911  1.00 16.75 ? 119  DG  B H22    1 
ATOM   605 P P      . DC  B 1 10 ? 7.755   15.264  -3.234  1.00 17.36 ? 120  DC  B P      1 
ATOM   606 O OP1    . DC  B 1 10 ? 8.185   16.606  -2.762  1.00 22.33 ? 120  DC  B OP1    1 
ATOM   607 O OP2    . DC  B 1 10 ? 7.636   15.000  -4.667  1.00 19.32 ? 120  DC  B OP2    1 
ATOM   608 O "O5'"  . DC  B 1 10 ? 8.712   14.158  -2.613  1.00 16.79 ? 120  DC  B "O5'"  1 
ATOM   609 C "C5'"  . DC  B 1 10 ? 9.153   14.190  -1.282  1.00 15.59 ? 120  DC  B "C5'"  1 
ATOM   610 C "C4'"  . DC  B 1 10 ? 10.149  13.052  -1.091  1.00 15.01 ? 120  DC  B "C4'"  1 
ATOM   611 O "O4'"  . DC  B 1 10 ? 9.451   11.792  -1.277  1.00 15.11 ? 120  DC  B "O4'"  1 
ATOM   612 C "C3'"  . DC  B 1 10 ? 11.275  12.988  -2.043  1.00 15.88 ? 120  DC  B "C3'"  1 
ATOM   613 O "O3'"  . DC  B 1 10 ? 12.403  13.756  -1.624  1.00 19.66 ? 120  DC  B "O3'"  1 
ATOM   614 C "C2'"  . DC  B 1 10 ? 11.684  11.522  -2.061  1.00 14.00 ? 120  DC  B "C2'"  1 
ATOM   615 C "C1'"  . DC  B 1 10 ? 10.416  10.816  -1.815  1.00 13.63 ? 120  DC  B "C1'"  1 
ATOM   616 N N1     . DC  B 1 10 ? 9.745   10.241  -2.989  1.00 14.27 ? 120  DC  B N1     1 
ATOM   617 C C2     . DC  B 1 10 ? 10.103  8.967   -3.339  1.00 13.63 ? 120  DC  B C2     1 
ATOM   618 O O2     . DC  B 1 10 ? 11.030  8.399   -2.676  1.00 14.05 ? 120  DC  B O2     1 
ATOM   619 N N3     . DC  B 1 10 ? 9.505   8.315   -4.359  1.00 14.81 ? 120  DC  B N3     1 
ATOM   620 C C4     . DC  B 1 10 ? 8.576   8.921   -5.046  1.00 15.87 ? 120  DC  B C4     1 
ATOM   621 N N4     . DC  B 1 10 ? 7.932   8.290   -6.042  1.00 15.62 ? 120  DC  B N4     1 
ATOM   622 C C5     . DC  B 1 10 ? 8.188   10.310  -4.738  1.00 14.57 ? 120  DC  B C5     1 
ATOM   623 C C6     . DC  B 1 10 ? 8.824   10.900  -3.726  1.00 14.02 ? 120  DC  B C6     1 
ATOM   624 H "H5'"  . DC  B 1 10 ? 8.401   14.080  -0.679  1.00 18.71 ? 120  DC  B "H5'"  1 
ATOM   625 H "H5''" . DC  B 1 10 ? 9.578   15.041  -1.091  1.00 18.71 ? 120  DC  B "H5''" 1 
ATOM   626 H "H4'"  . DC  B 1 10 ? 10.505  13.089  -0.178  1.00 18.01 ? 120  DC  B "H4'"  1 
ATOM   627 H "H3'"  . DC  B 1 10 ? 10.983  13.270  -2.936  1.00 19.06 ? 120  DC  B "H3'"  1 
ATOM   628 H "HO3'" . DC  B 1 10 ? 12.982  13.255  -1.333  1.00 29.49 ? 120  DC  B "HO3'" 1 
ATOM   629 H "H2'"  . DC  B 1 10 ? 12.061  11.274  -2.920  1.00 16.80 ? 120  DC  B "H2'"  1 
ATOM   630 H "H2''" . DC  B 1 10 ? 12.331  11.332  -1.364  1.00 16.80 ? 120  DC  B "H2''" 1 
ATOM   631 H "H1'"  . DC  B 1 10 ? 10.565  10.111  -1.152  1.00 16.36 ? 120  DC  B "H1'"  1 
ATOM   632 H H41    . DC  B 1 10 ? 8.130   7.475   -6.234  1.00 18.75 ? 120  DC  B H41    1 
ATOM   633 H H42    . DC  B 1 10 ? 7.322   8.700   -6.488  1.00 18.75 ? 120  DC  B H42    1 
ATOM   634 H H5     . DC  B 1 10 ? 7.532   10.753  -5.226  1.00 17.48 ? 120  DC  B H5     1 
ATOM   635 H H6     . DC  B 1 10 ? 8.629   11.785  -3.522  1.00 16.83 ? 120  DC  B H6     1 
HETATM 636 O O      . HOH C 2 .  ? 11.481  6.391   0.855   1.00 19.06 ? 701  HOH A O      1 
HETATM 637 O O      . HOH C 2 .  ? -7.624  -18.648 4.036   1.00 18.36 ? 702  HOH A O      1 
HETATM 638 O O      . HOH C 2 .  ? -3.242  -13.376 -0.446  1.00 21.79 ? 704  HOH A O      1 
HETATM 639 O O      . HOH C 2 .  ? -4.859  -0.930  5.037   1.00 24.04 ? 705  HOH A O      1 
HETATM 640 O O      . HOH C 2 .  ? -6.449  -7.145  5.243   1.00 22.78 ? 707  HOH A O      1 
HETATM 641 O O      . HOH C 2 .  ? -5.693  8.088   1.826   1.00 21.38 ? 708  HOH A O      1 
HETATM 642 O O      . HOH C 2 .  ? -11.972 -14.845 1.874   1.00 23.05 ? 709  HOH A O      1 
HETATM 643 O O      . HOH C 2 .  ? -5.754  1.207   6.804   1.00 30.04 ? 710  HOH A O      1 
HETATM 644 O O      . HOH C 2 .  ? -5.184  -20.062 1.922   1.00 24.36 ? 711  HOH A O      1 
HETATM 645 O O      . HOH C 2 .  ? 1.504   4.801   5.997   1.00 20.31 ? 712  HOH A O      1 
HETATM 646 O O      . HOH C 2 .  ? 4.724   1.964   5.235   1.00 28.69 ? 714  HOH A O      1 
HETATM 647 O O      . HOH C 2 .  ? 6.976   1.078   1.171   1.00 24.90 ? 715  HOH A O      1 
HETATM 648 O O      . HOH C 2 .  ? -5.096  -3.405  5.907   1.00 28.11 ? 716  HOH A O      1 
HETATM 649 O O      . HOH C 2 .  ? -2.231  8.358   10.719  1.00 24.02 ? 718  HOH A O      1 
HETATM 650 O O      . HOH C 2 .  ? -3.716  -6.567  6.120   1.00 28.22 ? 721  HOH A O      1 
HETATM 651 O O      . HOH C 2 .  ? -9.790  -17.183 4.915   1.00 23.26 ? 722  HOH A O      1 
HETATM 652 O O      . HOH C 2 .  ? -8.415  -11.034 5.083   1.00 23.60 ? 723  HOH A O      1 
HETATM 653 O O      . HOH C 2 .  ? -8.632  -5.669  5.817   1.00 29.68 ? 724  HOH A O      1 
HETATM 654 O O      . HOH C 2 .  ? -7.753  8.538   3.773   1.00 30.28 ? 725  HOH A O      1 
HETATM 655 O O      . HOH C 2 .  ? 11.513  2.968   6.747   1.00 26.51 ? 729  HOH A O      1 
HETATM 656 O O      . HOH C 2 .  ? 4.307   1.029   1.871   1.00 35.51 ? 730  HOH A O      1 
HETATM 657 O O      . HOH C 2 .  ? 2.110   2.373   -0.200  1.00 27.48 ? 732  HOH A O      1 
HETATM 658 O O      . HOH C 2 .  ? -6.500  -9.487  6.571   1.00 24.63 ? 734  HOH A O      1 
HETATM 659 O O      . HOH C 2 .  ? -1.545  -12.769 -2.298  1.00 34.97 ? 735  HOH A O      1 
HETATM 660 O O      . HOH C 2 .  ? 3.590   3.273   -5.347  1.00 38.91 ? 737  HOH A O      1 
HETATM 661 O O      . HOH C 2 .  ? 0.357   1.732   2.969   1.00 29.37 ? 739  HOH A O      1 
HETATM 662 O O      . HOH C 2 .  ? 6.910   0.250   5.825   1.00 35.61 ? 741  HOH A O      1 
HETATM 663 O O      . HOH C 2 .  ? 10.684  -3.387  1.884   1.00 36.89 ? 745  HOH A O      1 
HETATM 664 O O      . HOH C 2 .  ? 11.757  -1.066  5.605   1.00 32.96 ? 746  HOH A O      1 
HETATM 665 O O      . HOH C 2 .  ? 3.377   2.837   9.143   1.00 44.24 ? 751  HOH A O      1 
HETATM 666 O O      . HOH C 2 .  ? -2.936  -16.289 -3.425  1.00 37.01 ? 753  HOH A O      1 
HETATM 667 O O      . HOH C 2 .  ? -0.376  4.410   9.846   1.00 34.94 ? 756  HOH A O      1 
HETATM 668 O O      . HOH C 2 .  ? -13.356 -12.822 3.183   1.00 33.84 ? 761  HOH A O      1 
HETATM 669 O O      . HOH C 2 .  ? 7.581   -1.926  -4.384  1.00 40.42 ? 762  HOH A O      1 
HETATM 670 O O      . HOH C 2 .  ? -2.241  -1.877  4.296   1.00 28.03 ? 767  HOH A O      1 
HETATM 671 O O      . HOH C 2 .  ? 5.921   1.291   -5.233  1.00 36.32 ? 771  HOH A O      1 
HETATM 672 O O      . HOH C 2 .  ? -9.103  4.546   9.354   1.00 47.16 ? 772  HOH A O      1 
HETATM 673 O O      . HOH C 2 .  ? 4.794   1.634   -1.820  1.00 25.50 ? 776  HOH A O      1 
HETATM 674 O O      . HOH C 2 .  ? -4.547  -15.891 -1.110  1.00 30.47 ? 784  HOH A O      1 
HETATM 675 O O      . HOH C 2 .  ? 6.765   -0.514  -0.808  1.00 27.08 ? 789  HOH A O      1 
HETATM 676 O O      . HOH C 2 .  ? -9.191  -17.051 0.158   1.00 32.28 ? 793  HOH A O      1 
HETATM 677 O O      . HOH C 2 .  ? -11.248 -13.383 5.362   1.00 32.31 ? 800  HOH A O      1 
HETATM 678 O O      . HOH C 2 .  ? 0.283   2.082   6.182   1.00 32.69 ? 802  HOH A O      1 
HETATM 679 O O      . HOH C 2 .  ? -0.019  -0.833  3.157   1.00 31.11 ? 806  HOH A O      1 
HETATM 680 O O      . HOH C 2 .  ? -12.350 -8.435  5.269   1.00 59.84 ? 807  HOH A O      1 
HETATM 681 O O      . HOH C 2 .  ? 2.387   9.863   10.351  1.00 32.71 ? 809  HOH A O      1 
HETATM 682 O O      . HOH C 2 .  ? 4.656   -2.022  3.142   1.00 51.42 ? 810  HOH A O      1 
HETATM 683 O O      . HOH C 2 .  ? -1.594  3.110   8.050   1.00 36.31 ? 813  HOH A O      1 
HETATM 684 O O      . HOH C 2 .  ? -13.661 -6.339  5.766   1.00 37.85 ? 814  HOH A O      1 
HETATM 685 O O      . HOH C 2 .  ? -12.687 3.816   1.877   1.00 34.13 ? 817  HOH A O      1 
HETATM 686 O O      . HOH C 2 .  ? -5.218  -17.570 -4.604  1.00 41.15 ? 818  HOH A O      1 
HETATM 687 O O      . HOH C 2 .  ? 3.999   6.452   10.531  1.00 55.36 ? 820  HOH A O      1 
HETATM 688 O O      . HOH C 2 .  ? -15.041 4.744   8.156   1.00 55.79 ? 823  HOH A O      1 
HETATM 689 O O      . HOH C 2 .  ? -10.425 7.702   4.053   1.00 45.84 ? 825  HOH A O      1 
HETATM 690 O O      . HOH C 2 .  ? 14.103  -4.184  -3.422  1.00 39.58 ? 829  HOH A O      1 
HETATM 691 O O      . HOH C 2 .  ? 12.094  -5.102  -2.136  1.00 41.73 ? 831  HOH A O      1 
HETATM 692 O O      . HOH C 2 .  ? -14.247 1.843   2.999   1.00 73.94 ? 837  HOH A O      1 
HETATM 693 O O      . HOH C 2 .  ? 3.969   -2.661  -7.144  1.00 62.73 ? 840  HOH A O      1 
HETATM 694 O O      . HOH C 2 .  ? 3.000   3.500   13.664  1.00 49.81 ? 841  HOH A O      1 
HETATM 695 O O      . HOH C 2 .  ? 7.805   -4.588  -0.233  1.00 45.92 ? 846  HOH A O      1 
HETATM 696 O O      . HOH C 2 .  ? 6.731   2.269   -7.592  1.00 46.51 ? 854  HOH A O      1 
HETATM 697 O O      . HOH C 2 .  ? -10.444 -15.751 -0.606  1.00 49.48 ? 864  HOH A O      1 
HETATM 698 O O      . HOH C 2 .  ? 2.755   -1.555  5.733   1.00 57.08 ? 869  HOH A O      1 
HETATM 699 O O      . HOH C 2 .  ? 15.198  -7.025  -4.550  1.00 63.08 ? 874  HOH A O      1 
HETATM 700 O O      . HOH C 2 .  ? -1.912  -14.782 -5.304  1.00 41.70 ? 883  HOH A O      1 
HETATM 701 O O      . HOH C 2 .  ? -8.344  -1.777  6.036   1.00 41.53 ? 884  HOH A O      1 
HETATM 702 O O      . HOH C 2 .  ? -13.741 -11.069 0.654   1.00 34.15 ? 885  HOH A O      1 
HETATM 703 O O      . HOH C 2 .  ? 0.482   3.230   12.724  1.00 68.79 ? 891  HOH A O      1 
HETATM 704 O O      . HOH C 2 .  ? -7.769  -5.768  8.921   1.00 50.39 ? 892  HOH A O      1 
HETATM 705 O O      . HOH C 2 .  ? 4.590   -1.958  -4.609  1.00 72.81 ? 896  HOH A O      1 
HETATM 706 O O      . HOH C 2 .  ? 10.562  5.600   6.816   1.00 43.82 ? 898  HOH A O      1 
HETATM 707 O O      . HOH C 2 .  ? -5.371  -0.523  9.066   1.00 57.65 ? 899  HOH A O      1 
HETATM 708 O O      . HOH C 2 .  ? 2.635   0.469   6.841   1.00 45.95 ? 900  HOH A O      1 
HETATM 709 O O      . HOH C 2 .  ? -12.109 4.161   5.935   1.00 41.56 ? 901  HOH A O      1 
HETATM 710 O O      . HOH C 2 .  ? -8.354  7.336   8.326   1.00 49.01 ? 903  HOH A O      1 
HETATM 711 O O      . HOH C 2 .  ? -3.576  -2.808  8.273   1.00 45.65 ? 906  HOH A O      1 
HETATM 712 O O      . HOH C 2 .  ? -3.116  -19.100 -3.653  1.00 57.56 ? 907  HOH A O      1 
HETATM 713 O O      . HOH C 2 .  ? -6.670  0.795   11.236  1.00 64.13 ? 908  HOH A O      1 
HETATM 714 O O      . HOH C 2 .  ? -14.306 -1.438  5.689   1.00 46.40 ? 909  HOH A O      1 
HETATM 715 O O      . HOH C 2 .  ? 0.742   6.090   11.942  1.00 40.50 ? 911  HOH A O      1 
HETATM 716 O O      . HOH C 2 .  ? 8.710   -2.471  3.115   1.00 40.68 ? 913  HOH A O      1 
HETATM 717 O O      . HOH C 2 .  ? -4.861  4.336   11.807  1.00 55.82 ? 915  HOH A O      1 
HETATM 718 O O      . HOH C 2 .  ? -11.802 -5.260  8.334   1.00 73.42 ? 916  HOH A O      1 
HETATM 719 O O      . HOH C 2 .  ? -8.781  6.338   0.479   1.00 31.22 ? 1001 HOH A O      1 
HETATM 720 O O      . HOH D 2 .  ? -6.762  -5.198  -4.359  1.00 17.58 ? 700  HOH B O      1 
HETATM 721 O O      . HOH D 2 .  ? -0.658  4.406   -6.157  1.00 22.19 ? 703  HOH B O      1 
HETATM 722 O O      . HOH D 2 .  ? -1.943  3.295   -8.312  1.00 24.63 ? 706  HOH B O      1 
HETATM 723 O O      . HOH D 2 .  ? -5.419  9.426   -0.806  1.00 27.09 ? 713  HOH B O      1 
HETATM 724 O O      . HOH D 2 .  ? 3.515   8.552   -7.113  1.00 23.78 ? 717  HOH B O      1 
HETATM 725 O O      . HOH D 2 .  ? -1.552  -4.449  4.755   1.00 29.17 ? 719  HOH B O      1 
HETATM 726 O O      . HOH D 2 .  ? 11.959  16.323  -1.682  1.00 27.59 ? 720  HOH B O      1 
HETATM 727 O O      . HOH D 2 .  ? 4.364   -5.755  -1.812  1.00 37.31 ? 726  HOH B O      1 
HETATM 728 O O      . HOH D 2 .  ? 5.991   9.666   -7.924  1.00 24.47 ? 728  HOH B O      1 
HETATM 729 O O      . HOH D 2 .  ? 5.657   12.164  -6.695  1.00 30.93 ? 731  HOH B O      1 
HETATM 730 O O      . HOH D 2 .  ? 0.625   -2.975  1.727   1.00 25.17 ? 733  HOH B O      1 
HETATM 731 O O      . HOH D 2 .  ? 0.801   1.254   -2.980  1.00 27.27 ? 736  HOH B O      1 
HETATM 732 O O      . HOH D 2 .  ? -8.336  -0.566  -3.032  1.00 35.55 ? 738  HOH B O      1 
HETATM 733 O O      . HOH D 2 .  ? 1.936   -5.217  2.683   1.00 23.97 ? 742  HOH B O      1 
HETATM 734 O O      . HOH D 2 .  ? 4.608   -5.742  2.501   1.00 35.37 ? 743  HOH B O      1 
HETATM 735 O O      . HOH D 2 .  ? -9.222  5.392   -8.937  1.00 26.57 ? 747  HOH B O      1 
HETATM 736 O O      . HOH D 2 .  ? -6.623  6.553   -1.906  1.00 42.82 ? 749  HOH B O      1 
HETATM 737 O O      . HOH D 2 .  ? 9.666   18.232  -4.235  1.00 31.86 ? 750  HOH B O      1 
HETATM 738 O O      . HOH D 2 .  ? 1.741   -4.018  -4.713  1.00 34.14 ? 763  HOH B O      1 
HETATM 739 O O      . HOH D 2 .  ? 4.258   -2.707  -0.878  1.00 80.40 ? 775  HOH B O      1 
HETATM 740 O O      . HOH D 2 .  ? 4.175   -10.440 -6.806  1.00 29.83 ? 777  HOH B O      1 
HETATM 741 O O      . HOH D 2 .  ? -4.387  2.917   -11.960 1.00 40.96 ? 778  HOH B O      1 
HETATM 742 O O      . HOH D 2 .  ? 0.550   -2.027  -3.275  1.00 27.44 ? 781  HOH B O      1 
HETATM 743 O O      . HOH D 2 .  ? 5.061   17.851  -6.168  1.00 45.49 ? 782  HOH B O      1 
HETATM 744 O O      . HOH D 2 .  ? 9.235   -10.175 -0.353  1.00 39.58 ? 787  HOH B O      1 
HETATM 745 O O      . HOH D 2 .  ? 6.132   18.675  -2.515  1.00 44.42 ? 794  HOH B O      1 
HETATM 746 O O      . HOH D 2 .  ? 7.217   -11.471 -3.484  1.00 39.04 ? 798  HOH B O      1 
HETATM 747 O O      . HOH D 2 .  ? 1.148   -5.070  5.589   1.00 40.08 ? 799  HOH B O      1 
HETATM 748 O O      . HOH D 2 .  ? 4.365   5.668   -6.729  1.00 28.77 ? 801  HOH B O      1 
HETATM 749 O O      . HOH D 2 .  ? 3.820   -6.041  -8.295  1.00 38.53 ? 803  HOH B O      1 
HETATM 750 O O      . HOH D 2 .  ? -8.859  3.350   -2.626  1.00 38.33 ? 804  HOH B O      1 
HETATM 751 O O      . HOH D 2 .  ? 1.321   9.926   -8.463  1.00 36.63 ? 805  HOH B O      1 
HETATM 752 O O      . HOH D 2 .  ? 9.859   17.852  -0.638  1.00 29.23 ? 811  HOH B O      1 
HETATM 753 O O      . HOH D 2 .  ? 6.840   14.494  -6.839  1.00 30.34 ? 815  HOH B O      1 
HETATM 754 O O      . HOH D 2 .  ? 2.944   -1.961  0.563   1.00 52.06 ? 822  HOH B O      1 
HETATM 755 O O      . HOH D 2 .  ? -7.229  10.059  -2.455  1.00 49.39 ? 828  HOH B O      1 
HETATM 756 O O      . HOH D 2 .  ? 7.765   -8.689  -8.114  1.00 48.52 ? 830  HOH B O      1 
HETATM 757 O O      . HOH D 2 .  ? 15.133  -6.258  4.746   1.00 50.93 ? 839  HOH B O      1 
HETATM 758 O O      . HOH D 2 .  ? 1.117   6.213   -8.068  1.00 50.64 ? 842  HOH B O      1 
HETATM 759 O O      . HOH D 2 .  ? -7.776  11.383  -4.574  1.00 58.80 ? 850  HOH B O      1 
HETATM 760 O O      . HOH D 2 .  ? 0.096   -5.912  9.541   1.00 68.76 ? 860  HOH B O      1 
HETATM 761 O O      . HOH D 2 .  ? 5.960   -10.356 -7.994  1.00 37.17 ? 863  HOH B O      1 
HETATM 762 O O      . HOH D 2 .  ? 4.156   16.106  -7.596  1.00 43.24 ? 867  HOH B O      1 
HETATM 763 O O      . HOH D 2 .  ? 9.960   -5.141  5.745   1.00 38.41 ? 872  HOH B O      1 
HETATM 764 O O      . HOH D 2 .  ? 12.627  -7.077  3.654   1.00 60.92 ? 873  HOH B O      1 
HETATM 765 O O      . HOH D 2 .  ? -3.646  14.889  -8.964  1.00 40.64 ? 878  HOH B O      1 
HETATM 766 O O      . HOH D 2 .  ? -1.435  7.080   -8.240  1.00 33.89 ? 882  HOH B O      1 
HETATM 767 O O      . HOH D 2 .  ? -1.399  -2.520  -11.520 1.00 52.79 ? 886  HOH B O      1 
HETATM 768 O O      . HOH D 2 .  ? -4.583  8.952   -11.640 1.00 48.86 ? 887  HOH B O      1 
HETATM 769 O O      . HOH D 2 .  ? -2.337  -7.076  8.240   1.00 37.45 ? 888  HOH B O      1 
HETATM 770 O O      . HOH D 2 .  ? 10.516  -8.973  4.425   1.00 41.37 ? 889  HOH B O      1 
HETATM 771 O O      . HOH D 2 .  ? -2.274  -10.159 -3.660  1.00 35.50 ? 890  HOH B O      1 
HETATM 772 O O      . HOH D 2 .  ? -0.250  -0.051  -9.167  1.00 45.75 ? 893  HOH B O      1 
HETATM 773 O O      . HOH D 2 .  ? 1.369   2.669   -4.685  1.00 36.74 ? 894  HOH B O      1 
HETATM 774 O O      . HOH D 2 .  ? 3.698   -5.291  6.952   1.00 51.67 ? 895  HOH B O      1 
HETATM 775 O O      . HOH D 2 .  ? -2.434  16.140  -6.137  1.00 60.21 ? 897  HOH B O      1 
HETATM 776 O O      . HOH D 2 .  ? 1.941   -4.346  10.885  1.00 47.19 ? 904  HOH B O      1 
HETATM 777 O O      . HOH D 2 .  ? 5.909   -5.952  -4.368  1.00 54.49 ? 905  HOH B O      1 
HETATM 778 O O      . HOH D 2 .  ? -2.133  9.567   -11.127 1.00 42.73 ? 910  HOH B O      1 
HETATM 779 O O      . HOH D 2 .  ? 12.475  -5.397  7.828   1.00 58.51 ? 917  HOH B O      1 
HETATM 780 O O      . HOH D 2 .  ? 8.328   -7.444  -4.221  1.00 59.50 ? 918  HOH B O      1 
HETATM 781 O O      . HOH D 2 .  ? 0.949   -0.954  -0.930  1.00 47.39 ? 919  HOH B O      1 
# 
loop_
_atom_site_anisotrop.id 
_atom_site_anisotrop.type_symbol 
_atom_site_anisotrop.pdbx_label_atom_id 
_atom_site_anisotrop.pdbx_label_alt_id 
_atom_site_anisotrop.pdbx_label_comp_id 
_atom_site_anisotrop.pdbx_label_asym_id 
_atom_site_anisotrop.pdbx_label_seq_id 
_atom_site_anisotrop.pdbx_PDB_ins_code 
_atom_site_anisotrop.U[1][1] 
_atom_site_anisotrop.U[2][2] 
_atom_site_anisotrop.U[3][3] 
_atom_site_anisotrop.U[1][2] 
_atom_site_anisotrop.U[1][3] 
_atom_site_anisotrop.U[2][3] 
_atom_site_anisotrop.pdbx_auth_seq_id 
_atom_site_anisotrop.pdbx_auth_comp_id 
_atom_site_anisotrop.pdbx_auth_asym_id 
_atom_site_anisotrop.pdbx_auth_atom_id 
1   O "O5'" . DG  A 1  ? 0.5835 0.3766 0.4560 -0.0973 -0.2250 0.0498  1   DG  A "O5'" 
2   C "C5'" . DG  A 1  ? 0.5631 0.1812 0.4270 -0.0436 -0.0907 -0.0334 1   DG  A "C5'" 
3   C "C4'" . DG  A 1  ? 0.4145 0.1600 0.3659 0.0061  -0.0101 -0.0751 1   DG  A "C4'" 
4   O "O4'" . DG  A 1  ? 0.4116 0.1875 0.2943 0.0228  0.0226  -0.0657 1   DG  A "O4'" 
5   C "C3'" . DG  A 1  ? 0.3188 0.1527 0.3242 0.0123  0.0016  -0.0045 1   DG  A "C3'" 
6   O "O3'" . DG  A 1  ? 0.2693 0.1587 0.3867 -0.0122 0.0198  0.0029  1   DG  A "O3'" 
7   C "C2'" . DG  A 1  ? 0.3666 0.1500 0.2680 -0.0031 0.0462  -0.0439 1   DG  A "C2'" 
8   C "C1'" . DG  A 1  ? 0.3102 0.1939 0.2846 0.0053  0.0260  -0.0415 1   DG  A "C1'" 
9   N N9    . DG  A 1  ? 0.3326 0.2097 0.2366 0.0071  -0.0291 -0.0401 1   DG  A N9    
10  C C8    . DG  A 1  ? 0.3652 0.2491 0.3303 0.0447  -0.0308 -0.0709 1   DG  A C8    
11  N N7    . DG  A 1  ? 0.3959 0.2316 0.3367 0.0021  -0.0750 -0.0487 1   DG  A N7    
12  C C5    . DG  A 1  ? 0.3116 0.1678 0.2264 -0.0409 -0.0251 -0.0420 1   DG  A C5    
13  C C6    . DG  A 1  ? 0.2783 0.2135 0.2635 -0.0043 0.0419  -0.0461 1   DG  A C6    
14  O O6    . DG  A 1  ? 0.2568 0.1748 0.3192 -0.0096 0.0149  -0.0701 1   DG  A O6    
15  N N1    . DG  A 1  ? 0.2726 0.1342 0.2524 -0.0073 0.0367  -0.0287 1   DG  A N1    
16  C C2    . DG  A 1  ? 0.2359 0.1492 0.2578 -0.0142 0.0767  0.0013  1   DG  A C2    
17  N N2    . DG  A 1  ? 0.2806 0.1615 0.2045 0.0128  0.0423  -0.0032 1   DG  A N2    
18  N N3    . DG  A 1  ? 0.3153 0.1646 0.2082 0.0227  0.0035  -0.0237 1   DG  A N3    
19  C C4    . DG  A 1  ? 0.3062 0.1927 0.1988 -0.0121 0.0199  0.0042  1   DG  A C4    
32  P P     . DC  A 2  ? 0.2762 0.1675 0.4146 -0.0100 0.0608  0.0148  2   DC  A P     
33  O OP1   . DC  A 2  ? 0.2737 0.1449 0.4547 0.0186  0.0288  0.0270  2   DC  A OP1   
34  O OP2   . DC  A 2  ? 0.2383 0.2046 0.3557 -0.0093 0.0026  0.0179  2   DC  A OP2   
35  O "O5'" . DC  A 2  ? 0.2369 0.1674 0.3390 0.0051  0.0220  0.0236  2   DC  A "O5'" 
36  C "C5'" . DC  A 2  ? 0.2275 0.1907 0.2992 0.0465  0.0223  0.0020  2   DC  A "C5'" 
37  C "C4'" . DC  A 2  ? 0.2557 0.1703 0.2793 0.0465  0.0413  0.0525  2   DC  A "C4'" 
38  O "O4'" . DC  A 2  ? 0.2319 0.1850 0.2860 0.0034  0.0355  0.0048  2   DC  A "O4'" 
39  C "C3'" . DC  A 2  ? 0.2269 0.1513 0.2687 0.0277  0.0544  0.0247  2   DC  A "C3'" 
40  O "O3'" . DC  A 2  ? 0.2591 0.2438 0.2777 0.0522  0.0513  0.0842  2   DC  A "O3'" 
41  C "C2'" . DC  A 2  ? 0.2155 0.2218 0.2345 0.0136  0.0495  0.0454  2   DC  A "C2'" 
42  C "C1'" . DC  A 2  ? 0.2116 0.1699 0.2386 0.0304  0.0283  -0.0064 2   DC  A "C1'" 
43  N N1    . DC  A 2  ? 0.2126 0.1309 0.2308 0.0025  0.0422  -0.0021 2   DC  A N1    
44  C C2    . DC  A 2  ? 0.2253 0.1580 0.1823 -0.0100 0.0155  0.0229  2   DC  A C2    
45  O O2    . DC  A 2  ? 0.1864 0.1575 0.2296 0.0055  -0.0072 -0.0152 2   DC  A O2    
46  N N3    . DC  A 2  ? 0.2049 0.1530 0.1741 -0.0168 0.0166  0.0025  2   DC  A N3    
47  C C4    . DC  A 2  ? 0.2308 0.1645 0.2190 -0.0235 0.0116  -0.0074 2   DC  A C4    
48  N N4    . DC  A 2  ? 0.2602 0.1398 0.2411 -0.0098 -0.0155 -0.0479 2   DC  A N4    
49  C C5    . DC  A 2  ? 0.2431 0.1636 0.2529 -0.0198 0.0208  -0.0356 2   DC  A C5    
50  C C6    . DC  A 2  ? 0.2484 0.1620 0.2373 -0.0105 0.0185  -0.0082 2   DC  A C6    
62  P P     . DG  A 3  ? 0.2438 0.2628 0.2816 0.0290  0.0587  0.0729  3   DG  A P     
63  O OP1   . DG  A 3  ? 0.3492 0.3426 0.2363 0.0869  0.0470  0.1144  3   DG  A OP1   
64  O OP2   . DG  A 3  ? 0.2345 0.3070 0.3346 -0.0238 0.0693  0.0855  3   DG  A OP2   
65  O "O5'" . DG  A 3  ? 0.2309 0.2537 0.2152 0.0137  0.0358  0.0474  3   DG  A "O5'" 
66  C "C5'" . DG  A 3  ? 0.2203 0.2349 0.2439 0.0272  0.0420  0.0616  3   DG  A "C5'" 
67  C "C4'" . DG  A 3  ? 0.2379 0.2294 0.1770 -0.0022 -0.0207 0.0493  3   DG  A "C4'" 
68  O "O4'" . DG  A 3  ? 0.2234 0.2206 0.2121 0.0371  0.0380  0.0551  3   DG  A "O4'" 
69  C "C3'" . DG  A 3  ? 0.2061 0.2324 0.1866 -0.0040 -0.0064 0.0421  3   DG  A "C3'" 
70  O "O3'" . DG  A 3  ? 0.2295 0.2385 0.1844 0.0205  -0.0262 0.0190  3   DG  A "O3'" 
71  C "C2'" . DG  A 3  ? 0.2374 0.2099 0.1508 -0.0128 0.0145  0.0079  3   DG  A "C2'" 
72  C "C1'" . DG  A 3  ? 0.2180 0.2219 0.1930 -0.0121 -0.0309 0.0331  3   DG  A "C1'" 
73  N N9    . DG  A 3  ? 0.1938 0.1861 0.1847 0.0063  0.0100  0.0321  3   DG  A N9    
74  C C8    . DG  A 3  ? 0.2371 0.1745 0.2005 0.0311  -0.0055 0.0264  3   DG  A C8    
75  N N7    . DG  A 3  ? 0.2449 0.1693 0.2120 0.0206  0.0404  0.0437  3   DG  A N7    
76  C C5    . DG  A 3  ? 0.2196 0.1852 0.1808 -0.0012 0.0179  0.0270  3   DG  A C5    
77  C C6    . DG  A 3  ? 0.1937 0.1666 0.1896 -0.0308 0.0176  0.0389  3   DG  A C6    
78  O O6    . DG  A 3  ? 0.2542 0.1756 0.1784 -0.0229 0.0252  0.0047  3   DG  A O6    
79  N N1    . DG  A 3  ? 0.2158 0.1426 0.1658 -0.0244 -0.0098 0.0052  3   DG  A N1    
80  C C2    . DG  A 3  ? 0.1811 0.1506 0.2074 -0.0175 0.0481  0.0259  3   DG  A C2    
81  N N2    . DG  A 3  ? 0.1999 0.1623 0.1725 -0.0129 0.0028  0.0073  3   DG  A N2    
82  N N3    . DG  A 3  ? 0.1738 0.1730 0.1988 0.0145  0.0008  0.0097  3   DG  A N3    
83  C C4    . DG  A 3  ? 0.1755 0.2141 0.1640 0.0266  -0.0032 0.0187  3   DG  A C4    
95  P P     . DT  A 4  ? 0.2324 0.2478 0.1825 0.0195  -0.0044 0.0178  4   DT  A P     
96  O OP1   . DT  A 4  ? 0.2475 0.3074 0.2023 0.0397  -0.0111 0.0110  4   DT  A OP1   
97  O OP2   . DT  A 4  ? 0.2774 0.2687 0.1932 0.0143  0.0186  0.0066  4   DT  A OP2   
98  O "O5'" . DT  A 4  ? 0.1909 0.2213 0.1884 0.0101  -0.0038 -0.0095 4   DT  A "O5'" 
99  C "C5'" . DT  A 4  ? 0.2208 0.2238 0.1695 -0.0182 -0.0285 0.0169  4   DT  A "C5'" 
100 C "C4'" . DT  A 4  ? 0.2318 0.2265 0.1710 -0.0043 -0.0328 -0.0188 4   DT  A "C4'" 
101 O "O4'" . DT  A 4  ? 0.2186 0.1945 0.1818 0.0093  -0.0115 -0.0186 4   DT  A "O4'" 
102 C "C3'" . DT  A 4  ? 0.2148 0.1723 0.1757 0.0162  -0.0042 -0.0321 4   DT  A "C3'" 
103 O "O3'" . DT  A 4  ? 0.2420 0.2699 0.1787 0.0124  -0.0169 -0.0607 4   DT  A "O3'" 
104 C "C2'" . DT  A 4  ? 0.2134 0.2149 0.1496 -0.0056 0.0237  -0.0055 4   DT  A "C2'" 
105 C "C1'" . DT  A 4  ? 0.1813 0.2197 0.2079 0.0080  -0.0408 -0.0235 4   DT  A "C1'" 
106 N N1    . DT  A 4  ? 0.2366 0.1655 0.1505 -0.0070 -0.0037 -0.0034 4   DT  A N1    
107 C C2    . DT  A 4  ? 0.1987 0.1618 0.1712 0.0000  -0.0058 -0.0163 4   DT  A C2    
108 O O2    . DT  A 4  ? 0.1779 0.2005 0.1775 0.0010  -0.0056 -0.0125 4   DT  A O2    
109 N N3    . DT  A 4  ? 0.2108 0.1655 0.1547 -0.0041 -0.0081 0.0036  4   DT  A N3    
110 C C4    . DT  A 4  ? 0.1907 0.1608 0.1586 -0.0279 0.0152  0.0119  4   DT  A C4    
111 O O4    . DT  A 4  ? 0.1982 0.2097 0.1445 -0.0097 0.0299  0.0059  4   DT  A O4    
112 C C5    . DT  A 4  ? 0.2015 0.1602 0.1731 -0.0113 -0.0142 0.0199  4   DT  A C5    
113 C C7    . DT  A 4  ? 0.2151 0.1694 0.2065 -0.0161 -0.0260 0.0338  4   DT  A C7    
114 C C6    . DT  A 4  ? 0.1949 0.1579 0.1687 -0.0206 -0.0020 0.0234  4   DT  A C6    
127 P P     . DA  A 5  ? 0.2461 0.3275 0.1737 0.0131  0.0161  -0.0209 5   DA  A P     
128 O OP1   . DA  A 5  ? 0.3249 0.3783 0.1424 0.0789  -0.0034 -0.0601 5   DA  A OP1   
129 O OP2   . DA  A 5  ? 0.3387 0.2950 0.1596 0.0991  0.0338  0.0235  5   DA  A OP2   
130 O "O5'" . DA  A 5  ? 0.2598 0.2929 0.1644 -0.0121 -0.0122 -0.0354 5   DA  A "O5'" 
131 C "C5'" . DA  A 5  ? 0.3004 0.2677 0.1904 -0.0690 0.0231  -0.0776 5   DA  A "C5'" 
132 C "C4'" . DA  A 5  ? 0.2644 0.2852 0.1595 -0.0494 0.0199  -0.0509 5   DA  A "C4'" 
133 O "O4'" . DA  A 5  ? 0.2649 0.2238 0.1657 -0.0267 0.0259  -0.0140 5   DA  A "O4'" 
134 C "C3'" . DA  A 5  ? 0.3115 0.2070 0.1721 -0.0373 0.0589  -0.0454 5   DA  A "C3'" 
135 O "O3'" . DA  A 5  ? 0.3470 0.2653 0.2072 -0.1003 0.1042  -0.1006 5   DA  A "O3'" 
136 C "C2'" . DA  A 5  ? 0.2623 0.2239 0.1680 -0.0546 0.0281  -0.0139 5   DA  A "C2'" 
137 C "C1'" . DA  A 5  ? 0.2266 0.2602 0.1553 -0.0386 0.0218  -0.0377 5   DA  A "C1'" 
138 N N9    . DA  A 5  ? 0.2433 0.2251 0.1334 -0.0263 -0.0223 -0.0180 5   DA  A N9    
139 C C8    . DA  A 5  ? 0.2544 0.2261 0.1311 -0.0386 -0.0133 0.0054  5   DA  A C8    
140 N N7    . DA  A 5  ? 0.2183 0.2424 0.1426 -0.0530 0.0073  0.0016  5   DA  A N7    
141 C C5    . DA  A 5  ? 0.2331 0.1947 0.1147 -0.0190 0.0134  -0.0054 5   DA  A C5    
142 C C6    . DA  A 5  ? 0.2132 0.1858 0.1400 -0.0314 0.0115  0.0029  5   DA  A C6    
143 N N6    . DA  A 5  ? 0.2375 0.1672 0.1334 -0.0257 0.0025  0.0074  5   DA  A N6    
144 N N1    . DA  A 5  ? 0.2343 0.2346 0.1411 -0.0237 -0.0078 0.0008  5   DA  A N1    
145 C C2    . DA  A 5  ? 0.2236 0.1912 0.1667 -0.0371 -0.0057 0.0119  5   DA  A C2    
146 N N3    . DA  A 5  ? 0.2303 0.2140 0.1583 -0.0174 -0.0127 -0.0145 5   DA  A N3    
147 C C4    . DA  A 5  ? 0.2320 0.2096 0.1431 -0.0594 0.0208  -0.0052 5   DA  A C4    
159 P P     . SMT A 6  ? 0.3605 0.3460 0.2111 -0.1148 0.0965  -0.0590 6   SMT A P     
160 O OP1   . SMT A 6  ? 0.5491 0.3254 0.2134 -0.1552 0.1700  -0.0790 6   SMT A OP1   
161 O OP2   . SMT A 6  ? 0.4268 0.3551 0.1997 -0.1217 0.0459  0.0379  6   SMT A OP2   
162 O "O5'" . SMT A 6  ? 0.2998 0.2757 0.2238 -0.0678 0.0863  -0.0739 6   SMT A "O5'" 
163 C "C5'" . SMT A 6  ? 0.3070 0.3113 0.3182 -0.0472 0.1107  -0.1242 6   SMT A "C5'" 
164 C "C4'" . SMT A 6  ? 0.2535 0.2604 0.3518 -0.0239 0.0704  -0.1592 6   SMT A "C4'" 
165 O "O4'" . SMT A 6  ? 0.2371 0.2622 0.2823 -0.0134 0.0634  -0.0683 6   SMT A "O4'" 
166 C "C3'" . SMT A 6  ? 0.3042 0.1844 0.2996 0.0002  0.1079  -0.0615 6   SMT A "C3'" 
167 O "O3'" . SMT A 6  ? 0.3090 0.2960 0.3174 -0.0156 0.1099  -0.1071 6   SMT A "O3'" 
168 C "C2'" . SMT A 6  ? 0.2277 0.1966 0.2717 -0.0003 0.0285  -0.0389 6   SMT A "C2'" 
169 O "O2'" . SMT A 6  ? 0.2120 0.2770 0.3767 0.0066  0.0098  -0.1065 6   SMT A "O2'" 
170 C "C1'" . SMT A 6  ? 0.2094 0.1634 0.2440 0.0003  0.0519  -0.0446 6   SMT A "C1'" 
171 N N1    . SMT A 6  ? 0.2146 0.2255 0.1523 -0.0026 0.0314  -0.0201 6   SMT A N1    
172 C C2    . SMT A 6  ? 0.1995 0.2139 0.1787 0.0026  0.0354  0.0069  6   SMT A C2    
173 O O2    . SMT A 6  ? 0.2292 0.2085 0.1998 0.0099  -0.0327 0.0059  6   SMT A O2    
174 N N3    . SMT A 6  ? 0.1996 0.1877 0.1693 0.0185  0.0246  -0.0141 6   SMT A N3    
175 C C4    . SMT A 6  ? 0.2099 0.1819 0.1923 -0.0331 0.0290  0.0397  6   SMT A C4    
176 O O4    . SMT A 6  ? 0.2199 0.2175 0.1836 -0.0028 0.0084  0.0303  6   SMT A O4    
177 C C5    . SMT A 6  ? 0.2306 0.1720 0.1533 -0.0094 0.0210  0.0144  6   SMT A C5    
178 C C5A   . SMT A 6  ? 0.2490 0.2914 0.1977 -0.0766 -0.0419 0.0559  6   SMT A C5A   
179 C C6    . SMT A 6  ? 0.2568 0.1850 0.1497 -0.0377 0.0108  -0.0171 6   SMT A C6    
180 C "CA'" . SMT A 6  ? 0.2707 0.2958 0.4133 0.0254  -0.0255 -0.1617 6   SMT A "CA'" 
191 P P     . DA  A 7  ? 0.3203 0.3279 0.2554 -0.0928 0.1074  -0.0736 7   DA  A P     
192 O OP1   . DA  A 7  ? 0.3531 0.4736 0.3836 -0.1817 0.1874  -0.2092 7   DA  A OP1   
193 O OP2   . DA  A 7  ? 0.3783 0.3776 0.1921 -0.1116 0.0704  -0.0426 7   DA  A OP2   
194 O "O5'" . DA  A 7  ? 0.2351 0.2568 0.2642 -0.0060 0.0774  -0.0604 7   DA  A "O5'" 
195 C "C5'" . DA  A 7  ? 0.2535 0.1917 0.2898 -0.0055 0.0555  -0.0111 7   DA  A "C5'" 
196 C "C4'" . DA  A 7  ? 0.2539 0.2333 0.2210 -0.0264 0.0457  -0.0534 7   DA  A "C4'" 
197 O "O4'" . DA  A 7  ? 0.2510 0.2236 0.2262 0.0325  0.0540  0.0011  7   DA  A "O4'" 
198 C "C3'" . DA  A 7  ? 0.3136 0.2432 0.1919 -0.0381 0.0705  -0.0212 7   DA  A "C3'" 
199 O "O3'" . DA  A 7  ? 0.3403 0.2217 0.2168 0.0436  0.0841  -0.0207 7   DA  A "O3'" 
200 C "C2'" . DA  A 7  ? 0.2031 0.2272 0.2053 0.0123  0.0534  0.0180  7   DA  A "C2'" 
201 C "C1'" . DA  A 7  ? 0.2265 0.2083 0.2409 0.0047  0.0371  0.0095  7   DA  A "C1'" 
202 N N9    . DA  A 7  ? 0.2322 0.1814 0.1816 -0.0048 0.0197  -0.0181 7   DA  A N9    
203 C C8    . DA  A 7  ? 0.2337 0.1911 0.1856 -0.0112 0.0210  -0.0042 7   DA  A C8    
204 N N7    . DA  A 7  ? 0.2369 0.2413 0.1853 -0.0273 0.0657  -0.0046 7   DA  A N7    
205 C C5    . DA  A 7  ? 0.2386 0.1665 0.1529 -0.0221 0.0506  0.0003  7   DA  A C5    
206 C C6    . DA  A 7  ? 0.2187 0.1774 0.1689 0.0138  0.0570  0.0295  7   DA  A C6    
207 N N6    . DA  A 7  ? 0.2399 0.2262 0.1885 0.0017  0.0398  -0.0098 7   DA  A N6    
208 N N1    . DA  A 7  ? 0.2339 0.1664 0.1632 0.0054  0.0275  0.0068  7   DA  A N1    
209 C C2    . DA  A 7  ? 0.2379 0.1793 0.2091 0.0035  0.0613  0.0131  7   DA  A C2    
210 N N3    . DA  A 7  ? 0.2283 0.1992 0.1541 0.0183  0.0279  -0.0080 7   DA  A N3    
211 C C4    . DA  A 7  ? 0.2302 0.1584 0.1897 0.0035  0.0401  0.0300  7   DA  A C4    
223 P P     . DC  A 8  ? 0.3765 0.2394 0.2604 -0.0107 0.1231  -0.0065 8   DC  A P     
224 O OP1   . DC  A 8  ? 0.4122 0.2465 0.4549 0.0429  0.2211  -0.0288 8   DC  A OP1   
225 O OP2   . DC  A 8  ? 0.6066 0.2774 0.2299 -0.0368 -0.0219 -0.0429 8   DC  A OP2   
226 O "O5'" . DC  A 8  ? 0.2949 0.2053 0.2025 0.0274  0.0435  0.0153  8   DC  A "O5'" 
227 C "C5'" . DC  A 8  ? 0.2544 0.2626 0.2414 0.0236  0.0631  0.0226  8   DC  A "C5'" 
228 C "C4'" . DC  A 8  ? 0.1920 0.2054 0.2300 0.0309  0.0604  0.0355  8   DC  A "C4'" 
229 O "O4'" . DC  A 8  ? 0.2154 0.1765 0.2009 0.0451  0.0270  0.0119  8   DC  A "O4'" 
230 C "C3'" . DC  A 8  ? 0.2135 0.1845 0.1891 0.0291  0.0122  -0.0064 8   DC  A "C3'" 
231 O "O3'" . DC  A 8  ? 0.2028 0.1811 0.2080 0.0179  0.0114  0.0011  8   DC  A "O3'" 
232 C "C2'" . DC  A 8  ? 0.1978 0.1630 0.1641 0.0477  0.0017  0.0212  8   DC  A "C2'" 
233 C "C1'" . DC  A 8  ? 0.1856 0.1739 0.1671 0.0442  0.0239  0.0249  8   DC  A "C1'" 
234 N N1    . DC  A 8  ? 0.2129 0.1949 0.1221 0.0281  0.0264  -0.0046 8   DC  A N1    
235 C C2    . DC  A 8  ? 0.2071 0.2028 0.1399 0.0381  0.0234  0.0292  8   DC  A C2    
236 O O2    . DC  A 8  ? 0.1913 0.2206 0.1486 0.0210  0.0342  -0.0085 8   DC  A O2    
237 N N3    . DC  A 8  ? 0.2242 0.1741 0.1793 0.0051  0.0199  0.0054  8   DC  A N3    
238 C C4    . DC  A 8  ? 0.2340 0.2131 0.1773 0.0147  -0.0044 0.0094  8   DC  A C4    
239 N N4    . DC  A 8  ? 0.2600 0.2072 0.1849 0.0161  0.0048  -0.0242 8   DC  A N4    
240 C C5    . DC  A 8  ? 0.2685 0.1991 0.1494 0.0461  -0.0105 -0.0216 8   DC  A C5    
241 C C6    . DC  A 8  ? 0.2338 0.1867 0.1717 0.0199  0.0022  0.0081  8   DC  A C6    
253 P P     . DG  A 9  ? 0.2427 0.2090 0.1951 0.0104  0.0212  0.0315  9   DG  A P     
254 O OP1   . DG  A 9  ? 0.2296 0.2220 0.2899 0.0086  0.0501  0.0083  9   DG  A OP1   
255 O OP2   . DG  A 9  ? 0.3459 0.2519 0.1748 0.0056  0.0011  0.0145  9   DG  A OP2   
256 O "O5'" . DG  A 9  ? 0.2094 0.2060 0.1610 0.0442  0.0099  0.0181  9   DG  A "O5'" 
257 C "C5'" . DG  A 9  ? 0.2008 0.1929 0.1754 0.0200  -0.0224 0.0006  9   DG  A "C5'" 
258 C "C4'" . DG  A 9  ? 0.1737 0.1807 0.1921 0.0263  -0.0338 0.0072  9   DG  A "C4'" 
259 O "O4'" . DG  A 9  ? 0.1792 0.2017 0.1732 0.0213  -0.0098 0.0071  9   DG  A "O4'" 
260 C "C3'" . DG  A 9  ? 0.1771 0.1775 0.1703 -0.0057 -0.0105 -0.0313 9   DG  A "C3'" 
261 O "O3'" . DG  A 9  ? 0.1895 0.2067 0.1871 -0.0229 -0.0147 0.0146  9   DG  A "O3'" 
262 C "C2'" . DG  A 9  ? 0.1842 0.1495 0.2093 0.0126  -0.0039 0.0203  9   DG  A "C2'" 
263 C "C1'" . DG  A 9  ? 0.1561 0.2396 0.1772 0.0379  0.0223  0.0172  9   DG  A "C1'" 
264 N N9    . DG  A 9  ? 0.2057 0.1694 0.2037 0.0225  -0.0368 0.0277  9   DG  A N9    
265 C C8    . DG  A 9  ? 0.1824 0.1524 0.2104 -0.0016 -0.0359 0.0235  9   DG  A C8    
266 N N7    . DG  A 9  ? 0.2055 0.1709 0.1871 0.0381  0.0019  0.0261  9   DG  A N7    
267 C C5    . DG  A 9  ? 0.1621 0.1647 0.2256 0.0148  0.0013  0.0657  9   DG  A C5    
268 C C6    . DG  A 9  ? 0.2110 0.1661 0.1770 -0.0081 -0.0190 0.0462  9   DG  A C6    
269 O O6    . DG  A 9  ? 0.1871 0.1979 0.2028 0.0009  -0.0098 0.0316  9   DG  A O6    
270 N N1    . DG  A 9  ? 0.1909 0.1818 0.1949 -0.0078 -0.0091 0.0448  9   DG  A N1    
271 C C2    . DG  A 9  ? 0.1855 0.2322 0.1591 0.0441  0.0085  0.0570  9   DG  A C2    
272 N N2    . DG  A 9  ? 0.1857 0.1939 0.2475 -0.0139 -0.0135 0.0338  9   DG  A N2    
273 N N3    . DG  A 9  ? 0.1644 0.1944 0.2267 -0.0030 -0.0016 0.0457  9   DG  A N3    
274 C C4    . DG  A 9  ? 0.1626 0.1714 0.1888 0.0061  0.0157  0.0519  9   DG  A C4    
286 P P     . DC  A 10 ? 0.2094 0.2223 0.2200 -0.0040 0.0211  0.0368  10  DC  A P     
287 O OP1   . DC  A 10 ? 0.2170 0.2616 0.3558 -0.0564 0.0041  0.0696  10  DC  A OP1   
288 O OP2   . DC  A 10 ? 0.2578 0.2948 0.1832 0.0518  0.0591  0.0208  10  DC  A OP2   
289 O "O5'" . DC  A 10 ? 0.1961 0.1862 0.1754 0.0010  -0.0107 0.0097  10  DC  A "O5'" 
290 C "C5'" . DC  A 10 ? 0.2338 0.1840 0.1844 0.0092  -0.0282 0.0261  10  DC  A "C5'" 
291 C "C4'" . DC  A 10 ? 0.2518 0.1523 0.1796 0.0155  0.0061  0.0351  10  DC  A "C4'" 
292 O "O4'" . DC  A 10 ? 0.2130 0.1972 0.1853 0.0231  0.0048  0.0243  10  DC  A "O4'" 
293 C "C3'" . DC  A 10 ? 0.2053 0.1529 0.2206 0.0426  -0.0291 -0.0020 10  DC  A "C3'" 
294 O "O3'" . DC  A 10 ? 0.2417 0.1451 0.1815 0.0295  -0.0032 0.0299  10  DC  A "O3'" 
295 C "C2'" . DC  A 10 ? 0.1704 0.1882 0.2117 -0.0013 -0.0062 0.0301  10  DC  A "C2'" 
296 C "C1'" . DC  A 10 ? 0.2280 0.1508 0.1549 0.0284  -0.0039 0.0091  10  DC  A "C1'" 
297 N N1    . DC  A 10 ? 0.1987 0.1905 0.1883 0.0303  -0.0087 0.0329  10  DC  A N1    
298 C C2    . DC  A 10 ? 0.1820 0.1617 0.1813 0.0294  0.0341  0.0399  10  DC  A C2    
299 O O2    . DC  A 10 ? 0.2003 0.1815 0.2091 0.0230  0.0153  -0.0003 10  DC  A O2    
300 N N3    . DC  A 10 ? 0.2428 0.1750 0.1851 0.0130  0.0076  0.0143  10  DC  A N3    
301 C C4    . DC  A 10 ? 0.1823 0.1391 0.1953 0.0219  0.0254  0.0295  10  DC  A C4    
302 N N4    . DC  A 10 ? 0.2553 0.1680 0.2039 0.0171  0.0421  0.0211  10  DC  A N4    
303 C C5    . DC  A 10 ? 0.2317 0.1866 0.1650 0.0154  0.0171  0.0357  10  DC  A C5    
304 C C6    . DC  A 10 ? 0.2100 0.1717 0.1743 0.0074  0.0133  0.0149  10  DC  A C6    
317 O "O5'" . DG  B 1  ? 0.3803 0.7538 0.7902 -0.0104 -0.1431 -0.3037 111 DG  B "O5'" 
318 C "C5'" . DG  B 1  ? 0.3356 0.3881 0.4824 -0.1230 -0.0784 -0.1148 111 DG  B "C5'" 
319 C "C4'" . DG  B 1  ? 0.3845 0.3567 0.3862 -0.1504 -0.0894 -0.0507 111 DG  B "C4'" 
320 O "O4'" . DG  B 1  ? 0.3240 0.3775 0.3089 -0.0919 -0.0654 -0.0206 111 DG  B "O4'" 
321 C "C3'" . DG  B 1  ? 0.2566 0.2914 0.3768 -0.1007 -0.1113 0.0009  111 DG  B "C3'" 
322 O "O3'" . DG  B 1  ? 0.2160 0.2710 0.3966 -0.0572 -0.0873 -0.0396 111 DG  B "O3'" 
323 C "C2'" . DG  B 1  ? 0.3113 0.3446 0.3129 -0.1212 -0.0696 0.0201  111 DG  B "C2'" 
324 C "C1'" . DG  B 1  ? 0.2887 0.3904 0.3308 -0.1133 -0.0296 -0.0210 111 DG  B "C1'" 
325 N N9    . DG  B 1  ? 0.2866 0.3047 0.2817 -0.0835 -0.0415 0.0228  111 DG  B N9    
326 C C8    . DG  B 1  ? 0.3185 0.2776 0.3015 -0.1045 -0.0504 -0.0109 111 DG  B C8    
327 N N7    . DG  B 1  ? 0.3121 0.3114 0.2478 -0.0678 -0.0133 -0.0664 111 DG  B N7    
328 C C5    . DG  B 1  ? 0.2752 0.2943 0.1709 -0.0444 0.0261  -0.0485 111 DG  B C5    
329 C C6    . DG  B 1  ? 0.2750 0.2790 0.1854 -0.0136 0.0198  -0.0120 111 DG  B C6    
330 O O6    . DG  B 1  ? 0.2585 0.2039 0.2733 -0.0105 0.0280  -0.0323 111 DG  B O6    
331 N N1    . DG  B 1  ? 0.2207 0.2120 0.2375 -0.0186 0.0006  -0.0299 111 DG  B N1    
332 C C2    . DG  B 1  ? 0.2003 0.2470 0.1837 -0.0229 -0.0195 0.0236  111 DG  B C2    
333 N N2    . DG  B 1  ? 0.1962 0.2215 0.1891 -0.0005 0.0249  0.0087  111 DG  B N2    
334 N N3    . DG  B 1  ? 0.2383 0.2435 0.2186 -0.0045 -0.0110 0.0146  111 DG  B N3    
335 C C4    . DG  B 1  ? 0.2904 0.2479 0.1999 -0.0547 0.0104  -0.0127 111 DG  B C4    
348 P P     . DC  B 2  ? 0.2581 0.2799 0.4347 -0.0718 -0.0741 0.0169  112 DC  B P     
349 O OP1   . DC  B 2  ? 0.2443 0.3827 0.6090 -0.1121 0.0061  -0.0773 112 DC  B OP1   
350 O OP2   . DC  B 2  ? 0.3023 0.2212 0.4242 -0.0483 -0.0007 -0.0391 112 DC  B OP2   
351 O "O5'" . DC  B 2  ? 0.2273 0.2293 0.3228 -0.0417 -0.0617 -0.0385 112 DC  B "O5'" 
352 C "C5'" . DC  B 2  ? 0.2525 0.1981 0.3762 -0.0655 -0.0166 0.0338  112 DC  B "C5'" 
353 C "C4'" . DC  B 2  ? 0.2030 0.2047 0.3094 -0.0217 -0.0201 -0.0085 112 DC  B "C4'" 
354 O "O4'" . DC  B 2  ? 0.2212 0.2073 0.3319 -0.0169 -0.0572 0.0382  112 DC  B "O4'" 
355 C "C3'" . DC  B 2  ? 0.1757 0.2269 0.3410 -0.0079 0.0371  0.0263  112 DC  B "C3'" 
356 O "O3'" . DC  B 2  ? 0.2036 0.2781 0.2740 0.0053  0.0034  0.0256  112 DC  B "O3'" 
357 C "C2'" . DC  B 2  ? 0.2040 0.2428 0.2642 -0.0144 0.0060  -0.0197 112 DC  B "C2'" 
358 C "C1'" . DC  B 2  ? 0.2070 0.1919 0.2647 -0.0184 -0.0522 0.0283  112 DC  B "C1'" 
359 N N1    . DC  B 2  ? 0.1599 0.1892 0.2571 -0.0143 -0.0060 -0.0317 112 DC  B N1    
360 C C2    . DC  B 2  ? 0.1960 0.1583 0.2318 0.0050  0.0080  0.0117  112 DC  B C2    
361 O O2    . DC  B 2  ? 0.1588 0.2249 0.2272 -0.0154 0.0074  0.0325  112 DC  B O2    
362 N N3    . DC  B 2  ? 0.1876 0.1817 0.2335 -0.0151 -0.0184 0.0448  112 DC  B N3    
363 C C4    . DC  B 2  ? 0.2105 0.1590 0.2251 -0.0185 -0.0218 -0.0122 112 DC  B C4    
364 N N4    . DC  B 2  ? 0.2321 0.1680 0.2936 -0.0073 -0.0530 -0.0036 112 DC  B N4    
365 C C5    . DC  B 2  ? 0.2160 0.1855 0.2530 -0.0200 0.0026  0.0023  112 DC  B C5    
366 C C6    . DC  B 2  ? 0.2117 0.2205 0.2154 -0.0344 -0.0358 0.0106  112 DC  B C6    
378 P P     . DG  B 3  ? 0.2375 0.3205 0.3103 -0.0440 0.0113  0.0462  113 DG  B P     
379 O OP1   . DG  B 3  ? 0.2669 0.5157 0.3536 -0.0494 0.0514  0.1367  113 DG  B OP1   
380 O OP2   . DG  B 3  ? 0.5893 0.2709 0.3293 -0.2062 -0.0812 0.0123  113 DG  B OP2   
381 O "O5'" . DG  B 3  ? 0.2093 0.2357 0.2656 0.0049  0.0267  0.0207  113 DG  B "O5'" 
382 C "C5'" . DG  B 3  ? 0.2418 0.2449 0.2730 0.0075  0.0716  -0.0150 113 DG  B "C5'" 
383 C "C4'" . DG  B 3  ? 0.2094 0.2201 0.2774 0.0116  0.0716  0.0529  113 DG  B "C4'" 
384 O "O4'" . DG  B 3  ? 0.1945 0.2367 0.3307 0.0267  0.0557  0.0568  113 DG  B "O4'" 
385 C "C3'" . DG  B 3  ? 0.2568 0.1657 0.2431 0.0088  0.0696  0.0183  113 DG  B "C3'" 
386 O "O3'" . DG  B 3  ? 0.2374 0.2276 0.2193 0.0267  0.0600  0.0189  113 DG  B "O3'" 
387 C "C2'" . DG  B 3  ? 0.2415 0.2062 0.2645 -0.0158 0.0206  0.0256  113 DG  B "C2'" 
388 C "C1'" . DG  B 3  ? 0.2060 0.2059 0.2458 0.0107  0.0514  0.0474  113 DG  B "C1'" 
389 N N9    . DG  B 3  ? 0.1939 0.2142 0.2599 0.0090  0.0410  0.0129  113 DG  B N9    
390 C C8    . DG  B 3  ? 0.1988 0.1772 0.2328 -0.0198 -0.0058 0.0276  113 DG  B C8    
391 N N7    . DG  B 3  ? 0.2159 0.1729 0.2762 -0.0115 0.0014  0.0383  113 DG  B N7    
392 C C5    . DG  B 3  ? 0.1944 0.1743 0.2219 -0.0107 0.0251  0.0002  113 DG  B C5    
393 C C6    . DG  B 3  ? 0.2404 0.1253 0.2227 0.0113  0.0114  0.0353  113 DG  B C6    
394 O O6    . DG  B 3  ? 0.2213 0.1596 0.2352 -0.0204 0.0036  0.0122  113 DG  B O6    
395 N N1    . DG  B 3  ? 0.1868 0.1538 0.1991 -0.0006 0.0062  0.0114  113 DG  B N1    
396 C C2    . DG  B 3  ? 0.1674 0.1732 0.2013 -0.0174 0.0508  0.0304  113 DG  B C2    
397 N N2    . DG  B 3  ? 0.1925 0.1759 0.2234 -0.0002 0.0362  -0.0064 113 DG  B N2    
398 N N3    . DG  B 3  ? 0.1602 0.2093 0.1936 -0.0021 0.0387  0.0052  113 DG  B N3    
399 C C4    . DG  B 3  ? 0.1975 0.1863 0.1848 0.0118  0.0368  0.0577  113 DG  B C4    
411 P P     . DT  B 4  ? 0.2443 0.2760 0.2326 0.0388  0.0626  0.0273  114 DT  B P     
412 O OP1   . DT  B 4  ? 0.2679 0.3026 0.2077 0.0331  0.0861  0.0235  114 DT  B OP1   
413 O OP2   . DT  B 4  ? 0.2741 0.2824 0.1998 -0.0223 0.0407  -0.0019 114 DT  B OP2   
414 O "O5'" . DT  B 4  ? 0.2465 0.2273 0.2165 0.0399  0.0486  -0.0010 114 DT  B "O5'" 
415 C "C5'" . DT  B 4  ? 0.2733 0.1745 0.2912 0.0304  0.0580  -0.0097 114 DT  B "C5'" 
416 C "C4'" . DT  B 4  ? 0.2820 0.2370 0.1661 0.0689  0.0200  -0.0252 114 DT  B "C4'" 
417 O "O4'" . DT  B 4  ? 0.2643 0.2196 0.2158 0.0340  0.0523  -0.0213 114 DT  B "O4'" 
418 C "C3'" . DT  B 4  ? 0.2663 0.2511 0.1739 0.0425  0.0406  -0.0273 114 DT  B "C3'" 
419 O "O3'" . DT  B 4  ? 0.3584 0.2710 0.1968 0.0675  0.0505  -0.0154 114 DT  B "O3'" 
420 C "C2'" . DT  B 4  ? 0.2504 0.2503 0.1582 0.0315  0.0145  0.0079  114 DT  B "C2'" 
421 C "C1'" . DT  B 4  ? 0.2288 0.2000 0.1814 0.0169  0.0434  -0.0110 114 DT  B "C1'" 
422 N N1    . DT  B 4  ? 0.2145 0.1863 0.1760 0.0275  0.0341  0.0080  114 DT  B N1    
423 C C2    . DT  B 4  ? 0.1853 0.1824 0.1869 0.0006  0.0122  0.0312  114 DT  B C2    
424 O O2    . DT  B 4  ? 0.2093 0.2288 0.1913 0.0159  0.0092  -0.0043 114 DT  B O2    
425 N N3    . DT  B 4  ? 0.2316 0.2010 0.1781 -0.0047 0.0256  0.0193  114 DT  B N3    
426 C C4    . DT  B 4  ? 0.2226 0.1681 0.1916 -0.0075 0.0335  0.0375  114 DT  B C4    
427 O O4    . DT  B 4  ? 0.2615 0.2047 0.1814 0.0275  0.0058  0.0124  114 DT  B O4    
428 C C5    . DT  B 4  ? 0.2214 0.1875 0.2021 0.0113  0.0559  0.0075  114 DT  B C5    
429 C C7    . DT  B 4  ? 0.1756 0.2600 0.2746 -0.0313 0.0440  -0.0417 114 DT  B C7    
430 C C6    . DT  B 4  ? 0.2314 0.1367 0.2201 0.0168  -0.0119 0.0146  114 DT  B C6    
443 P P     . DA  B 5  ? 0.4597 0.3225 0.2310 0.0880  0.1276  0.0389  115 DA  B P     
444 O OP1   . DA  B 5  ? 0.6122 0.4709 0.2168 0.0769  0.2102  0.0150  115 DA  B OP1   
445 O OP2   . DA  B 5  ? 0.3560 0.3623 0.3360 0.0161  0.1353  0.0959  115 DA  B OP2   
446 O "O5'" . DA  B 5  ? 0.3878 0.2579 0.2141 0.0521  0.0717  0.0373  115 DA  B "O5'" 
447 C "C5'" . DA  B 5  ? 0.4552 0.3068 0.1776 0.0409  0.0488  -0.0115 115 DA  B "C5'" 
448 C "C4'" . DA  B 5  ? 0.3224 0.1778 0.1743 0.0068  -0.0056 -0.0262 115 DA  B "C4'" 
449 O "O4'" . DA  B 5  ? 0.3297 0.1781 0.1992 0.0421  -0.0106 0.0020  115 DA  B "O4'" 
450 C "C3'" . DA  B 5  ? 0.3002 0.2484 0.1688 0.0034  -0.0143 0.0140  115 DA  B "C3'" 
451 O "O3'" . DA  B 5  ? 0.3649 0.2478 0.1831 0.0067  -0.0771 0.0103  115 DA  B "O3'" 
452 C "C2'" . DA  B 5  ? 0.2649 0.1672 0.2249 0.0231  -0.0566 -0.0026 115 DA  B "C2'" 
453 C "C1'" . DA  B 5  ? 0.2821 0.2284 0.2033 0.0312  -0.0005 -0.0128 115 DA  B "C1'" 
454 N N9    . DA  B 5  ? 0.2280 0.1945 0.1625 -0.0073 0.0066  -0.0158 115 DA  B N9    
455 C C8    . DA  B 5  ? 0.2653 0.1965 0.1655 0.0367  0.0098  0.0070  115 DA  B C8    
456 N N7    . DA  B 5  ? 0.2315 0.1851 0.1656 0.0252  0.0431  0.0178  115 DA  B N7    
457 C C5    . DA  B 5  ? 0.2206 0.1824 0.1452 0.0046  0.0176  0.0345  115 DA  B C5    
458 C C6    . DA  B 5  ? 0.1888 0.1837 0.1821 0.0269  0.0117  0.0121  115 DA  B C6    
459 N N6    . DA  B 5  ? 0.2153 0.2172 0.1479 0.0240  0.0248  0.0074  115 DA  B N6    
460 N N1    . DA  B 5  ? 0.2309 0.1933 0.1574 -0.0250 0.0050  0.0238  115 DA  B N1    
461 C C2    . DA  B 5  ? 0.2018 0.2108 0.1402 -0.0226 -0.0189 0.0256  115 DA  B C2    
462 N N3    . DA  B 5  ? 0.2231 0.1816 0.1672 0.0008  -0.0063 0.0204  115 DA  B N3    
463 C C4    . DA  B 5  ? 0.2076 0.1981 0.1669 0.0317  0.0236  0.0381  115 DA  B C4    
475 P P     . SMT B 6  ? 0.3628 0.2695 0.1503 -0.0221 -0.0203 0.0106  116 SMT B P     
476 O OP1   . SMT B 6  ? 0.3643 0.3158 0.1787 -0.0677 -0.0093 0.0133  116 SMT B OP1   
477 O OP2   . SMT B 6  ? 0.2796 0.3467 0.1860 0.0266  0.0057  0.0229  116 SMT B OP2   
478 O "O5'" . SMT B 6  ? 0.3089 0.2168 0.1681 -0.0193 -0.0233 0.0142  116 SMT B "O5'" 
479 C "C5'" . SMT B 6  ? 0.2961 0.2165 0.2073 -0.0186 -0.0402 0.0353  116 SMT B "C5'" 
480 C "C4'" . SMT B 6  ? 0.2585 0.2191 0.1560 -0.0174 -0.0537 0.0136  116 SMT B "C4'" 
481 O "O4'" . SMT B 6  ? 0.2691 0.1927 0.2104 -0.0168 -0.0553 0.0130  116 SMT B "O4'" 
482 C "C3'" . SMT B 6  ? 0.3155 0.1799 0.1827 0.0290  -0.0529 -0.0042 116 SMT B "C3'" 
483 O "O3'" . SMT B 6  ? 0.3781 0.2105 0.1811 -0.0249 -0.0545 0.0400  116 SMT B "O3'" 
484 C "C2'" . SMT B 6  ? 0.2460 0.1754 0.1948 0.0060  -0.0506 0.0412  116 SMT B "C2'" 
485 O "O2'" . SMT B 6  ? 0.2845 0.2245 0.2659 0.0016  -0.0469 -0.0047 116 SMT B "O2'" 
486 C "C1'" . SMT B 6  ? 0.2713 0.2196 0.1636 -0.0269 -0.0231 -0.0073 116 SMT B "C1'" 
487 N N1    . SMT B 6  ? 0.2524 0.1938 0.1493 0.0021  -0.0030 0.0136  116 SMT B N1    
488 C C2    . SMT B 6  ? 0.2463 0.1457 0.1695 0.0108  -0.0142 0.0042  116 SMT B C2    
489 O O2    . SMT B 6  ? 0.2712 0.1970 0.1702 -0.0093 -0.0047 0.0052  116 SMT B O2    
490 N N3    . SMT B 6  ? 0.2626 0.1410 0.1686 -0.0307 -0.0011 -0.0032 116 SMT B N3    
491 C C4    . SMT B 6  ? 0.2201 0.1929 0.1599 -0.0319 -0.0165 0.0062  116 SMT B C4    
492 O O4    . SMT B 6  ? 0.2391 0.2130 0.1560 -0.0201 -0.0057 -0.0025 116 SMT B O4    
493 C C5    . SMT B 6  ? 0.2423 0.2028 0.1350 -0.0058 -0.0069 0.0300  116 SMT B C5    
494 C C5A   . SMT B 6  ? 0.2806 0.2113 0.2047 0.0039  0.0304  0.0226  116 SMT B C5A   
495 C C6    . SMT B 6  ? 0.2861 0.1583 0.1507 -0.0026 -0.0340 0.0110  116 SMT B C6    
496 C "CA'" . SMT B 6  ? 0.2464 0.2496 0.3851 0.0418  -0.0049 -0.0742 116 SMT B "CA'" 
497 C CB    . SMT B 6  ? 0.3484 0.1713 0.4528 0.0643  -0.0680 -0.0124 116 SMT B CB    
498 S SC    . SMT B 6  ? 0.5887 0.3350 0.5996 0.1341  -0.1925 -0.0013 116 SMT B SC    
510 P P     . DA  B 7  ? 0.3896 0.2181 0.2109 -0.0412 -0.0406 0.0436  117 DA  B P     
511 O OP1   . DA  B 7  ? 0.3560 0.3693 0.2289 -0.1010 -0.1024 0.0922  117 DA  B OP1   
512 O OP2   . DA  B 7  ? 0.3645 0.2245 0.2304 -0.0314 -0.0380 0.0470  117 DA  B OP2   
513 O "O5'" . DA  B 7  ? 0.4076 0.2124 0.2325 -0.0111 -0.0631 0.0401  117 DA  B "O5'" 
514 C "C5'" . DA  B 7  ? 0.3364 0.2165 0.2828 0.0027  -0.0696 -0.0299 117 DA  B "C5'" 
515 C "C4'" . DA  B 7  ? 0.2998 0.2501 0.2158 0.0112  -0.0663 0.0483  117 DA  B "C4'" 
516 O "O4'" . DA  B 7  ? 0.2680 0.2092 0.2852 0.0048  -0.0697 0.0268  117 DA  B "O4'" 
517 C "C3'" . DA  B 7  ? 0.2897 0.2307 0.2373 -0.0031 -0.0563 0.0269  117 DA  B "C3'" 
518 O "O3'" . DA  B 7  ? 0.4082 0.2924 0.2403 -0.0562 -0.1128 0.0667  117 DA  B "O3'" 
519 C "C2'" . DA  B 7  ? 0.2868 0.1911 0.2329 0.0004  -0.0328 -0.0396 117 DA  B "C2'" 
520 C "C1'" . DA  B 7  ? 0.2819 0.2567 0.1954 -0.0102 -0.0856 0.0166  117 DA  B "C1'" 
521 N N9    . DA  B 7  ? 0.2558 0.2110 0.1860 -0.0313 -0.0335 0.0260  117 DA  B N9    
522 C C8    . DA  B 7  ? 0.2504 0.2204 0.1618 -0.0372 -0.0653 0.0082  117 DA  B C8    
523 N N7    . DA  B 7  ? 0.2457 0.2095 0.1763 -0.0368 -0.0169 -0.0045 117 DA  B N7    
524 C C5    . DA  B 7  ? 0.2172 0.1877 0.1559 -0.0300 -0.0271 0.0187  117 DA  B C5    
525 C C6    . DA  B 7  ? 0.1971 0.1810 0.1495 -0.0175 0.0230  0.0143  117 DA  B C6    
526 N N6    . DA  B 7  ? 0.2352 0.1552 0.1390 -0.0207 -0.0026 0.0038  117 DA  B N6    
527 N N1    . DA  B 7  ? 0.2116 0.1845 0.1342 -0.0132 -0.0044 0.0192  117 DA  B N1    
528 C C2    . DA  B 7  ? 0.2666 0.1931 0.1933 0.0229  -0.0282 -0.0005 117 DA  B C2    
529 N N3    . DA  B 7  ? 0.2284 0.1885 0.1752 -0.0039 -0.0179 -0.0026 117 DA  B N3    
530 C C4    . DA  B 7  ? 0.2399 0.1793 0.1577 -0.0154 -0.0210 0.0163  117 DA  B C4    
542 P P     . DC  B 8  ? 0.4684 0.2573 0.2318 -0.0865 -0.0734 0.0529  118 DC  B P     
543 O OP1   . DC  B 8  ? 0.5859 0.2740 0.2920 -0.1394 -0.1604 0.0936  118 DC  B OP1   
544 O OP2   . DC  B 8  ? 0.5800 0.2811 0.2254 -0.1187 0.0017  0.0192  118 DC  B OP2   
545 O "O5'" . DC  B 8  ? 0.3821 0.2392 0.2088 -0.0232 -0.0480 0.0527  118 DC  B "O5'" 
546 C "C5'" . DC  B 8  ? 0.3035 0.2641 0.2475 -0.0027 -0.0830 0.0268  118 DC  B "C5'" 
547 C "C4'" . DC  B 8  ? 0.2808 0.2181 0.2558 -0.0289 -0.0730 0.0422  118 DC  B "C4'" 
548 O "O4'" . DC  B 8  ? 0.2259 0.1979 0.2285 -0.0073 -0.0389 0.0294  118 DC  B "O4'" 
549 C "C3'" . DC  B 8  ? 0.2443 0.2700 0.1952 -0.0281 -0.0314 0.0387  118 DC  B "C3'" 
550 O "O3'" . DC  B 8  ? 0.3857 0.2718 0.3351 -0.1217 -0.0530 0.0805  118 DC  B "O3'" 
551 C "C2'" . DC  B 8  ? 0.2289 0.2133 0.2031 -0.0033 0.0265  0.0349  118 DC  B "C2'" 
552 C "C1'" . DC  B 8  ? 0.2334 0.2314 0.1928 0.0037  -0.0119 0.0112  118 DC  B "C1'" 
553 N N1    . DC  B 8  ? 0.1907 0.2436 0.1575 0.0179  0.0148  -0.0056 118 DC  B N1    
554 C C2    . DC  B 8  ? 0.1712 0.2046 0.2120 -0.0125 -0.0035 0.0107  118 DC  B C2    
555 O O2    . DC  B 8  ? 0.2085 0.2172 0.2101 -0.0173 -0.0185 -0.0281 118 DC  B O2    
556 N N3    . DC  B 8  ? 0.2216 0.1774 0.1394 -0.0060 -0.0114 0.0241  118 DC  B N3    
557 C C4    . DC  B 8  ? 0.2426 0.2234 0.1576 -0.0326 -0.0082 0.0274  118 DC  B C4    
558 N N4    . DC  B 8  ? 0.2465 0.2055 0.1738 -0.0348 -0.0001 -0.0215 118 DC  B N4    
559 C C5    . DC  B 8  ? 0.2628 0.2502 0.1888 -0.0285 -0.0471 -0.0358 118 DC  B C5    
560 C C6    . DC  B 8  ? 0.2489 0.2392 0.1891 -0.0355 -0.0052 0.0036  118 DC  B C6    
572 P P     . DG  B 9  ? 0.3842 0.4528 0.2809 -0.1826 -0.1020 0.1380  119 DG  B P     
573 O OP1   . DG  B 9  ? 0.5721 0.5514 0.3915 -0.2832 -0.1861 0.3309  119 DG  B OP1   
574 O OP2   . DG  B 9  ? 0.3734 0.8324 0.2325 -0.3053 -0.0345 0.0200  119 DG  B OP2   
575 O "O5'" . DG  B 9  ? 0.4507 0.4724 0.2431 -0.1848 -0.1076 0.1902  119 DG  B "O5'" 
576 C "C5'" . DG  B 9  ? 0.3452 0.3262 0.3906 -0.0208 -0.1358 0.0835  119 DG  B "C5'" 
577 C "C4'" . DG  B 9  ? 0.2481 0.2182 0.2489 -0.0530 -0.0069 0.0696  119 DG  B "C4'" 
578 O "O4'" . DG  B 9  ? 0.1920 0.1864 0.2378 0.0140  0.0168  0.0172  119 DG  B "O4'" 
579 C "C3'" . DG  B 9  ? 0.2650 0.1316 0.1871 0.0004  0.0205  0.0235  119 DG  B "C3'" 
580 O "O3'" . DG  B 9  ? 0.1997 0.1740 0.2299 0.0031  0.0498  0.0130  119 DG  B "O3'" 
581 C "C2'" . DG  B 9  ? 0.1560 0.2046 0.2170 -0.0704 0.0302  -0.0168 119 DG  B "C2'" 
582 C "C1'" . DG  B 9  ? 0.2295 0.1687 0.1744 0.0093  -0.0105 0.0017  119 DG  B "C1'" 
583 N N9    . DG  B 9  ? 0.1934 0.1457 0.1452 0.0104  0.0057  -0.0050 119 DG  B N9    
584 C C8    . DG  B 9  ? 0.2057 0.1646 0.1631 -0.0104 0.0049  0.0166  119 DG  B C8    
585 N N7    . DG  B 9  ? 0.2255 0.1834 0.1585 -0.0241 0.0235  -0.0083 119 DG  B N7    
586 C C5    . DG  B 9  ? 0.2111 0.1700 0.1696 -0.0100 0.0180  -0.0006 119 DG  B C5    
587 C C6    . DG  B 9  ? 0.1870 0.1673 0.1503 -0.0321 0.0036  0.0164  119 DG  B C6    
588 O O6    . DG  B 9  ? 0.2201 0.1707 0.1809 -0.0155 0.0060  -0.0048 119 DG  B O6    
589 N N1    . DG  B 9  ? 0.2167 0.1498 0.1511 -0.0183 0.0179  0.0013  119 DG  B N1    
590 C C2    . DG  B 9  ? 0.1771 0.1382 0.1555 -0.0170 0.0460  0.0094  119 DG  B C2    
591 N N2    . DG  B 9  ? 0.1796 0.1519 0.1987 -0.0097 -0.0220 0.0122  119 DG  B N2    
592 N N3    . DG  B 9  ? 0.1962 0.1347 0.1688 0.0205  0.0228  0.0027  119 DG  B N3    
593 C C4    . DG  B 9  ? 0.1907 0.1422 0.1571 0.0033  0.0150  0.0297  119 DG  B C4    
605 P P     . DC  B 10 ? 0.2384 0.1866 0.2345 0.0179  0.0260  0.0158  120 DC  B P     
606 O OP1   . DC  B 10 ? 0.3140 0.1508 0.3834 -0.0049 0.0109  0.0259  120 DC  B OP1   
607 O OP2   . DC  B 10 ? 0.2459 0.2540 0.2343 0.0062  0.0282  0.0738  120 DC  B OP2   
608 O "O5'" . DC  B 10 ? 0.2266 0.1595 0.2519 0.0175  0.0378  0.0132  120 DC  B "O5'" 
609 C "C5'" . DC  B 10 ? 0.1888 0.1997 0.2038 -0.0241 0.0076  -0.0235 120 DC  B "C5'" 
610 C "C4'" . DC  B 10 ? 0.2131 0.1621 0.1950 -0.0012 0.0147  -0.0344 120 DC  B "C4'" 
611 O "O4'" . DC  B 10 ? 0.2108 0.1777 0.1856 -0.0089 0.0177  -0.0239 120 DC  B "O4'" 
612 C "C3'" . DC  B 10 ? 0.2350 0.1774 0.1911 -0.0687 0.0412  -0.0008 120 DC  B "C3'" 
613 O "O3'" . DC  B 10 ? 0.2455 0.2520 0.2494 -0.0460 0.0528  -0.0745 120 DC  B "O3'" 
614 C "C2'" . DC  B 10 ? 0.1880 0.1828 0.1610 -0.0223 0.0054  0.0201  120 DC  B "C2'" 
615 C "C1'" . DC  B 10 ? 0.2061 0.1548 0.1572 -0.0199 0.0084  -0.0110 120 DC  B "C1'" 
616 N N1    . DC  B 10 ? 0.1997 0.1668 0.1756 0.0026  0.0218  0.0023  120 DC  B N1    
617 C C2    . DC  B 10 ? 0.1838 0.1395 0.1947 -0.0098 0.0442  0.0131  120 DC  B C2    
618 O O2    . DC  B 10 ? 0.2027 0.1481 0.1831 0.0068  0.0059  -0.0088 120 DC  B O2    
619 N N3    . DC  B 10 ? 0.1987 0.1856 0.1786 -0.0129 -0.0074 -0.0111 120 DC  B N3    
620 C C4    . DC  B 10 ? 0.1873 0.2258 0.1899 -0.0519 0.0421  -0.0392 120 DC  B C4    
621 N N4    . DC  B 10 ? 0.2175 0.2114 0.1647 -0.0080 0.0231  -0.0186 120 DC  B N4    
622 C C5    . DC  B 10 ? 0.2137 0.1933 0.1466 -0.0019 0.0287  -0.0157 120 DC  B C5    
623 C C6    . DC  B 10 ? 0.2015 0.1678 0.1635 0.0054  0.0200  -0.0086 120 DC  B C6    
636 O O     . HOH C .  ? 0.2298 0.1853 0.3090 -0.0147 -0.0381 0.0143  701 HOH A O     
637 O O     . HOH C .  ? 0.2231 0.2353 0.2391 0.0086  -0.0185 0.0473  702 HOH A O     
638 O O     . HOH C .  ? 0.2046 0.3605 0.2629 0.0256  0.0169  -0.0267 704 HOH A O     
639 O O     . HOH C .  ? 0.3696 0.3042 0.2396 0.0010  -0.0315 0.0218  705 HOH A O     
640 O O     . HOH C .  ? 0.3441 0.2245 0.2971 -0.0120 -0.0671 0.0050  707 HOH A O     
641 O O     . HOH C .  ? 0.2837 0.2959 0.2326 0.0238  -0.0253 -0.0184 708 HOH A O     
642 O O     . HOH C .  ? 0.2571 0.2969 0.3220 0.0176  0.0045  0.0100  709 HOH A O     
643 O O     . HOH C .  ? 0.4930 0.3282 0.3202 -0.1389 0.1593  -0.0275 710 HOH A O     
720 O O     . HOH D .  ? 0.2237 0.2558 0.1884 0.0216  -0.0010 0.0249  700 HOH B O     
721 O O     . HOH D .  ? 0.2861 0.3263 0.2308 -0.0323 0.0075  0.0553  703 HOH B O     
722 O O     . HOH D .  ? 0.4141 0.3040 0.2177 -0.0739 -0.0204 0.0147  706 HOH B O     
# 
